data_8RFH
#
_entry.id   8RFH
#
_cell.length_a   1.00
_cell.length_b   1.00
_cell.length_c   1.00
_cell.angle_alpha   90.00
_cell.angle_beta   90.00
_cell.angle_gamma   90.00
#
_symmetry.space_group_name_H-M   'P 1'
#
loop_
_entity.id
_entity.type
_entity.pdbx_description
1 polymer NRC2a
2 non-polymer "ADENOSINE-5'-DIPHOSPHATE"
#
_entity_poly.entity_id   1
_entity_poly.type   'polypeptide(L)'
_entity_poly.pdbx_seq_one_letter_code
;MANVAVEFLVQNLMQLLRDNAELIVGVKDSAESLLQDLNDFNAFLKQTAKSRTENDVHKELVKKIKTVVNSAEDAIDKFV
IEAKLHKDKGVGRFVDVKHYKRVYDVAGEIKTIRDKVKEIRLNNALDLQALQDEDQSAKGVQERKPPVVEEDDVVGFEEE
ADKVINRLLGGSSGLEVVPVVGMPGLGKTTLANKIYKHPDIGYQFFTRIWVYVSQSYRRRELFLNIISKFTRNTKQYHDM
CEEDLADEIEDFLGKGGKYLIVLDDVWSPDAWERIRIAFPNNNKSNRILLTTRDSKVAKQCKQCIGIPHDLKFLTEDESW
ILLEKKVFHKDKCPPELELSGKSIAKKCNGLPLAIVVIAGALIGKGKTSREWKQVDESVGEHLINKDQPENCNKLVQLSY
DRLSYDLKACFLYCGAFPGGFEIPAWKLIRLWIAEGFIQYKGHLSLECKAEDNLNDLINRNLVMVMQRTSDGQIKTCRLH
DMLHEFCRQEAMKEENLFQEIKLGAEQYFPGKRELATYRRLCIHSSVLEFISTKPSGEHVRSFLSFSLKKIEMPSVDIPT
IPKGFPLLRVFDVESINFSRFSKEFFQLYHLRYIAFSSDTIKIIPKHIGELWNIQTLIINTQQRSLDIQANIWNMERLRH
LHTNSSAKLPVPVTPRSSKVPLVNQSLQTLSTIAPESCTEEVFARTPNLKKLGIRGKIAVLLEPNKSLLKNVKKLESLEN
LKLINDSSQTGKGLRLPPSYIFPTKLRKLSLVDTWLEWNDMSILGQMEHLEVLKLKENGFMGECWESVGGFCSLLVLWIE
RTDLVSWKASADHFPRLKHLVLICCDKLKEIPIGLADIRSFQVMELQNSTKTAAISARGIRDKKDKQTQEGTNNNGFKLS
IFPPDLGSGSGRGSHHHHHHDYDIPTTASENLYFQGELDYKDHDGDYKDHDIDYKDDDDK
;
_entity_poly.pdbx_strand_id   A,B
#
# COMPACT_ATOMS: atom_id res chain seq x y z
N ASP A 152 20.98 -30.03 28.70
CA ASP A 152 19.93 -30.61 29.51
C ASP A 152 19.44 -29.61 30.56
N ASP A 153 19.21 -28.38 30.14
CA ASP A 153 18.73 -27.33 31.03
C ASP A 153 17.21 -27.33 31.14
N VAL A 154 16.66 -28.49 31.48
CA VAL A 154 15.22 -28.66 31.70
C VAL A 154 15.05 -29.37 33.04
N VAL A 155 14.37 -28.73 33.98
CA VAL A 155 14.25 -29.25 35.34
C VAL A 155 12.77 -29.46 35.65
N GLY A 156 12.41 -30.68 36.04
CA GLY A 156 11.07 -30.96 36.52
C GLY A 156 10.03 -31.18 35.45
N PHE A 157 10.40 -31.07 34.17
CA PHE A 157 9.46 -31.27 33.08
C PHE A 157 9.49 -32.69 32.54
N GLU A 158 10.28 -33.58 33.14
CA GLU A 158 10.43 -34.94 32.60
C GLU A 158 9.10 -35.69 32.65
N GLU A 159 8.37 -35.60 33.75
CA GLU A 159 7.09 -36.30 33.85
C GLU A 159 6.07 -35.71 32.88
N GLU A 160 5.99 -34.38 32.80
CA GLU A 160 5.05 -33.75 31.88
C GLU A 160 5.39 -34.09 30.44
N ALA A 161 6.68 -34.02 30.09
CA ALA A 161 7.10 -34.36 28.73
C ALA A 161 6.80 -35.83 28.42
N ASP A 162 7.04 -36.71 29.38
CA ASP A 162 6.76 -38.13 29.16
C ASP A 162 5.28 -38.37 28.93
N LYS A 163 4.42 -37.74 29.72
CA LYS A 163 2.99 -37.93 29.54
C LYS A 163 2.49 -37.32 28.24
N VAL A 164 3.07 -36.18 27.84
CA VAL A 164 2.71 -35.58 26.55
C VAL A 164 3.12 -36.51 25.41
N ILE A 165 4.33 -37.07 25.49
CA ILE A 165 4.79 -38.00 24.46
C ILE A 165 3.90 -39.22 24.41
N ASN A 166 3.48 -39.72 25.57
CA ASN A 166 2.55 -40.84 25.61
C ASN A 166 1.24 -40.49 24.93
N ARG A 167 0.75 -39.27 25.13
CA ARG A 167 -0.45 -38.82 24.43
C ARG A 167 -0.22 -38.80 22.92
N LEU A 168 0.94 -38.28 22.48
CA LEU A 168 1.20 -38.16 21.06
C LEU A 168 1.27 -39.52 20.39
N LEU A 169 2.08 -40.42 20.93
CA LEU A 169 2.26 -41.73 20.29
C LEU A 169 0.98 -42.56 20.33
N GLY A 170 0.18 -42.41 21.38
CA GLY A 170 -1.10 -43.08 21.49
C GLY A 170 -2.22 -42.24 20.93
N GLY A 171 -3.42 -42.48 21.46
CA GLY A 171 -4.59 -41.73 21.02
C GLY A 171 -5.14 -42.22 19.69
N SER A 172 -5.85 -41.32 19.02
CA SER A 172 -6.49 -41.64 17.76
C SER A 172 -5.45 -41.89 16.68
N SER A 173 -5.82 -42.75 15.72
CA SER A 173 -4.93 -43.09 14.62
C SER A 173 -5.00 -42.09 13.47
N GLY A 174 -5.87 -41.08 13.55
CA GLY A 174 -5.94 -40.06 12.52
C GLY A 174 -5.30 -38.75 12.96
N LEU A 175 -5.80 -37.64 12.43
CA LEU A 175 -5.30 -36.34 12.85
C LEU A 175 -5.64 -36.09 14.32
N GLU A 176 -4.66 -35.57 15.06
CA GLU A 176 -4.85 -35.32 16.48
C GLU A 176 -4.04 -34.09 16.87
N VAL A 177 -4.67 -33.18 17.61
CA VAL A 177 -4.05 -31.93 18.04
C VAL A 177 -4.03 -31.92 19.55
N VAL A 178 -2.85 -31.73 20.14
CA VAL A 178 -2.71 -31.56 21.58
C VAL A 178 -2.46 -30.08 21.86
N PRO A 179 -3.33 -29.43 22.63
CA PRO A 179 -3.07 -28.04 23.03
C PRO A 179 -2.39 -27.94 24.38
N VAL A 180 -1.45 -27.02 24.51
CA VAL A 180 -0.77 -26.74 25.76
C VAL A 180 -1.12 -25.31 26.14
N VAL A 181 -1.86 -25.16 27.24
CA VAL A 181 -2.30 -23.86 27.72
C VAL A 181 -1.54 -23.54 28.99
N GLY A 182 -1.31 -22.24 29.22
CA GLY A 182 -0.59 -21.83 30.41
C GLY A 182 -0.34 -20.34 30.39
N MET A 183 -0.08 -19.81 31.58
CA MET A 183 0.25 -18.41 31.74
C MET A 183 1.63 -18.15 31.12
N PRO A 184 1.78 -17.09 30.33
CA PRO A 184 3.02 -16.89 29.57
C PRO A 184 4.26 -16.91 30.45
N GLY A 185 5.33 -17.52 29.93
CA GLY A 185 6.56 -17.68 30.66
C GLY A 185 6.64 -18.90 31.54
N LEU A 186 5.57 -19.69 31.63
CA LEU A 186 5.55 -20.87 32.47
C LEU A 186 6.35 -22.03 31.89
N GLY A 187 6.64 -22.01 30.59
CA GLY A 187 7.46 -23.04 30.00
C GLY A 187 6.81 -23.79 28.86
N LYS A 188 5.78 -23.20 28.25
CA LYS A 188 5.09 -23.86 27.15
C LYS A 188 6.02 -24.05 25.95
N THR A 189 6.66 -22.98 25.50
CA THR A 189 7.57 -23.09 24.37
C THR A 189 8.82 -23.88 24.73
N THR A 190 9.29 -23.74 25.98
CA THR A 190 10.44 -24.52 26.41
C THR A 190 10.12 -26.01 26.42
N LEU A 191 8.95 -26.38 26.93
CA LEU A 191 8.53 -27.78 26.89
C LEU A 191 8.36 -28.26 25.46
N ALA A 192 7.82 -27.41 24.59
CA ALA A 192 7.69 -27.78 23.19
C ALA A 192 9.05 -28.02 22.55
N ASN A 193 10.04 -27.19 22.87
CA ASN A 193 11.38 -27.38 22.35
C ASN A 193 11.99 -28.68 22.88
N LYS A 194 11.78 -28.98 24.16
CA LYS A 194 12.28 -30.24 24.71
C LYS A 194 11.64 -31.43 24.00
N ILE A 195 10.33 -31.35 23.74
CA ILE A 195 9.65 -32.41 23.01
C ILE A 195 10.20 -32.53 21.59
N TYR A 196 10.51 -31.40 20.98
CA TYR A 196 11.02 -31.40 19.61
C TYR A 196 12.38 -32.10 19.53
N LYS A 197 13.23 -31.88 20.52
CA LYS A 197 14.58 -32.43 20.51
C LYS A 197 14.70 -33.79 21.18
N HIS A 198 13.59 -34.31 21.72
CA HIS A 198 13.65 -35.62 22.37
C HIS A 198 13.93 -36.71 21.34
N PRO A 199 14.81 -37.67 21.67
CA PRO A 199 15.21 -38.66 20.64
C PRO A 199 14.10 -39.62 20.24
N ASP A 200 13.28 -40.06 21.20
CA ASP A 200 12.28 -41.09 20.88
C ASP A 200 11.25 -40.59 19.89
N ILE A 201 10.71 -39.39 20.14
CA ILE A 201 9.71 -38.83 19.23
C ILE A 201 10.31 -38.53 17.87
N GLY A 202 11.53 -37.99 17.85
CA GLY A 202 12.18 -37.72 16.57
C GLY A 202 12.43 -38.98 15.76
N TYR A 203 12.79 -40.08 16.43
CA TYR A 203 12.93 -41.35 15.74
C TYR A 203 11.58 -41.86 15.26
N GLN A 204 10.53 -41.68 16.06
CA GLN A 204 9.21 -42.17 15.68
C GLN A 204 8.58 -41.31 14.59
N PHE A 205 8.83 -40.01 14.59
CA PHE A 205 8.22 -39.10 13.63
C PHE A 205 9.14 -38.90 12.43
N PHE A 206 8.59 -39.07 11.23
CA PHE A 206 9.39 -38.95 10.02
C PHE A 206 9.73 -37.50 9.72
N THR A 207 8.77 -36.59 9.93
CA THR A 207 8.94 -35.18 9.59
C THR A 207 8.65 -34.31 10.81
N ARG A 208 9.55 -33.37 11.10
CA ARG A 208 9.44 -32.50 12.27
C ARG A 208 9.62 -31.06 11.82
N ILE A 209 8.53 -30.29 11.82
CA ILE A 209 8.53 -28.89 11.40
C ILE A 209 8.29 -28.02 12.63
N TRP A 210 9.08 -26.96 12.77
CA TRP A 210 8.87 -25.93 13.78
C TRP A 210 8.27 -24.70 13.11
N VAL A 211 7.15 -24.22 13.64
CA VAL A 211 6.41 -23.10 13.07
C VAL A 211 6.21 -22.06 14.16
N TYR A 212 6.52 -20.80 13.85
CA TYR A 212 6.29 -19.68 14.75
C TYR A 212 5.13 -18.85 14.22
N VAL A 213 4.13 -18.62 15.07
CA VAL A 213 2.91 -17.94 14.64
C VAL A 213 2.89 -16.51 15.17
N SER A 214 2.95 -16.37 16.50
CA SER A 214 2.86 -15.07 17.17
C SER A 214 1.51 -14.39 16.92
N GLN A 215 1.32 -13.23 17.52
CA GLN A 215 0.05 -12.52 17.37
C GLN A 215 -0.09 -11.92 15.98
N SER A 216 0.98 -11.28 15.49
CA SER A 216 0.95 -10.61 14.17
C SER A 216 1.39 -11.58 13.08
N TYR A 217 0.66 -12.67 12.95
CA TYR A 217 0.97 -13.69 11.96
C TYR A 217 0.42 -13.29 10.60
N ARG A 218 1.19 -13.61 9.56
CA ARG A 218 0.78 -13.41 8.18
C ARG A 218 0.71 -14.77 7.50
N ARG A 219 -0.47 -15.14 7.01
CA ARG A 219 -0.66 -16.49 6.47
C ARG A 219 0.21 -16.72 5.25
N ARG A 220 0.32 -15.73 4.37
CA ARG A 220 1.19 -15.87 3.20
C ARG A 220 2.65 -16.00 3.63
N GLU A 221 3.08 -15.17 4.57
CA GLU A 221 4.46 -15.27 5.06
C GLU A 221 4.71 -16.61 5.72
N LEU A 222 3.75 -17.09 6.51
CA LEU A 222 3.90 -18.38 7.16
C LEU A 222 4.00 -19.51 6.15
N PHE A 223 3.15 -19.47 5.12
CA PHE A 223 3.21 -20.50 4.08
C PHE A 223 4.53 -20.46 3.33
N LEU A 224 5.04 -19.27 3.06
CA LEU A 224 6.37 -19.15 2.47
C LEU A 224 7.42 -19.77 3.38
N ASN A 225 7.30 -19.54 4.69
CA ASN A 225 8.27 -20.11 5.63
C ASN A 225 8.24 -21.63 5.60
N ILE A 226 7.04 -22.22 5.60
CA ILE A 226 6.96 -23.69 5.54
C ILE A 226 7.50 -24.20 4.21
N ILE A 227 7.18 -23.52 3.11
CA ILE A 227 7.64 -23.99 1.80
C ILE A 227 9.16 -23.92 1.71
N SER A 228 9.76 -22.90 2.33
CA SER A 228 11.22 -22.77 2.31
C SER A 228 11.92 -23.94 2.98
N LYS A 229 11.21 -24.70 3.82
CA LYS A 229 11.82 -25.85 4.50
C LYS A 229 11.83 -27.11 3.64
N PHE A 230 11.24 -27.07 2.45
CA PHE A 230 11.17 -28.24 1.57
C PHE A 230 11.97 -28.09 0.30
N THR A 231 11.73 -27.03 -0.48
CA THR A 231 12.37 -26.83 -1.76
C THR A 231 13.19 -25.54 -1.74
N ARG A 232 14.46 -25.64 -2.12
CA ARG A 232 15.31 -24.46 -2.18
C ARG A 232 14.88 -23.52 -3.30
N ASN A 233 14.41 -24.08 -4.42
CA ASN A 233 13.99 -23.29 -5.57
C ASN A 233 12.63 -22.68 -5.26
N THR A 234 12.67 -21.50 -4.62
CA THR A 234 11.46 -20.83 -4.15
C THR A 234 10.94 -19.78 -5.13
N LYS A 235 11.57 -19.63 -6.30
CA LYS A 235 11.12 -18.62 -7.25
C LYS A 235 9.75 -18.95 -7.82
N GLN A 236 9.43 -20.24 -7.96
CA GLN A 236 8.14 -20.64 -8.53
C GLN A 236 6.99 -20.47 -7.54
N TYR A 237 7.28 -20.39 -6.25
CA TYR A 237 6.23 -20.31 -5.24
C TYR A 237 5.88 -18.88 -4.85
N HIS A 238 6.57 -17.88 -5.40
CA HIS A 238 6.31 -16.50 -5.03
C HIS A 238 5.02 -15.96 -5.65
N ASP A 239 4.53 -16.56 -6.72
CA ASP A 239 3.39 -16.05 -7.46
C ASP A 239 2.07 -16.71 -7.09
N MET A 240 2.11 -17.97 -6.66
CA MET A 240 0.88 -18.71 -6.41
C MET A 240 0.15 -18.16 -5.18
N CYS A 241 -1.18 -18.22 -5.23
CA CYS A 241 -2.02 -17.71 -4.16
C CYS A 241 -1.96 -18.65 -2.95
N GLU A 242 -2.52 -18.17 -1.83
CA GLU A 242 -2.27 -18.78 -0.53
C GLU A 242 -2.72 -20.24 -0.49
N GLU A 243 -3.92 -20.53 -1.01
CA GLU A 243 -4.38 -21.90 -1.02
C GLU A 243 -3.52 -22.80 -1.91
N ASP A 244 -2.84 -22.21 -2.89
CA ASP A 244 -1.94 -23.01 -3.72
C ASP A 244 -0.74 -23.51 -2.91
N LEU A 245 -0.11 -22.64 -2.11
CA LEU A 245 0.92 -23.13 -1.22
C LEU A 245 0.36 -24.03 -0.13
N ALA A 246 -0.90 -23.83 0.26
CA ALA A 246 -1.53 -24.76 1.20
C ALA A 246 -1.58 -26.16 0.60
N ASP A 247 -1.99 -26.26 -0.67
CA ASP A 247 -2.02 -27.56 -1.34
C ASP A 247 -0.61 -28.11 -1.55
N GLU A 248 0.34 -27.24 -1.82
CA GLU A 248 1.74 -27.67 -1.97
C GLU A 248 2.25 -28.29 -0.67
N ILE A 249 1.96 -27.65 0.46
CA ILE A 249 2.33 -28.21 1.76
C ILE A 249 1.59 -29.53 1.98
N GLU A 250 0.32 -29.58 1.60
CA GLU A 250 -0.46 -30.80 1.75
C GLU A 250 0.22 -31.97 1.04
N ASP A 251 0.61 -31.76 -0.23
CA ASP A 251 1.24 -32.87 -0.96
C ASP A 251 2.66 -33.14 -0.46
N PHE A 252 3.37 -32.12 0.00
CA PHE A 252 4.72 -32.34 0.54
C PHE A 252 4.69 -33.23 1.77
N LEU A 253 3.75 -32.97 2.69
CA LEU A 253 3.59 -33.87 3.83
C LEU A 253 2.91 -35.18 3.45
N GLY A 254 2.15 -35.20 2.37
CA GLY A 254 1.60 -36.46 1.89
C GLY A 254 2.66 -37.40 1.38
N LYS A 255 3.69 -36.86 0.72
CA LYS A 255 4.79 -37.69 0.24
C LYS A 255 5.56 -38.33 1.38
N GLY A 256 5.63 -37.65 2.53
CA GLY A 256 6.31 -38.18 3.68
C GLY A 256 5.42 -39.11 4.49
N GLY A 257 5.95 -39.52 5.63
CA GLY A 257 5.26 -40.42 6.55
C GLY A 257 4.61 -39.69 7.70
N LYS A 258 4.58 -40.37 8.86
CA LYS A 258 4.03 -39.77 10.06
C LYS A 258 4.77 -38.50 10.43
N TYR A 259 4.03 -37.43 10.72
CA TYR A 259 4.63 -36.12 10.95
C TYR A 259 3.90 -35.38 12.05
N LEU A 260 4.61 -34.41 12.63
CA LEU A 260 4.07 -33.53 13.65
C LEU A 260 4.36 -32.08 13.27
N ILE A 261 3.43 -31.20 13.57
CA ILE A 261 3.56 -29.78 13.28
C ILE A 261 3.45 -29.01 14.59
N VAL A 262 4.44 -28.17 14.87
CA VAL A 262 4.50 -27.42 16.12
C VAL A 262 4.11 -25.97 15.84
N LEU A 263 3.01 -25.53 16.46
CA LEU A 263 2.52 -24.16 16.31
C LEU A 263 2.63 -23.45 17.64
N ASP A 264 3.59 -22.52 17.73
CA ASP A 264 3.84 -21.78 18.96
C ASP A 264 3.10 -20.45 18.96
N ASP A 265 2.56 -20.09 20.12
CA ASP A 265 1.99 -18.76 20.37
C ASP A 265 0.85 -18.44 19.40
N VAL A 266 -0.22 -19.22 19.50
CA VAL A 266 -1.45 -18.95 18.78
C VAL A 266 -2.40 -18.21 19.71
N TRP A 267 -2.89 -17.05 19.26
CA TRP A 267 -3.65 -16.17 20.12
C TRP A 267 -5.15 -16.22 19.90
N SER A 268 -5.62 -16.49 18.69
CA SER A 268 -7.04 -16.47 18.41
C SER A 268 -7.48 -17.74 17.69
N PRO A 269 -8.68 -18.23 17.95
CA PRO A 269 -9.15 -19.46 17.29
C PRO A 269 -9.29 -19.32 15.78
N ASP A 270 -9.63 -18.12 15.28
CA ASP A 270 -9.80 -17.95 13.84
C ASP A 270 -8.48 -18.18 13.11
N ALA A 271 -7.37 -17.79 13.72
CA ALA A 271 -6.07 -18.08 13.12
C ALA A 271 -5.84 -19.58 13.01
N TRP A 272 -6.18 -20.33 14.06
CA TRP A 272 -6.08 -21.78 14.00
C TRP A 272 -6.96 -22.37 12.90
N GLU A 273 -8.18 -21.86 12.77
CA GLU A 273 -9.07 -22.33 11.72
C GLU A 273 -8.50 -22.04 10.34
N ARG A 274 -7.90 -20.86 10.16
CA ARG A 274 -7.38 -20.49 8.85
C ARG A 274 -6.11 -21.26 8.51
N ILE A 275 -5.32 -21.65 9.51
CA ILE A 275 -4.11 -22.41 9.24
C ILE A 275 -4.36 -23.92 9.16
N ARG A 276 -5.43 -24.43 9.79
CA ARG A 276 -5.69 -25.86 9.79
C ARG A 276 -6.00 -26.41 8.40
N ILE A 277 -6.45 -25.56 7.47
CA ILE A 277 -6.82 -26.03 6.15
C ILE A 277 -5.63 -26.58 5.38
N ALA A 278 -4.41 -26.26 5.78
CA ALA A 278 -3.21 -26.73 5.09
C ALA A 278 -2.75 -28.10 5.56
N PHE A 279 -3.44 -28.72 6.51
CA PHE A 279 -3.02 -30.01 7.06
C PHE A 279 -4.05 -31.08 6.71
N PRO A 280 -3.78 -31.94 5.73
CA PRO A 280 -4.77 -32.93 5.32
C PRO A 280 -4.87 -34.07 6.33
N ASN A 281 -5.98 -34.80 6.23
CA ASN A 281 -6.26 -35.95 7.08
C ASN A 281 -6.02 -37.21 6.24
N ASN A 282 -4.80 -37.74 6.34
CA ASN A 282 -4.41 -38.92 5.58
C ASN A 282 -4.44 -40.20 6.42
N ASN A 283 -5.01 -40.14 7.62
CA ASN A 283 -5.09 -41.29 8.51
C ASN A 283 -3.71 -41.88 8.82
N LYS A 284 -2.70 -41.02 8.96
CA LYS A 284 -1.34 -41.44 9.24
C LYS A 284 -0.89 -41.06 10.65
N SER A 285 -1.85 -40.82 11.56
CA SER A 285 -1.57 -40.48 12.95
C SER A 285 -0.70 -39.22 13.06
N ASN A 286 -0.92 -38.27 12.15
CA ASN A 286 -0.20 -37.01 12.19
C ASN A 286 -0.62 -36.22 13.42
N ARG A 287 0.33 -35.50 14.02
CA ARG A 287 0.09 -34.83 15.29
C ARG A 287 0.36 -33.34 15.16
N ILE A 288 -0.37 -32.55 15.95
CA ILE A 288 -0.23 -31.10 15.95
C ILE A 288 -0.01 -30.64 17.38
N LEU A 289 1.20 -30.19 17.68
CA LEU A 289 1.56 -29.63 18.98
C LEU A 289 1.21 -28.15 18.95
N LEU A 290 0.03 -27.80 19.45
CA LEU A 290 -0.42 -26.41 19.46
C LEU A 290 -0.19 -25.83 20.85
N THR A 291 0.37 -24.63 20.91
CA THR A 291 0.54 -23.92 22.17
C THR A 291 -0.35 -22.69 22.17
N THR A 292 -1.09 -22.50 23.26
CA THR A 292 -2.10 -21.44 23.33
C THR A 292 -2.11 -20.84 24.73
N ARG A 293 -2.60 -19.61 24.82
CA ARG A 293 -2.80 -18.93 26.09
C ARG A 293 -4.23 -19.02 26.59
N ASP A 294 -5.18 -19.44 25.76
CA ASP A 294 -6.59 -19.49 26.12
C ASP A 294 -7.16 -20.86 25.77
N SER A 295 -7.87 -21.46 26.73
CA SER A 295 -8.45 -22.78 26.51
C SER A 295 -9.61 -22.76 25.53
N LYS A 296 -10.25 -21.60 25.35
CA LYS A 296 -11.38 -21.52 24.42
C LYS A 296 -10.96 -21.80 22.99
N VAL A 297 -9.69 -21.52 22.66
CA VAL A 297 -9.20 -21.81 21.31
C VAL A 297 -9.28 -23.31 21.02
N ALA A 298 -8.85 -24.13 21.99
CA ALA A 298 -8.95 -25.58 21.81
C ALA A 298 -10.38 -26.06 21.97
N LYS A 299 -11.15 -25.44 22.88
CA LYS A 299 -12.51 -25.91 23.14
C LYS A 299 -13.42 -25.68 21.94
N GLN A 300 -13.27 -24.55 21.25
CA GLN A 300 -14.16 -24.23 20.14
C GLN A 300 -14.00 -25.17 18.96
N CYS A 301 -12.86 -25.84 18.84
CA CYS A 301 -12.61 -26.72 17.71
C CYS A 301 -13.29 -28.06 17.94
N LYS A 302 -14.20 -28.43 17.03
CA LYS A 302 -14.86 -29.73 17.13
C LYS A 302 -13.88 -30.87 16.89
N GLN A 303 -12.94 -30.70 15.96
CA GLN A 303 -11.96 -31.73 15.65
C GLN A 303 -10.93 -31.93 16.75
N CYS A 304 -10.87 -31.04 17.73
CA CYS A 304 -9.92 -31.17 18.85
C CYS A 304 -10.48 -32.23 19.81
N ILE A 305 -10.33 -33.49 19.42
CA ILE A 305 -10.80 -34.59 20.24
C ILE A 305 -9.99 -34.69 21.53
N GLY A 306 -8.68 -34.44 21.44
CA GLY A 306 -7.84 -34.52 22.64
C GLY A 306 -8.23 -33.47 23.65
N ILE A 307 -8.20 -33.85 24.92
CA ILE A 307 -8.57 -32.93 26.00
C ILE A 307 -7.53 -31.82 26.08
N PRO A 308 -7.92 -30.58 26.39
CA PRO A 308 -6.92 -29.51 26.56
C PRO A 308 -6.01 -29.81 27.75
N HIS A 309 -4.73 -30.02 27.45
CA HIS A 309 -3.74 -30.31 28.48
C HIS A 309 -3.29 -29.00 29.11
N ASP A 310 -3.61 -28.82 30.39
CA ASP A 310 -3.15 -27.67 31.16
C ASP A 310 -1.81 -28.05 31.78
N LEU A 311 -0.72 -27.52 31.22
CA LEU A 311 0.61 -27.85 31.71
C LEU A 311 0.77 -27.35 33.14
N LYS A 312 1.25 -28.23 34.01
CA LYS A 312 1.39 -27.89 35.42
C LYS A 312 2.48 -26.84 35.62
N PHE A 313 2.36 -26.05 36.69
CA PHE A 313 3.43 -25.07 37.02
C PHE A 313 4.63 -25.83 37.62
N LEU A 314 5.79 -25.18 37.72
CA LEU A 314 7.02 -25.88 38.22
C LEU A 314 6.87 -26.32 39.67
N THR A 315 7.29 -27.54 40.01
CA THR A 315 7.29 -28.03 41.43
C THR A 315 8.49 -27.46 42.20
N GLU A 316 8.42 -27.48 43.54
CA GLU A 316 9.49 -26.92 44.39
C GLU A 316 10.83 -27.64 44.18
N ASP A 317 10.79 -28.97 44.05
CA ASP A 317 12.07 -29.72 43.93
C ASP A 317 12.75 -29.22 42.66
N GLU A 318 11.97 -29.02 41.60
CA GLU A 318 12.54 -28.46 40.35
C GLU A 318 13.04 -27.05 40.64
N SER A 319 12.30 -26.27 41.44
CA SER A 319 12.68 -24.86 41.70
C SER A 319 14.11 -24.73 42.21
N TRP A 320 14.41 -25.20 43.41
CA TRP A 320 15.73 -24.98 43.98
C TRP A 320 16.82 -25.47 43.04
N ILE A 321 16.64 -26.67 42.47
CA ILE A 321 17.63 -27.23 41.55
C ILE A 321 17.74 -26.36 40.30
N LEU A 322 16.61 -25.91 39.78
CA LEU A 322 16.62 -25.08 38.58
C LEU A 322 17.37 -23.77 38.83
N LEU A 323 17.03 -23.08 39.92
CA LEU A 323 17.69 -21.79 40.16
C LEU A 323 19.17 -21.97 40.49
N GLU A 324 19.53 -23.06 41.19
CA GLU A 324 20.93 -23.32 41.48
C GLU A 324 21.70 -23.59 40.20
N LYS A 325 21.13 -24.40 39.31
CA LYS A 325 21.78 -24.66 38.03
C LYS A 325 21.92 -23.38 37.22
N LYS A 326 20.94 -22.47 37.31
CA LYS A 326 20.98 -21.26 36.52
C LYS A 326 22.03 -20.28 37.05
N VAL A 327 22.10 -20.07 38.36
CA VAL A 327 22.91 -19.00 38.92
C VAL A 327 24.28 -19.50 39.38
N PHE A 328 24.34 -20.64 40.08
CA PHE A 328 25.60 -21.15 40.59
C PHE A 328 26.31 -22.10 39.64
N HIS A 329 25.65 -22.48 38.53
CA HIS A 329 26.22 -23.40 37.56
C HIS A 329 26.67 -24.70 38.23
N LYS A 330 27.98 -24.85 38.44
CA LYS A 330 28.54 -26.00 39.11
C LYS A 330 28.96 -25.72 40.55
N ASP A 331 28.68 -24.53 41.06
CA ASP A 331 29.07 -24.16 42.41
C ASP A 331 27.94 -24.49 43.40
N LYS A 332 28.30 -24.53 44.68
CA LYS A 332 27.35 -24.80 45.75
C LYS A 332 27.02 -23.51 46.49
N CYS A 333 25.74 -23.33 46.78
CA CYS A 333 25.29 -22.11 47.44
C CYS A 333 25.79 -22.06 48.87
N PRO A 334 26.31 -20.92 49.34
CA PRO A 334 26.73 -20.82 50.72
C PRO A 334 25.54 -20.93 51.66
N PRO A 335 25.76 -21.40 52.89
CA PRO A 335 24.62 -21.60 53.81
C PRO A 335 23.82 -20.35 54.09
N GLU A 336 24.48 -19.18 54.16
CA GLU A 336 23.76 -17.95 54.47
C GLU A 336 22.92 -17.45 53.30
N LEU A 337 23.06 -18.03 52.12
CA LEU A 337 22.22 -17.71 50.97
C LEU A 337 21.25 -18.82 50.61
N GLU A 338 21.40 -20.01 51.18
CA GLU A 338 20.55 -21.14 50.81
C GLU A 338 19.10 -20.91 51.23
N LEU A 339 18.90 -20.41 52.46
CA LEU A 339 17.53 -20.13 52.91
C LEU A 339 16.89 -19.03 52.08
N SER A 340 17.67 -18.01 51.71
CA SER A 340 17.15 -16.96 50.85
C SER A 340 16.76 -17.53 49.49
N GLY A 341 17.57 -18.44 48.95
CA GLY A 341 17.24 -19.06 47.68
C GLY A 341 15.97 -19.88 47.75
N LYS A 342 15.81 -20.66 48.84
CA LYS A 342 14.58 -21.43 49.01
C LYS A 342 13.36 -20.53 49.13
N SER A 343 13.48 -19.44 49.90
CA SER A 343 12.38 -18.50 50.05
C SER A 343 12.03 -17.87 48.71
N ILE A 344 13.05 -17.50 47.92
CA ILE A 344 12.81 -16.95 46.59
C ILE A 344 12.06 -17.96 45.74
N ALA A 345 12.57 -19.20 45.67
CA ALA A 345 11.97 -20.22 44.81
C ALA A 345 10.52 -20.46 45.19
N LYS A 346 10.21 -20.46 46.49
CA LYS A 346 8.82 -20.56 46.90
C LYS A 346 8.03 -19.31 46.53
N LYS A 347 8.70 -18.16 46.46
CA LYS A 347 8.01 -16.91 46.18
C LYS A 347 7.84 -16.63 44.69
N CYS A 348 8.59 -17.30 43.81
CA CYS A 348 8.34 -17.15 42.39
C CYS A 348 7.09 -17.87 41.93
N ASN A 349 6.48 -18.69 42.79
CA ASN A 349 5.30 -19.48 42.44
C ASN A 349 5.57 -20.35 41.21
N GLY A 350 6.76 -20.92 41.16
CA GLY A 350 7.10 -21.90 40.14
C GLY A 350 6.98 -21.41 38.71
N LEU A 351 7.48 -20.21 38.42
CA LEU A 351 7.37 -19.65 37.09
C LEU A 351 8.78 -19.49 36.53
N PRO A 352 9.19 -20.32 35.56
CA PRO A 352 10.61 -20.37 35.19
C PRO A 352 11.18 -19.06 34.66
N LEU A 353 10.39 -18.27 33.94
CA LEU A 353 10.93 -17.03 33.39
C LEU A 353 11.33 -16.07 34.50
N ALA A 354 10.48 -15.95 35.53
CA ALA A 354 10.84 -15.13 36.69
C ALA A 354 12.10 -15.66 37.36
N ILE A 355 12.21 -16.98 37.49
CA ILE A 355 13.38 -17.58 38.13
C ILE A 355 14.65 -17.23 37.38
N VAL A 356 14.62 -17.38 36.05
CA VAL A 356 15.83 -17.12 35.28
C VAL A 356 16.17 -15.64 35.28
N VAL A 357 15.15 -14.77 35.26
CA VAL A 357 15.46 -13.33 35.26
C VAL A 357 16.03 -12.90 36.60
N ILE A 358 15.54 -13.44 37.71
CA ILE A 358 16.13 -13.05 39.00
C ILE A 358 17.50 -13.66 39.14
N ALA A 359 17.73 -14.85 38.56
CA ALA A 359 19.08 -15.42 38.57
C ALA A 359 20.05 -14.53 37.82
N GLY A 360 19.62 -14.02 36.66
CA GLY A 360 20.47 -13.08 35.92
C GLY A 360 20.73 -11.80 36.70
N ALA A 361 19.69 -11.29 37.37
CA ALA A 361 19.87 -10.10 38.20
C ALA A 361 20.86 -10.35 39.33
N LEU A 362 20.77 -11.51 39.99
CA LEU A 362 21.70 -11.85 41.05
C LEU A 362 23.12 -11.97 40.51
N ILE A 363 23.28 -12.58 39.33
CA ILE A 363 24.60 -12.70 38.72
C ILE A 363 25.18 -11.33 38.42
N GLY A 364 24.35 -10.42 37.91
CA GLY A 364 24.85 -9.12 37.48
C GLY A 364 25.41 -8.27 38.60
N LYS A 365 24.81 -8.33 39.79
CA LYS A 365 25.20 -7.45 40.87
C LYS A 365 26.18 -8.07 41.86
N GLY A 366 26.01 -9.33 42.22
CA GLY A 366 26.89 -9.98 43.15
C GLY A 366 26.14 -10.99 44.00
N LYS A 367 26.87 -12.02 44.45
CA LYS A 367 26.29 -13.10 45.23
C LYS A 367 26.49 -12.86 46.72
N THR A 368 25.95 -11.73 47.19
CA THR A 368 26.05 -11.35 48.60
C THR A 368 24.75 -11.65 49.32
N SER A 369 24.88 -11.92 50.62
CA SER A 369 23.71 -12.27 51.42
C SER A 369 22.72 -11.12 51.52
N ARG A 370 23.22 -9.89 51.67
CA ARG A 370 22.33 -8.74 51.79
C ARG A 370 21.52 -8.52 50.52
N GLU A 371 22.17 -8.61 49.36
CA GLU A 371 21.45 -8.45 48.09
C GLU A 371 20.45 -9.58 47.87
N TRP A 372 20.83 -10.79 48.27
CA TRP A 372 19.90 -11.92 48.15
C TRP A 372 18.68 -11.70 49.04
N LYS A 373 18.88 -11.18 50.25
CA LYS A 373 17.75 -10.85 51.11
C LYS A 373 16.89 -9.76 50.51
N GLN A 374 17.53 -8.76 49.88
CA GLN A 374 16.77 -7.69 49.23
C GLN A 374 15.89 -8.25 48.10
N VAL A 375 16.45 -9.10 47.25
CA VAL A 375 15.64 -9.65 46.16
C VAL A 375 14.59 -10.61 46.71
N ASP A 376 14.88 -11.29 47.81
CA ASP A 376 13.90 -12.18 48.42
C ASP A 376 12.70 -11.40 48.94
N GLU A 377 12.96 -10.30 49.65
CA GLU A 377 11.84 -9.49 50.13
C GLU A 377 11.13 -8.80 48.97
N SER A 378 11.85 -8.46 47.90
CA SER A 378 11.20 -7.86 46.75
C SER A 378 10.24 -8.83 46.08
N VAL A 379 10.68 -10.07 45.87
CA VAL A 379 9.79 -11.05 45.23
C VAL A 379 8.67 -11.45 46.18
N GLY A 380 8.92 -11.44 47.49
CA GLY A 380 7.83 -11.68 48.44
C GLY A 380 6.79 -10.58 48.40
N GLU A 381 7.22 -9.34 48.23
CA GLU A 381 6.29 -8.22 48.11
C GLU A 381 5.46 -8.28 46.83
N HIS A 382 5.83 -9.10 45.87
CA HIS A 382 5.12 -9.24 44.60
C HIS A 382 4.61 -10.67 44.49
N LEU A 383 3.42 -10.92 45.04
CA LEU A 383 2.80 -12.23 44.89
C LEU A 383 2.37 -12.45 43.44
N ILE A 384 2.69 -13.61 42.90
CA ILE A 384 2.43 -13.91 41.50
C ILE A 384 1.03 -14.50 41.40
N ASN A 385 0.08 -13.67 40.96
CA ASN A 385 -1.27 -14.16 40.72
C ASN A 385 -1.32 -15.01 39.46
N LYS A 386 -2.13 -16.07 39.50
CA LYS A 386 -2.19 -16.99 38.38
C LYS A 386 -3.02 -16.45 37.22
N ASP A 387 -3.72 -15.34 37.41
CA ASP A 387 -4.56 -14.75 36.38
C ASP A 387 -4.12 -13.36 35.95
N GLN A 388 -3.17 -12.74 36.66
CA GLN A 388 -2.69 -11.41 36.34
C GLN A 388 -1.18 -11.48 36.09
N PRO A 389 -0.77 -11.57 34.83
CA PRO A 389 0.68 -11.66 34.54
C PRO A 389 1.42 -10.34 34.67
N GLU A 390 0.72 -9.21 34.64
CA GLU A 390 1.41 -7.91 34.61
C GLU A 390 2.28 -7.69 35.84
N ASN A 391 1.87 -8.23 37.00
CA ASN A 391 2.68 -8.06 38.20
C ASN A 391 4.06 -8.69 38.04
N CYS A 392 4.15 -9.76 37.24
CA CYS A 392 5.45 -10.37 36.99
C CYS A 392 6.40 -9.41 36.28
N ASN A 393 5.84 -8.49 35.49
CA ASN A 393 6.66 -7.45 34.89
C ASN A 393 7.43 -6.68 35.95
N LYS A 394 6.80 -6.46 37.10
CA LYS A 394 7.48 -5.78 38.20
C LYS A 394 8.75 -6.51 38.59
N LEU A 395 8.72 -7.84 38.60
CA LEU A 395 9.94 -8.59 38.90
C LEU A 395 11.04 -8.28 37.91
N VAL A 396 10.68 -8.16 36.62
CA VAL A 396 11.68 -7.77 35.63
C VAL A 396 12.26 -6.41 35.96
N GLN A 397 11.45 -5.52 36.55
CA GLN A 397 11.98 -4.24 37.01
C GLN A 397 13.09 -4.44 38.03
N LEU A 398 12.91 -5.37 38.96
CA LEU A 398 13.96 -5.67 39.93
C LEU A 398 15.24 -6.13 39.27
N SER A 399 15.17 -6.61 38.03
CA SER A 399 16.39 -6.89 37.27
C SER A 399 16.85 -5.64 36.52
N TYR A 400 15.92 -4.91 35.91
CA TYR A 400 16.27 -3.84 34.99
C TYR A 400 17.06 -2.74 35.70
N ASP A 401 16.67 -2.40 36.92
CA ASP A 401 17.36 -1.33 37.64
C ASP A 401 18.81 -1.68 37.96
N ARG A 402 19.19 -2.95 37.85
CA ARG A 402 20.54 -3.36 38.20
C ARG A 402 21.54 -3.23 37.06
N LEU A 403 21.12 -2.75 35.90
CA LEU A 403 22.00 -2.69 34.74
C LEU A 403 22.62 -1.30 34.62
N SER A 404 23.76 -1.24 33.94
CA SER A 404 24.43 0.05 33.73
C SER A 404 23.64 0.88 32.72
N TYR A 405 23.86 2.19 32.77
CA TYR A 405 23.00 3.13 32.05
C TYR A 405 23.03 2.90 30.55
N ASP A 406 24.22 2.78 29.95
CA ASP A 406 24.30 2.51 28.53
C ASP A 406 23.77 1.11 28.21
N LEU A 407 24.08 0.14 29.08
CA LEU A 407 23.56 -1.20 28.89
C LEU A 407 22.05 -1.26 29.12
N LYS A 408 21.56 -0.49 30.10
CA LYS A 408 20.12 -0.28 30.24
C LYS A 408 19.52 0.19 28.92
N ALA A 409 20.13 1.23 28.34
CA ALA A 409 19.59 1.82 27.12
C ALA A 409 19.57 0.84 25.97
N CYS A 410 20.64 0.07 25.80
CA CYS A 410 20.68 -0.87 24.68
C CYS A 410 19.66 -1.98 24.88
N PHE A 411 19.49 -2.44 26.12
CA PHE A 411 18.45 -3.44 26.38
C PHE A 411 17.07 -2.88 26.06
N LEU A 412 16.80 -1.63 26.45
CA LEU A 412 15.50 -1.05 26.13
C LEU A 412 15.30 -0.91 24.64
N TYR A 413 16.35 -0.52 23.92
CA TYR A 413 16.24 -0.42 22.46
C TYR A 413 16.03 -1.78 21.82
N CYS A 414 16.53 -2.84 22.45
CA CYS A 414 16.31 -4.19 21.91
C CYS A 414 14.83 -4.54 21.82
N GLY A 415 13.97 -3.88 22.59
CA GLY A 415 12.55 -4.18 22.56
C GLY A 415 11.76 -3.52 21.45
N ALA A 416 12.39 -2.63 20.68
CA ALA A 416 11.68 -1.97 19.59
C ALA A 416 11.32 -2.93 18.46
N PHE A 417 11.97 -4.08 18.39
CA PHE A 417 11.73 -5.03 17.32
C PHE A 417 10.37 -5.71 17.49
N PRO A 418 9.76 -6.19 16.41
CA PRO A 418 8.48 -6.88 16.52
C PRO A 418 8.62 -8.20 17.26
N GLY A 419 7.53 -8.61 17.91
CA GLY A 419 7.51 -9.90 18.56
C GLY A 419 7.62 -11.03 17.54
N GLY A 420 8.39 -12.06 17.89
CA GLY A 420 8.61 -13.16 17.00
C GLY A 420 9.63 -12.91 15.91
N PHE A 421 10.37 -11.80 15.98
CA PHE A 421 11.34 -11.45 14.95
C PHE A 421 12.71 -12.01 15.32
N GLU A 422 13.26 -12.82 14.41
CA GLU A 422 14.60 -13.41 14.60
C GLU A 422 15.63 -12.35 14.23
N ILE A 423 16.22 -11.74 15.25
CA ILE A 423 17.14 -10.61 15.05
C ILE A 423 18.45 -11.11 14.45
N PRO A 424 18.91 -10.54 13.35
CA PRO A 424 20.29 -10.80 12.91
C PRO A 424 21.28 -10.14 13.85
N ALA A 425 22.20 -10.95 14.36
CA ALA A 425 23.15 -10.44 15.36
C ALA A 425 24.02 -9.33 14.79
N TRP A 426 24.57 -9.54 13.59
CA TRP A 426 25.46 -8.55 13.00
C TRP A 426 24.74 -7.23 12.77
N LYS A 427 23.52 -7.28 12.23
CA LYS A 427 22.74 -6.07 12.03
C LYS A 427 22.58 -5.31 13.34
N LEU A 428 22.32 -6.03 14.43
CA LEU A 428 21.95 -5.37 15.68
C LEU A 428 23.17 -4.76 16.36
N ILE A 429 24.30 -5.47 16.33
CA ILE A 429 25.54 -4.88 16.90
C ILE A 429 25.82 -3.57 16.15
N ARG A 430 25.52 -3.54 14.84
CA ARG A 430 25.71 -2.30 14.04
C ARG A 430 24.79 -1.21 14.59
N LEU A 431 23.56 -1.57 14.96
CA LEU A 431 22.60 -0.59 15.52
C LEU A 431 23.18 -0.06 16.84
N TRP A 432 23.78 -0.96 17.63
CA TRP A 432 24.41 -0.54 18.92
C TRP A 432 25.55 0.43 18.63
N ILE A 433 26.33 0.17 17.58
CA ILE A 433 27.52 1.02 17.28
C ILE A 433 27.06 2.32 16.60
N ALA A 434 26.25 2.24 15.55
CA ALA A 434 25.89 3.44 14.83
C ALA A 434 25.24 4.48 15.75
N GLU A 435 24.46 4.04 16.72
CA GLU A 435 23.77 4.98 17.60
C GLU A 435 24.62 5.49 18.75
N GLY A 436 25.89 5.08 18.83
CA GLY A 436 26.74 5.54 19.91
C GLY A 436 26.45 4.89 21.25
N PHE A 437 25.63 3.84 21.27
CA PHE A 437 25.31 3.17 22.53
C PHE A 437 26.53 2.45 23.10
N ILE A 438 27.39 1.93 22.24
CA ILE A 438 28.57 1.16 22.66
C ILE A 438 29.71 2.14 22.91
N GLN A 439 30.08 2.32 24.18
CA GLN A 439 31.20 3.16 24.57
C GLN A 439 32.17 2.31 25.37
N TYR A 440 33.41 2.20 24.89
CA TYR A 440 34.44 1.41 25.58
C TYR A 440 35.75 2.16 25.56
N LYS A 441 36.25 2.51 26.74
CA LYS A 441 37.57 3.13 26.88
C LYS A 441 38.60 2.08 27.26
N GLY A 442 38.81 1.12 26.35
CA GLY A 442 39.70 0.02 26.60
C GLY A 442 40.32 -0.50 25.32
N HIS A 443 41.11 -1.57 25.46
CA HIS A 443 41.85 -2.12 24.34
C HIS A 443 40.94 -2.81 23.32
N LEU A 444 39.87 -3.45 23.76
CA LEU A 444 38.98 -4.14 22.84
C LEU A 444 38.28 -3.16 21.92
N SER A 445 37.96 -3.63 20.72
CA SER A 445 37.26 -2.80 19.76
C SER A 445 35.81 -2.57 20.20
N LEU A 446 35.17 -1.58 19.56
CA LEU A 446 33.77 -1.30 19.87
C LEU A 446 32.87 -2.48 19.54
N GLU A 447 33.17 -3.18 18.44
CA GLU A 447 32.43 -4.39 18.13
C GLU A 447 32.64 -5.46 19.20
N CYS A 448 33.85 -5.56 19.73
CA CYS A 448 34.11 -6.49 20.81
C CYS A 448 33.29 -6.13 22.05
N LYS A 449 33.20 -4.83 22.35
CA LYS A 449 32.39 -4.40 23.49
C LYS A 449 30.92 -4.72 23.27
N ALA A 450 30.42 -4.52 22.05
CA ALA A 450 29.02 -4.84 21.76
C ALA A 450 28.77 -6.34 21.89
N GLU A 451 29.72 -7.16 21.44
CA GLU A 451 29.58 -8.60 21.61
C GLU A 451 29.58 -8.97 23.09
N ASP A 452 30.41 -8.29 23.88
CA ASP A 452 30.41 -8.52 25.32
C ASP A 452 29.06 -8.16 25.93
N ASN A 453 28.46 -7.05 25.47
CA ASN A 453 27.13 -6.68 25.97
C ASN A 453 26.09 -7.73 25.61
N LEU A 454 26.15 -8.25 24.37
CA LEU A 454 25.23 -9.32 23.99
C LEU A 454 25.45 -10.55 24.84
N ASN A 455 26.70 -10.84 25.20
CA ASN A 455 26.99 -11.96 26.07
C ASN A 455 26.38 -11.76 27.46
N ASP A 456 26.48 -10.55 28.00
CA ASP A 456 25.81 -10.28 29.27
C ASP A 456 24.30 -10.42 29.13
N LEU A 457 23.74 -10.01 28.00
CA LEU A 457 22.30 -10.18 27.79
C LEU A 457 21.90 -11.64 27.78
N ILE A 458 22.64 -12.48 27.06
CA ILE A 458 22.25 -13.89 26.95
C ILE A 458 22.47 -14.62 28.27
N ASN A 459 23.58 -14.35 28.97
CA ASN A 459 23.83 -15.08 30.20
C ASN A 459 22.88 -14.67 31.32
N ARG A 460 22.22 -13.52 31.19
CA ARG A 460 21.18 -13.13 32.13
C ARG A 460 19.81 -13.64 31.74
N ASN A 461 19.70 -14.36 30.62
CA ASN A 461 18.45 -14.91 30.10
C ASN A 461 17.43 -13.83 29.75
N LEU A 462 17.88 -12.58 29.58
CA LEU A 462 16.99 -11.53 29.11
C LEU A 462 16.69 -11.69 27.62
N VAL A 463 17.70 -12.02 26.83
CA VAL A 463 17.57 -12.25 25.40
C VAL A 463 17.88 -13.71 25.13
N MET A 464 16.96 -14.41 24.47
CA MET A 464 17.10 -15.84 24.21
C MET A 464 17.60 -16.06 22.80
N VAL A 465 18.63 -16.89 22.66
CA VAL A 465 19.25 -17.18 21.37
C VAL A 465 18.65 -18.47 20.83
N MET A 466 18.22 -18.43 19.57
CA MET A 466 17.60 -19.61 18.96
C MET A 466 18.55 -20.39 18.06
N GLN A 467 19.37 -19.70 17.27
CA GLN A 467 20.35 -20.35 16.41
C GLN A 467 21.70 -19.69 16.64
N ARG A 468 22.74 -20.50 16.82
CA ARG A 468 24.09 -20.03 17.02
C ARG A 468 24.94 -20.36 15.79
N THR A 469 26.04 -19.64 15.65
CA THR A 469 26.95 -19.90 14.54
C THR A 469 27.65 -21.24 14.73
N SER A 470 28.30 -21.69 13.66
CA SER A 470 28.97 -22.99 13.69
C SER A 470 30.11 -23.03 14.71
N ASP A 471 30.76 -21.89 14.94
CA ASP A 471 31.85 -21.82 15.90
C ASP A 471 31.39 -21.44 17.30
N GLY A 472 30.09 -21.32 17.53
CA GLY A 472 29.55 -21.05 18.85
C GLY A 472 29.10 -19.62 19.08
N GLN A 473 29.36 -18.71 18.14
CA GLN A 473 28.92 -17.34 18.31
C GLN A 473 27.41 -17.24 18.15
N ILE A 474 26.87 -16.10 18.59
CA ILE A 474 25.42 -15.86 18.54
C ILE A 474 25.04 -15.44 17.12
N LYS A 475 24.07 -16.13 16.55
CA LYS A 475 23.57 -15.82 15.21
C LYS A 475 22.21 -15.13 15.24
N THR A 476 21.22 -15.74 15.90
CA THR A 476 19.88 -15.18 15.96
C THR A 476 19.38 -15.15 17.40
N CYS A 477 18.95 -13.98 17.85
CA CYS A 477 18.45 -13.76 19.20
C CYS A 477 17.09 -13.08 19.13
N ARG A 478 16.30 -13.25 20.19
CA ARG A 478 14.97 -12.66 20.26
C ARG A 478 14.60 -12.44 21.71
N LEU A 479 13.45 -11.80 21.92
CA LEU A 479 12.93 -11.50 23.24
C LEU A 479 11.62 -12.23 23.47
N HIS A 480 11.37 -12.58 24.73
CA HIS A 480 10.12 -13.24 25.09
C HIS A 480 8.95 -12.28 24.94
N ASP A 481 7.80 -12.81 24.54
CA ASP A 481 6.64 -11.96 24.29
C ASP A 481 6.19 -11.24 25.56
N MET A 482 6.22 -11.92 26.70
CA MET A 482 5.94 -11.25 27.96
C MET A 482 7.00 -10.18 28.26
N LEU A 483 8.27 -10.51 28.04
CA LEU A 483 9.32 -9.53 28.20
C LEU A 483 9.19 -8.40 27.18
N HIS A 484 8.74 -8.73 25.96
CA HIS A 484 8.47 -7.69 24.97
C HIS A 484 7.39 -6.74 25.44
N GLU A 485 6.33 -7.28 26.04
CA GLU A 485 5.26 -6.44 26.56
C GLU A 485 5.75 -5.57 27.71
N PHE A 486 6.60 -6.14 28.59
CA PHE A 486 7.18 -5.34 29.66
C PHE A 486 8.04 -4.21 29.11
N CYS A 487 8.86 -4.52 28.09
CA CYS A 487 9.70 -3.50 27.48
C CYS A 487 8.84 -2.41 26.85
N ARG A 488 7.75 -2.79 26.19
CA ARG A 488 6.80 -1.81 25.67
C ARG A 488 6.29 -0.91 26.80
N GLN A 489 5.58 -1.51 27.77
CA GLN A 489 5.03 -0.77 28.90
C GLN A 489 6.05 0.22 29.45
N GLU A 490 7.30 -0.22 29.62
CA GLU A 490 8.34 0.71 30.06
C GLU A 490 8.58 1.80 29.02
N ALA A 491 8.58 1.45 27.74
CA ALA A 491 8.95 2.40 26.70
C ALA A 491 7.94 3.53 26.59
N MET A 492 6.65 3.21 26.49
CA MET A 492 5.65 4.27 26.46
C MET A 492 5.27 4.79 27.86
N LYS A 493 4.72 3.95 28.72
CA LYS A 493 4.05 4.47 29.90
C LYS A 493 5.00 4.96 30.99
N GLU A 494 6.29 4.64 30.92
CA GLU A 494 7.20 4.93 32.02
C GLU A 494 8.26 5.97 31.67
N GLU A 495 9.07 5.74 30.64
CA GLU A 495 10.22 6.58 30.39
C GLU A 495 10.26 7.19 28.99
N ASN A 496 9.18 7.06 28.22
CA ASN A 496 8.94 7.71 26.92
C ASN A 496 10.20 7.82 26.06
N LEU A 497 11.04 6.78 26.09
CA LEU A 497 12.27 6.79 25.30
C LEU A 497 11.95 6.70 23.81
N PHE A 498 11.09 5.75 23.44
CA PHE A 498 10.67 5.59 22.06
C PHE A 498 9.24 5.09 22.05
N GLN A 499 8.57 5.30 20.91
CA GLN A 499 7.16 4.98 20.77
C GLN A 499 6.94 4.22 19.48
N GLU A 500 5.92 3.37 19.47
CA GLU A 500 5.55 2.60 18.30
C GLU A 500 4.25 3.13 17.70
N ILE A 501 4.19 3.17 16.38
CA ILE A 501 3.04 3.69 15.66
C ILE A 501 2.32 2.48 15.04
N LYS A 502 1.10 2.21 15.51
CA LYS A 502 0.36 1.03 15.11
C LYS A 502 -1.08 1.41 14.76
N LEU A 503 -1.69 0.61 13.90
CA LEU A 503 -3.08 0.78 13.50
C LEU A 503 -3.96 0.26 14.62
N GLY A 504 -4.35 1.16 15.53
CA GLY A 504 -5.21 0.81 16.65
C GLY A 504 -6.67 0.79 16.25
N ALA A 505 -7.53 0.71 17.27
CA ALA A 505 -8.96 0.70 17.04
C ALA A 505 -9.44 2.03 16.44
N GLU A 506 -8.73 3.13 16.75
CA GLU A 506 -9.10 4.41 16.17
C GLU A 506 -8.86 4.45 14.67
N GLN A 507 -7.95 3.60 14.17
CA GLN A 507 -7.63 3.47 12.75
C GLN A 507 -7.08 4.75 12.14
N TYR A 508 -6.64 5.70 12.95
CA TYR A 508 -6.06 6.95 12.47
C TYR A 508 -4.67 7.12 13.05
N PHE A 509 -3.71 7.42 12.18
CA PHE A 509 -2.30 7.59 12.48
C PHE A 509 -2.04 8.96 13.11
N PRO A 510 -1.03 9.05 13.99
CA PRO A 510 -0.77 10.32 14.67
C PRO A 510 -0.34 11.42 13.71
N GLY A 511 -0.69 12.65 14.07
CA GLY A 511 -0.32 13.82 13.29
C GLY A 511 1.03 14.39 13.70
N LYS A 512 1.34 15.54 13.12
CA LYS A 512 2.64 16.16 13.37
C LYS A 512 2.80 16.60 14.82
N ARG A 513 1.70 17.08 15.44
CA ARG A 513 1.80 17.63 16.79
C ARG A 513 2.33 16.60 17.78
N GLU A 514 1.78 15.39 17.75
CA GLU A 514 2.26 14.34 18.63
C GLU A 514 3.56 13.72 18.15
N LEU A 515 3.76 13.64 16.83
CA LEU A 515 4.95 12.99 16.29
C LEU A 515 6.21 13.79 16.58
N ALA A 516 6.12 15.12 16.62
CA ALA A 516 7.29 15.96 16.83
C ALA A 516 7.91 15.74 18.20
N THR A 517 7.16 15.19 19.15
CA THR A 517 7.69 14.90 20.48
C THR A 517 8.45 13.59 20.55
N TYR A 518 8.46 12.80 19.48
CA TYR A 518 9.13 11.52 19.47
C TYR A 518 10.61 11.70 19.15
N ARG A 519 11.43 10.77 19.64
CA ARG A 519 12.85 10.75 19.35
C ARG A 519 13.28 9.57 18.49
N ARG A 520 12.67 8.40 18.68
CA ARG A 520 12.95 7.23 17.85
C ARG A 520 11.62 6.58 17.45
N LEU A 521 11.51 6.21 16.19
CA LEU A 521 10.30 5.64 15.63
C LEU A 521 10.50 4.16 15.34
N CYS A 522 9.39 3.43 15.25
CA CYS A 522 9.43 2.02 14.87
C CYS A 522 8.10 1.66 14.26
N ILE A 523 8.05 1.58 12.93
CA ILE A 523 6.85 1.23 12.18
C ILE A 523 7.04 -0.18 11.64
N HIS A 524 6.11 -1.07 11.98
CA HIS A 524 6.25 -2.48 11.68
C HIS A 524 5.25 -2.99 10.65
N SER A 525 4.03 -2.44 10.63
CA SER A 525 3.02 -2.84 9.66
C SER A 525 2.29 -1.60 9.17
N SER A 526 1.73 -1.71 7.97
CA SER A 526 1.03 -0.60 7.32
C SER A 526 1.92 0.63 7.20
N VAL A 527 3.21 0.40 6.90
CA VAL A 527 4.15 1.50 6.78
C VAL A 527 3.83 2.37 5.58
N LEU A 528 3.33 1.76 4.49
CA LEU A 528 3.08 2.52 3.26
C LEU A 528 2.03 3.61 3.48
N GLU A 529 0.97 3.31 4.23
CA GLU A 529 -0.03 4.33 4.54
C GLU A 529 0.58 5.44 5.37
N PHE A 530 1.42 5.09 6.35
CA PHE A 530 2.03 6.09 7.21
C PHE A 530 2.91 7.04 6.41
N ILE A 531 3.72 6.51 5.49
CA ILE A 531 4.58 7.37 4.70
C ILE A 531 3.78 8.11 3.64
N SER A 532 2.63 7.57 3.23
CA SER A 532 1.74 8.32 2.34
C SER A 532 1.14 9.52 3.06
N THR A 533 0.89 9.38 4.37
CA THR A 533 0.46 10.53 5.17
C THR A 533 1.50 11.65 5.16
N LYS A 534 2.76 11.31 4.87
CA LYS A 534 3.89 12.24 4.80
C LYS A 534 4.14 12.88 6.16
N PRO A 535 4.59 12.11 7.15
CA PRO A 535 4.90 12.69 8.46
C PRO A 535 6.17 13.52 8.42
N SER A 536 6.31 14.38 9.41
CA SER A 536 7.49 15.23 9.54
C SER A 536 7.86 15.35 11.01
N GLY A 537 9.08 14.96 11.35
CA GLY A 537 9.55 15.09 12.72
C GLY A 537 10.87 15.84 12.82
N GLU A 538 10.84 17.01 13.44
CA GLU A 538 12.06 17.81 13.60
C GLU A 538 12.95 17.29 14.70
N HIS A 539 12.43 16.48 15.62
CA HIS A 539 13.21 15.92 16.71
C HIS A 539 13.38 14.41 16.57
N VAL A 540 13.13 13.84 15.40
CA VAL A 540 13.29 12.41 15.18
C VAL A 540 14.76 12.12 14.87
N ARG A 541 15.34 11.18 15.62
CA ARG A 541 16.73 10.80 15.42
C ARG A 541 16.91 9.43 14.79
N SER A 542 15.84 8.63 14.68
CA SER A 542 15.98 7.28 14.15
C SER A 542 14.70 6.89 13.43
N PHE A 543 14.85 5.99 12.46
CA PHE A 543 13.72 5.40 11.75
C PHE A 543 13.99 3.90 11.65
N LEU A 544 13.12 3.11 12.26
CA LEU A 544 13.32 1.68 12.43
C LEU A 544 12.11 0.95 11.86
N SER A 545 12.37 -0.02 10.96
CA SER A 545 11.27 -0.74 10.32
C SER A 545 11.81 -2.06 9.76
N PHE A 546 11.35 -3.16 10.34
CA PHE A 546 11.60 -4.49 9.80
C PHE A 546 10.28 -5.19 9.54
N SER A 547 10.19 -5.89 8.40
CA SER A 547 9.03 -6.70 8.07
C SER A 547 9.51 -7.94 7.33
N LEU A 548 8.75 -9.02 7.48
CA LEU A 548 9.07 -10.25 6.76
C LEU A 548 8.70 -10.15 5.28
N LYS A 549 7.91 -9.15 4.90
CA LYS A 549 7.54 -8.92 3.51
C LYS A 549 8.21 -7.66 3.00
N LYS A 550 8.40 -7.59 1.68
CA LYS A 550 9.02 -6.45 1.04
C LYS A 550 7.96 -5.48 0.54
N ILE A 551 8.11 -4.21 0.86
CA ILE A 551 7.16 -3.17 0.51
C ILE A 551 7.86 -2.19 -0.43
N GLU A 552 7.24 -1.94 -1.59
CA GLU A 552 7.85 -1.05 -2.57
C GLU A 552 7.76 0.40 -2.11
N MET A 553 8.65 1.22 -2.67
CA MET A 553 8.79 2.62 -2.27
C MET A 553 8.14 3.50 -3.32
N PRO A 554 7.00 4.14 -3.03
CA PRO A 554 6.39 5.04 -4.01
C PRO A 554 7.32 6.21 -4.33
N SER A 555 7.54 6.44 -5.63
CA SER A 555 8.51 7.43 -6.06
C SER A 555 8.15 8.82 -5.56
N VAL A 556 6.90 9.24 -5.79
CA VAL A 556 6.46 10.56 -5.34
C VAL A 556 6.53 10.68 -3.83
N ASP A 557 6.39 9.58 -3.11
CA ASP A 557 6.48 9.55 -1.66
C ASP A 557 7.93 9.45 -1.21
N ILE A 558 8.85 9.07 -2.10
CA ILE A 558 10.26 8.95 -1.72
C ILE A 558 10.80 10.23 -1.09
N PRO A 559 10.63 11.42 -1.67
CA PRO A 559 11.23 12.62 -1.06
C PRO A 559 10.63 12.99 0.29
N THR A 560 9.45 12.47 0.64
CA THR A 560 8.81 12.86 1.90
C THR A 560 9.63 12.44 3.11
N ILE A 561 10.20 11.23 3.08
CA ILE A 561 10.93 10.73 4.25
C ILE A 561 12.13 11.61 4.60
N PRO A 562 13.02 11.99 3.66
CA PRO A 562 14.15 12.84 4.07
C PRO A 562 13.72 14.25 4.46
N LYS A 563 12.77 14.85 3.73
CA LYS A 563 12.35 16.21 4.03
C LYS A 563 11.72 16.30 5.42
N GLY A 564 10.91 15.30 5.79
CA GLY A 564 10.27 15.32 7.09
C GLY A 564 11.20 15.02 8.24
N PHE A 565 12.35 14.38 7.96
CA PHE A 565 13.31 14.00 8.99
C PHE A 565 14.69 14.48 8.59
N PRO A 566 14.99 15.77 8.76
CA PRO A 566 16.33 16.26 8.42
C PRO A 566 17.38 15.85 9.45
N LEU A 567 16.99 15.64 10.70
CA LEU A 567 17.92 15.24 11.76
C LEU A 567 18.01 13.73 11.92
N LEU A 568 17.74 12.98 10.86
CA LEU A 568 17.81 11.53 10.93
C LEU A 568 19.26 11.06 11.05
N ARG A 569 19.47 10.05 11.90
CA ARG A 569 20.79 9.48 12.13
C ARG A 569 20.92 8.05 11.61
N VAL A 570 20.00 7.17 11.97
CA VAL A 570 19.97 5.80 11.47
C VAL A 570 18.65 5.60 10.73
N PHE A 571 18.69 4.82 9.66
CA PHE A 571 17.53 4.65 8.79
C PHE A 571 17.65 3.29 8.12
N ASP A 572 16.98 2.28 8.69
CA ASP A 572 17.02 0.92 8.16
C ASP A 572 15.63 0.61 7.66
N VAL A 573 15.50 0.46 6.34
CA VAL A 573 14.24 0.12 5.70
C VAL A 573 14.42 -1.16 4.89
N GLU A 574 15.27 -2.07 5.39
CA GLU A 574 15.63 -3.27 4.64
C GLU A 574 14.43 -4.07 4.17
N SER A 575 13.24 -3.81 4.72
CA SER A 575 12.01 -4.40 4.21
C SER A 575 11.32 -3.53 3.16
N ILE A 576 11.93 -2.40 2.80
CA ILE A 576 11.36 -1.47 1.83
C ILE A 576 12.23 -1.51 0.58
N ASN A 577 11.60 -1.71 -0.58
CA ASN A 577 12.31 -1.79 -1.86
C ASN A 577 12.36 -0.38 -2.46
N PHE A 578 13.50 0.28 -2.32
CA PHE A 578 13.69 1.58 -2.95
C PHE A 578 13.82 1.40 -4.46
N SER A 579 13.09 2.23 -5.21
CA SER A 579 13.14 2.16 -6.67
C SER A 579 14.23 3.06 -7.26
N ARG A 580 14.56 4.16 -6.59
CA ARG A 580 15.55 5.10 -7.09
C ARG A 580 16.05 5.95 -5.92
N PHE A 581 16.92 6.89 -6.24
CA PHE A 581 17.48 7.80 -5.25
C PHE A 581 16.89 9.19 -5.43
N SER A 582 16.46 9.80 -4.34
CA SER A 582 15.99 11.18 -4.38
C SER A 582 17.09 12.13 -3.94
N LYS A 583 17.05 13.35 -4.48
CA LYS A 583 18.10 14.32 -4.22
C LYS A 583 18.14 14.71 -2.74
N GLU A 584 16.97 14.93 -2.13
CA GLU A 584 16.93 15.34 -0.73
C GLU A 584 17.34 14.21 0.21
N PHE A 585 17.20 12.95 -0.21
CA PHE A 585 17.78 11.84 0.54
C PHE A 585 19.28 12.09 0.71
N PHE A 586 19.89 12.71 -0.29
CA PHE A 586 21.32 12.97 -0.28
C PHE A 586 21.68 14.17 0.59
N GLN A 587 20.69 14.83 1.19
CA GLN A 587 20.93 15.98 2.04
C GLN A 587 21.12 15.62 3.51
N LEU A 588 20.90 14.36 3.90
CA LEU A 588 21.02 13.96 5.29
C LEU A 588 22.48 13.85 5.66
N TYR A 589 23.02 14.94 6.21
CA TYR A 589 24.41 14.95 6.66
C TYR A 589 24.57 14.34 8.05
N HIS A 590 23.48 14.12 8.76
CA HIS A 590 23.53 13.52 10.09
C HIS A 590 23.31 12.01 10.07
N LEU A 591 23.13 11.42 8.90
CA LEU A 591 22.92 9.99 8.81
C LEU A 591 24.19 9.23 9.18
N ARG A 592 24.01 8.09 9.84
CA ARG A 592 25.11 7.21 10.20
C ARG A 592 24.95 5.80 9.67
N TYR A 593 23.74 5.24 9.70
CA TYR A 593 23.47 3.89 9.24
C TYR A 593 22.31 3.94 8.25
N ILE A 594 22.54 3.43 7.04
CA ILE A 594 21.52 3.33 6.01
C ILE A 594 21.56 1.92 5.42
N ALA A 595 20.40 1.27 5.37
CA ALA A 595 20.29 -0.07 4.83
C ALA A 595 18.93 -0.21 4.17
N PHE A 596 18.92 -0.68 2.92
CA PHE A 596 17.68 -0.82 2.17
C PHE A 596 17.88 -1.84 1.07
N SER A 597 16.76 -2.27 0.49
CA SER A 597 16.76 -3.20 -0.63
C SER A 597 16.28 -2.48 -1.89
N SER A 598 16.71 -2.98 -3.04
CA SER A 598 16.33 -2.39 -4.32
C SER A 598 16.35 -3.48 -5.39
N ASP A 599 15.52 -3.28 -6.42
CA ASP A 599 15.49 -4.16 -7.57
C ASP A 599 15.80 -3.45 -8.87
N THR A 600 16.09 -2.15 -8.83
CA THR A 600 16.39 -1.37 -10.02
C THR A 600 17.64 -0.51 -9.92
N ILE A 601 18.16 -0.27 -8.71
CA ILE A 601 19.32 0.61 -8.54
C ILE A 601 20.56 -0.13 -9.05
N LYS A 602 21.18 0.41 -10.10
CA LYS A 602 22.40 -0.15 -10.65
C LYS A 602 23.64 0.67 -10.34
N ILE A 603 23.51 1.99 -10.29
CA ILE A 603 24.64 2.89 -10.15
C ILE A 603 24.52 3.58 -8.80
N ILE A 604 25.51 3.39 -7.95
CA ILE A 604 25.60 4.20 -6.73
C ILE A 604 26.12 5.59 -7.09
N PRO A 605 25.40 6.65 -6.79
CA PRO A 605 25.78 7.99 -7.26
C PRO A 605 26.93 8.59 -6.45
N LYS A 606 27.55 9.61 -7.05
CA LYS A 606 28.75 10.21 -6.46
C LYS A 606 28.46 10.90 -5.13
N HIS A 607 27.28 11.52 -5.01
CA HIS A 607 27.01 12.38 -3.85
C HIS A 607 27.00 11.61 -2.54
N ILE A 608 26.94 10.27 -2.60
CA ILE A 608 27.04 9.47 -1.38
C ILE A 608 28.35 9.75 -0.66
N GLY A 609 29.40 10.11 -1.41
CA GLY A 609 30.67 10.47 -0.79
C GLY A 609 30.59 11.69 0.11
N GLU A 610 29.57 12.53 -0.08
CA GLU A 610 29.41 13.73 0.74
C GLU A 610 28.73 13.47 2.07
N LEU A 611 28.30 12.25 2.35
CA LEU A 611 27.83 11.88 3.68
C LEU A 611 29.05 11.53 4.52
N TRP A 612 29.54 12.52 5.28
CA TRP A 612 30.76 12.37 6.05
C TRP A 612 30.55 11.74 7.42
N ASN A 613 29.30 11.43 7.79
CA ASN A 613 29.00 10.86 9.09
C ASN A 613 28.49 9.43 9.02
N ILE A 614 28.52 8.80 7.84
CA ILE A 614 28.08 7.42 7.71
C ILE A 614 29.13 6.49 8.29
N GLN A 615 28.67 5.54 9.11
CA GLN A 615 29.54 4.53 9.70
C GLN A 615 29.36 3.15 9.08
N THR A 616 28.13 2.81 8.69
CA THR A 616 27.84 1.50 8.10
C THR A 616 26.89 1.69 6.93
N LEU A 617 27.17 1.00 5.83
CA LEU A 617 26.35 1.04 4.62
C LEU A 617 26.06 -0.38 4.19
N ILE A 618 24.77 -0.74 4.17
CA ILE A 618 24.33 -2.07 3.77
C ILE A 618 23.41 -1.92 2.56
N ILE A 619 23.72 -2.64 1.49
CA ILE A 619 22.93 -2.62 0.26
C ILE A 619 22.55 -4.04 -0.09
N ASN A 620 21.28 -4.26 -0.39
CA ASN A 620 20.78 -5.55 -0.86
C ASN A 620 20.05 -5.34 -2.17
N THR A 621 20.33 -6.19 -3.16
CA THR A 621 19.69 -6.09 -4.46
C THR A 621 19.75 -7.44 -5.16
N GLN A 622 18.83 -7.64 -6.09
CA GLN A 622 18.79 -8.84 -6.91
C GLN A 622 19.50 -8.67 -8.24
N GLN A 623 20.09 -7.51 -8.50
CA GLN A 623 20.81 -7.29 -9.74
C GLN A 623 22.10 -8.10 -9.76
N ARG A 624 22.52 -8.48 -10.97
CA ARG A 624 23.71 -9.31 -11.11
C ARG A 624 24.97 -8.54 -10.75
N SER A 625 25.09 -7.29 -11.20
CA SER A 625 26.26 -6.47 -10.96
C SER A 625 25.84 -5.13 -10.37
N LEU A 626 26.60 -4.66 -9.39
CA LEU A 626 26.37 -3.38 -8.74
C LEU A 626 27.58 -2.48 -8.95
N ASP A 627 27.34 -1.27 -9.43
CA ASP A 627 28.40 -0.30 -9.67
C ASP A 627 28.37 0.77 -8.59
N ILE A 628 29.52 1.00 -7.96
CA ILE A 628 29.68 2.03 -6.95
C ILE A 628 30.55 3.12 -7.53
N GLN A 629 29.98 4.33 -7.70
CA GLN A 629 30.74 5.47 -8.19
C GLN A 629 31.18 6.41 -7.08
N ALA A 630 30.53 6.36 -5.92
CA ALA A 630 30.90 7.25 -4.82
C ALA A 630 32.28 6.90 -4.28
N ASN A 631 33.01 7.94 -3.87
CA ASN A 631 34.36 7.78 -3.32
C ASN A 631 34.23 7.29 -1.89
N ILE A 632 34.30 5.96 -1.72
CA ILE A 632 34.29 5.37 -0.39
C ILE A 632 35.65 5.41 0.28
N TRP A 633 36.71 5.71 -0.48
CA TRP A 633 38.06 5.68 0.07
C TRP A 633 38.35 6.87 0.98
N ASN A 634 37.82 8.04 0.66
CA ASN A 634 37.99 9.21 1.52
C ASN A 634 37.01 9.24 2.68
N MET A 635 36.07 8.30 2.73
CA MET A 635 35.12 8.20 3.84
C MET A 635 35.85 7.53 5.00
N GLU A 636 36.42 8.34 5.88
CA GLU A 636 37.29 7.83 6.93
C GLU A 636 36.50 7.13 8.03
N ARG A 637 35.32 7.64 8.38
CA ARG A 637 34.53 7.06 9.45
C ARG A 637 33.74 5.83 9.02
N LEU A 638 33.73 5.50 7.73
CA LEU A 638 33.03 4.31 7.27
C LEU A 638 33.73 3.08 7.80
N ARG A 639 32.94 2.12 8.31
CA ARG A 639 33.50 0.93 8.96
C ARG A 639 33.11 -0.38 8.29
N HIS A 640 31.91 -0.49 7.72
CA HIS A 640 31.44 -1.76 7.19
C HIS A 640 30.63 -1.55 5.93
N LEU A 641 30.65 -2.57 5.07
CA LEU A 641 29.80 -2.63 3.89
C LEU A 641 29.34 -4.06 3.70
N HIS A 642 28.09 -4.22 3.23
CA HIS A 642 27.53 -5.54 2.97
C HIS A 642 26.66 -5.46 1.73
N THR A 643 26.99 -6.26 0.73
CA THR A 643 26.25 -6.31 -0.52
C THR A 643 25.96 -7.75 -0.91
N ASN A 644 24.87 -7.95 -1.62
CA ASN A 644 24.49 -9.25 -2.14
C ASN A 644 24.87 -9.44 -3.60
N SER A 645 25.11 -8.34 -4.32
CA SER A 645 25.47 -8.39 -5.73
C SER A 645 26.96 -8.13 -5.91
N SER A 646 27.43 -8.37 -7.13
CA SER A 646 28.83 -8.11 -7.47
C SER A 646 29.11 -6.61 -7.45
N ALA A 647 29.93 -6.17 -6.50
CA ALA A 647 30.20 -4.75 -6.28
C ALA A 647 31.47 -4.36 -7.01
N LYS A 648 31.34 -3.54 -8.05
CA LYS A 648 32.48 -3.03 -8.80
C LYS A 648 32.93 -1.73 -8.14
N LEU A 649 33.89 -1.83 -7.22
CA LEU A 649 34.43 -0.65 -6.58
C LEU A 649 35.24 0.18 -7.57
N PRO A 650 35.23 1.50 -7.43
CA PRO A 650 36.06 2.34 -8.30
C PRO A 650 37.54 2.11 -8.02
N VAL A 651 38.34 2.23 -9.07
CA VAL A 651 39.78 2.07 -8.95
C VAL A 651 40.34 3.29 -8.25
N PRO A 652 41.00 3.14 -7.11
CA PRO A 652 41.55 4.32 -6.42
C PRO A 652 42.70 4.94 -7.18
N VAL A 653 42.86 6.25 -7.03
CA VAL A 653 43.94 6.99 -7.67
C VAL A 653 44.87 7.50 -6.57
N THR A 654 46.17 7.38 -6.81
CA THR A 654 47.15 7.80 -5.81
C THR A 654 47.35 9.31 -5.89
N PRO A 655 47.16 10.04 -4.76
CA PRO A 655 47.35 11.49 -4.75
C PRO A 655 48.82 11.89 -4.61
N VAL A 660 49.14 13.37 3.80
CA VAL A 660 47.96 13.29 4.66
C VAL A 660 47.60 11.82 4.91
N PRO A 661 47.03 11.54 6.08
CA PRO A 661 46.64 10.15 6.42
C PRO A 661 45.35 9.72 5.72
N LEU A 662 45.45 9.52 4.40
CA LEU A 662 44.31 9.06 3.63
C LEU A 662 43.98 7.60 3.91
N VAL A 663 44.91 6.85 4.51
CA VAL A 663 44.68 5.45 4.82
C VAL A 663 43.48 5.31 5.75
N ASN A 664 42.54 4.45 5.37
CA ASN A 664 41.33 4.23 6.16
C ASN A 664 41.60 3.15 7.19
N GLN A 665 42.02 3.57 8.38
CA GLN A 665 42.30 2.65 9.47
C GLN A 665 41.04 2.14 10.16
N SER A 666 39.89 2.79 9.95
CA SER A 666 38.65 2.38 10.59
C SER A 666 37.87 1.36 9.77
N LEU A 667 38.19 1.20 8.49
CA LEU A 667 37.47 0.23 7.65
C LEU A 667 37.95 -1.17 7.98
N GLN A 668 37.02 -2.02 8.42
CA GLN A 668 37.34 -3.37 8.86
C GLN A 668 36.76 -4.44 7.95
N THR A 669 35.45 -4.41 7.71
CA THR A 669 34.78 -5.41 6.89
C THR A 669 34.25 -4.73 5.64
N LEU A 670 34.44 -5.36 4.48
CA LEU A 670 33.83 -4.85 3.22
C LEU A 670 33.29 -6.05 2.43
N SER A 671 31.97 -6.27 2.50
CA SER A 671 31.36 -7.51 1.93
C SER A 671 31.62 -7.66 0.44
N THR A 672 30.58 -7.86 -0.35
CA THR A 672 30.88 -8.66 -1.58
C THR A 672 31.33 -7.70 -2.67
N ILE A 673 32.53 -7.90 -3.17
CA ILE A 673 33.19 -6.99 -4.16
C ILE A 673 33.49 -7.74 -5.45
N ALA A 674 33.25 -7.12 -6.61
CA ALA A 674 33.59 -7.72 -7.89
C ALA A 674 35.09 -8.05 -7.92
N PRO A 675 35.47 -9.14 -8.62
CA PRO A 675 36.88 -9.53 -8.64
C PRO A 675 37.82 -8.48 -9.20
N GLU A 676 37.35 -7.65 -10.14
CA GLU A 676 38.24 -6.68 -10.78
C GLU A 676 38.70 -5.58 -9.84
N SER A 677 38.04 -5.40 -8.70
CA SER A 677 38.40 -4.35 -7.75
C SER A 677 39.36 -4.82 -6.66
N CYS A 678 39.79 -6.07 -6.70
CA CYS A 678 40.72 -6.59 -5.70
C CYS A 678 42.15 -6.31 -6.14
N THR A 679 42.47 -5.02 -6.22
CA THR A 679 43.75 -4.56 -6.72
C THR A 679 44.71 -4.22 -5.58
N GLU A 680 45.95 -3.92 -5.97
CA GLU A 680 46.97 -3.57 -4.98
C GLU A 680 46.61 -2.29 -4.23
N GLU A 681 46.13 -1.28 -4.97
CA GLU A 681 45.82 0.01 -4.35
C GLU A 681 44.66 -0.11 -3.36
N VAL A 682 43.67 -0.95 -3.68
CA VAL A 682 42.51 -1.10 -2.81
C VAL A 682 42.93 -1.64 -1.44
N PHE A 683 43.74 -2.70 -1.43
CA PHE A 683 44.20 -3.27 -0.18
C PHE A 683 45.29 -2.45 0.49
N ALA A 684 45.99 -1.60 -0.27
CA ALA A 684 47.00 -0.74 0.33
C ALA A 684 46.39 0.36 1.18
N ARG A 685 45.14 0.75 0.91
CA ARG A 685 44.49 1.83 1.64
C ARG A 685 43.81 1.38 2.92
N THR A 686 43.64 0.07 3.13
CA THR A 686 42.98 -0.47 4.31
C THR A 686 43.80 -1.61 4.90
N PRO A 687 44.95 -1.29 5.51
CA PRO A 687 45.75 -2.35 6.13
C PRO A 687 45.09 -3.01 7.33
N ASN A 688 44.08 -2.37 7.93
CA ASN A 688 43.40 -2.91 9.11
C ASN A 688 42.19 -3.75 8.75
N LEU A 689 41.99 -4.04 7.46
CA LEU A 689 40.87 -4.87 7.03
C LEU A 689 40.95 -6.25 7.66
N LYS A 690 39.80 -6.77 8.08
CA LYS A 690 39.73 -8.09 8.71
C LYS A 690 38.83 -9.06 7.96
N LYS A 691 37.70 -8.62 7.44
CA LYS A 691 36.80 -9.48 6.69
C LYS A 691 36.70 -8.98 5.25
N LEU A 692 36.99 -9.87 4.30
CA LEU A 692 36.96 -9.56 2.88
C LEU A 692 35.97 -10.50 2.20
N GLY A 693 35.27 -9.99 1.19
CA GLY A 693 34.38 -10.81 0.40
C GLY A 693 34.43 -10.41 -1.05
N ILE A 694 34.54 -11.42 -1.92
CA ILE A 694 34.64 -11.21 -3.36
C ILE A 694 33.51 -11.97 -4.04
N ARG A 695 32.82 -11.29 -4.95
CA ARG A 695 31.66 -11.86 -5.63
C ARG A 695 31.77 -11.57 -7.11
N GLY A 696 31.75 -12.62 -7.93
CA GLY A 696 31.86 -12.46 -9.37
C GLY A 696 32.66 -13.55 -10.03
N LYS A 697 33.39 -13.21 -11.10
CA LYS A 697 34.18 -14.18 -11.85
C LYS A 697 35.53 -14.36 -11.14
N ILE A 698 35.60 -15.40 -10.30
CA ILE A 698 36.81 -15.66 -9.53
C ILE A 698 37.98 -16.04 -10.43
N ALA A 699 37.72 -16.44 -11.68
CA ALA A 699 38.81 -16.67 -12.62
C ALA A 699 39.59 -15.39 -12.88
N VAL A 700 38.94 -14.23 -12.77
CA VAL A 700 39.65 -12.97 -12.88
C VAL A 700 40.60 -12.79 -11.70
N LEU A 701 40.24 -13.31 -10.53
CA LEU A 701 41.13 -13.23 -9.38
C LEU A 701 42.28 -14.21 -9.50
N LEU A 702 42.00 -15.43 -9.92
CA LEU A 702 42.88 -16.57 -9.67
C LEU A 702 43.37 -17.20 -10.98
N GLU A 703 43.83 -16.39 -11.91
CA GLU A 703 44.57 -16.93 -13.05
C GLU A 703 46.04 -17.11 -12.66
N PRO A 704 46.66 -18.22 -13.03
CA PRO A 704 48.02 -18.51 -12.53
C PRO A 704 49.04 -17.45 -12.89
N ASN A 705 48.95 -16.87 -14.09
CA ASN A 705 49.95 -15.91 -14.53
C ASN A 705 49.78 -14.55 -13.85
N LYS A 706 48.55 -14.07 -13.72
CA LYS A 706 48.28 -12.71 -13.24
C LYS A 706 47.25 -12.73 -12.12
N SER A 707 47.43 -13.62 -11.16
CA SER A 707 46.55 -13.67 -9.99
C SER A 707 46.78 -12.43 -9.13
N LEU A 708 45.69 -11.83 -8.64
CA LEU A 708 45.79 -10.64 -7.81
C LEU A 708 45.95 -10.96 -6.32
N LEU A 709 45.91 -12.24 -5.95
CA LEU A 709 45.99 -12.61 -4.54
C LEU A 709 47.33 -12.27 -3.92
N LYS A 710 48.37 -12.00 -4.74
CA LYS A 710 49.60 -11.43 -4.19
C LYS A 710 49.31 -10.19 -3.36
N ASN A 711 48.38 -9.35 -3.83
CA ASN A 711 47.99 -8.18 -3.04
C ASN A 711 47.41 -8.59 -1.70
N VAL A 712 46.58 -9.64 -1.70
CA VAL A 712 46.02 -10.15 -0.45
C VAL A 712 47.13 -10.56 0.51
N LYS A 713 48.32 -10.88 -0.02
CA LYS A 713 49.44 -11.23 0.84
C LYS A 713 49.82 -10.06 1.75
N LYS A 714 49.80 -8.83 1.23
CA LYS A 714 50.24 -7.68 2.01
C LYS A 714 49.20 -7.26 3.05
N LEU A 715 47.98 -7.78 3.00
CA LEU A 715 46.96 -7.46 4.00
C LEU A 715 47.24 -8.31 5.22
N GLU A 716 47.98 -7.74 6.18
CA GLU A 716 48.42 -8.49 7.35
C GLU A 716 47.31 -8.75 8.36
N SER A 717 46.27 -7.92 8.38
CA SER A 717 45.22 -8.02 9.39
C SER A 717 44.03 -8.86 8.93
N LEU A 718 44.10 -9.46 7.74
CA LEU A 718 42.98 -10.22 7.22
C LEU A 718 42.78 -11.51 8.00
N GLU A 719 41.53 -11.81 8.35
CA GLU A 719 41.17 -13.07 8.98
C GLU A 719 39.96 -13.74 8.37
N ASN A 720 39.09 -13.01 7.67
CA ASN A 720 37.88 -13.56 7.07
C ASN A 720 37.89 -13.24 5.59
N LEU A 721 37.83 -14.26 4.74
CA LEU A 721 37.75 -14.09 3.30
C LEU A 721 36.56 -14.87 2.76
N LYS A 722 35.82 -14.23 1.86
CA LYS A 722 34.68 -14.85 1.20
C LYS A 722 34.82 -14.66 -0.31
N LEU A 723 34.66 -15.75 -1.06
CA LEU A 723 34.72 -15.69 -2.51
C LEU A 723 33.48 -16.36 -3.09
N ILE A 724 32.85 -15.69 -4.06
CA ILE A 724 31.67 -16.18 -4.73
C ILE A 724 31.96 -16.21 -6.22
N ASN A 725 31.72 -17.35 -6.86
CA ASN A 725 31.99 -17.53 -8.28
C ASN A 725 30.70 -17.28 -9.06
N ASP A 726 30.68 -16.21 -9.85
CA ASP A 726 29.55 -15.89 -10.72
C ASP A 726 29.95 -15.91 -12.18
N SER A 727 31.04 -16.60 -12.53
CA SER A 727 31.46 -16.67 -13.91
C SER A 727 30.45 -17.45 -14.75
N SER A 728 30.39 -17.12 -16.04
CA SER A 728 29.48 -17.81 -16.94
C SER A 728 29.82 -19.29 -17.00
N GLN A 729 31.10 -19.62 -17.09
CA GLN A 729 31.56 -21.00 -17.04
C GLN A 729 32.36 -21.20 -15.76
N THR A 730 31.98 -22.21 -14.97
CA THR A 730 32.67 -22.54 -13.73
C THR A 730 33.29 -23.93 -13.80
N GLY A 731 33.80 -24.30 -14.97
CA GLY A 731 34.35 -25.63 -15.18
C GLY A 731 35.67 -25.87 -14.48
N LYS A 732 36.24 -27.06 -14.67
CA LYS A 732 37.50 -27.41 -14.04
C LYS A 732 38.65 -26.60 -14.63
N GLY A 733 39.81 -26.68 -13.97
CA GLY A 733 40.98 -25.94 -14.39
C GLY A 733 41.45 -24.90 -13.39
N LEU A 734 40.75 -24.71 -12.28
CA LEU A 734 41.16 -23.73 -11.28
C LEU A 734 42.10 -24.38 -10.27
N ARG A 735 43.13 -23.64 -9.87
CA ARG A 735 44.14 -24.15 -8.95
C ARG A 735 44.60 -23.04 -8.01
N LEU A 736 45.08 -23.44 -6.83
CA LEU A 736 45.53 -22.51 -5.82
C LEU A 736 46.97 -22.07 -6.05
N PRO A 737 47.33 -20.87 -5.62
CA PRO A 737 48.73 -20.45 -5.66
C PRO A 737 49.52 -21.11 -4.54
N PRO A 738 50.83 -20.89 -4.46
CA PRO A 738 51.59 -21.44 -3.34
C PRO A 738 51.05 -20.95 -2.00
N SER A 739 51.13 -21.84 -1.00
CA SER A 739 50.42 -21.62 0.26
C SER A 739 50.92 -20.39 1.00
N TYR A 740 52.19 -20.03 0.85
CA TYR A 740 52.73 -18.88 1.58
C TYR A 740 52.18 -17.55 1.08
N ILE A 741 51.45 -17.54 -0.03
CA ILE A 741 50.81 -16.32 -0.50
C ILE A 741 49.78 -15.80 0.49
N PHE A 742 49.16 -16.69 1.29
CA PHE A 742 48.07 -16.31 2.15
C PHE A 742 48.58 -15.55 3.37
N PRO A 743 47.75 -14.70 3.97
CA PRO A 743 48.13 -14.05 5.23
C PRO A 743 48.42 -15.08 6.31
N THR A 744 49.43 -14.79 7.13
CA THR A 744 49.91 -15.75 8.11
C THR A 744 48.96 -15.92 9.29
N LYS A 745 47.94 -15.07 9.42
CA LYS A 745 47.04 -15.13 10.56
C LYS A 745 45.57 -15.21 10.16
N LEU A 746 45.28 -15.66 8.93
CA LEU A 746 43.89 -15.82 8.53
C LEU A 746 43.23 -16.93 9.32
N ARG A 747 41.93 -16.80 9.56
CA ARG A 747 41.18 -17.77 10.35
C ARG A 747 40.04 -18.41 9.58
N LYS A 748 39.25 -17.64 8.85
CA LYS A 748 38.06 -18.13 8.18
C LYS A 748 38.19 -17.87 6.70
N LEU A 749 38.07 -18.92 5.90
CA LEU A 749 37.96 -18.81 4.45
C LEU A 749 36.80 -19.67 3.97
N SER A 750 36.10 -19.19 2.95
CA SER A 750 34.94 -19.90 2.41
C SER A 750 35.05 -19.92 0.89
N LEU A 751 34.96 -21.11 0.31
CA LEU A 751 35.11 -21.31 -1.14
C LEU A 751 33.77 -21.78 -1.70
N VAL A 752 33.30 -21.08 -2.73
CA VAL A 752 32.01 -21.38 -3.36
C VAL A 752 32.19 -21.45 -4.86
N ASP A 753 31.70 -22.54 -5.47
CA ASP A 753 31.68 -22.71 -6.93
C ASP A 753 33.07 -22.59 -7.53
N THR A 754 34.09 -23.00 -6.78
CA THR A 754 35.47 -22.88 -7.24
C THR A 754 35.82 -23.97 -8.25
N TRP A 755 35.29 -25.18 -8.05
CA TRP A 755 35.61 -26.34 -8.88
C TRP A 755 37.11 -26.62 -8.87
N LEU A 756 37.63 -26.90 -7.68
CA LEU A 756 39.04 -27.20 -7.47
C LEU A 756 39.25 -28.69 -7.25
N GLU A 757 40.49 -29.12 -7.49
CA GLU A 757 40.88 -30.50 -7.22
C GLU A 757 41.08 -30.69 -5.72
N TRP A 758 40.86 -31.93 -5.26
CA TRP A 758 41.00 -32.22 -3.84
C TRP A 758 42.40 -31.89 -3.33
N ASN A 759 43.43 -32.31 -4.07
CA ASN A 759 44.82 -32.13 -3.67
C ASN A 759 45.12 -30.70 -3.23
N ASP A 760 44.33 -29.73 -3.68
CA ASP A 760 44.58 -28.33 -3.35
C ASP A 760 44.56 -28.07 -1.85
N MET A 761 43.91 -28.92 -1.04
CA MET A 761 43.91 -28.66 0.39
C MET A 761 45.32 -28.75 0.98
N SER A 762 46.26 -29.35 0.24
CA SER A 762 47.66 -29.32 0.68
C SER A 762 48.11 -27.89 0.93
N ILE A 763 47.71 -26.97 0.05
CA ILE A 763 47.95 -25.55 0.32
C ILE A 763 47.28 -25.15 1.63
N LEU A 764 46.00 -25.48 1.76
CA LEU A 764 45.29 -25.27 3.01
C LEU A 764 45.91 -26.06 4.15
N GLY A 765 46.63 -27.15 3.83
CA GLY A 765 47.32 -27.90 4.87
C GLY A 765 48.51 -27.18 5.46
N GLN A 766 49.04 -26.19 4.75
CA GLN A 766 50.19 -25.45 5.28
C GLN A 766 49.79 -24.49 6.39
N MET A 767 48.58 -23.92 6.32
CA MET A 767 48.14 -22.93 7.28
C MET A 767 47.91 -23.63 8.61
N GLU A 768 48.70 -23.27 9.63
CA GLU A 768 48.64 -23.96 10.91
C GLU A 768 47.57 -23.41 11.84
N HIS A 769 46.97 -22.26 11.53
CA HIS A 769 46.00 -21.63 12.42
C HIS A 769 44.58 -21.63 11.85
N LEU A 770 44.35 -22.32 10.73
CA LEU A 770 43.00 -22.45 10.20
C LEU A 770 42.16 -23.27 11.16
N GLU A 771 40.99 -22.76 11.52
CA GLU A 771 40.12 -23.44 12.48
C GLU A 771 38.71 -23.66 11.97
N VAL A 772 38.17 -22.74 11.16
CA VAL A 772 36.83 -22.88 10.60
C VAL A 772 36.92 -22.72 9.09
N LEU A 773 36.40 -23.71 8.35
CA LEU A 773 36.39 -23.68 6.90
C LEU A 773 35.02 -24.14 6.42
N LYS A 774 34.44 -23.40 5.46
CA LYS A 774 33.13 -23.70 4.91
C LYS A 774 33.24 -23.84 3.40
N LEU A 775 32.69 -24.94 2.88
CA LEU A 775 32.58 -25.17 1.44
C LEU A 775 31.11 -25.19 1.07
N LYS A 776 30.70 -24.30 0.17
CA LYS A 776 29.30 -24.13 -0.20
C LYS A 776 29.18 -24.18 -1.71
N GLU A 777 28.15 -24.88 -2.19
CA GLU A 777 27.75 -24.87 -3.60
C GLU A 777 28.92 -25.25 -4.51
N ASN A 778 29.33 -26.51 -4.37
CA ASN A 778 30.38 -27.11 -5.21
C ASN A 778 31.73 -26.42 -4.99
N GLY A 779 32.12 -26.27 -3.72
CA GLY A 779 33.44 -25.74 -3.42
C GLY A 779 34.54 -26.71 -3.79
N PHE A 780 34.39 -27.98 -3.39
CA PHE A 780 35.37 -29.02 -3.64
C PHE A 780 34.68 -30.24 -4.24
N MET A 781 35.38 -30.92 -5.13
CA MET A 781 34.88 -32.16 -5.71
C MET A 781 36.06 -33.02 -6.16
N GLY A 782 35.72 -34.18 -6.73
CA GLY A 782 36.71 -35.17 -7.09
C GLY A 782 36.34 -36.52 -6.53
N GLU A 783 36.47 -37.59 -7.34
CA GLU A 783 36.03 -38.91 -6.91
C GLU A 783 36.85 -39.39 -5.71
N CYS A 784 38.16 -39.19 -5.74
CA CYS A 784 39.06 -39.64 -4.68
C CYS A 784 39.55 -38.43 -3.90
N TRP A 785 39.36 -38.46 -2.59
CA TRP A 785 39.84 -37.42 -1.69
C TRP A 785 40.80 -38.06 -0.71
N GLU A 786 42.08 -37.69 -0.81
CA GLU A 786 43.12 -38.22 0.07
C GLU A 786 43.62 -37.09 0.96
N SER A 787 43.61 -37.32 2.27
CA SER A 787 44.02 -36.30 3.23
C SER A 787 45.53 -36.16 3.21
N VAL A 788 46.01 -34.98 2.83
CA VAL A 788 47.43 -34.69 2.75
C VAL A 788 47.74 -33.48 3.62
N GLY A 789 48.79 -33.58 4.43
CA GLY A 789 49.16 -32.53 5.34
C GLY A 789 48.39 -32.59 6.65
N GLY A 790 48.78 -31.72 7.58
CA GLY A 790 48.17 -31.70 8.89
C GLY A 790 47.56 -30.37 9.26
N PHE A 791 46.24 -30.34 9.44
CA PHE A 791 45.53 -29.15 9.90
C PHE A 791 45.69 -29.08 11.41
N CYS A 792 46.75 -28.39 11.86
CA CYS A 792 47.14 -28.45 13.26
C CYS A 792 46.12 -27.79 14.19
N SER A 793 45.24 -26.93 13.68
CA SER A 793 44.32 -26.21 14.55
C SER A 793 42.92 -26.15 13.96
N LEU A 794 42.58 -27.08 13.05
CA LEU A 794 41.26 -27.08 12.44
C LEU A 794 40.22 -27.53 13.47
N LEU A 795 39.14 -26.75 13.59
CA LEU A 795 38.05 -27.06 14.50
C LEU A 795 36.77 -27.42 13.77
N VAL A 796 36.36 -26.60 12.79
CA VAL A 796 35.10 -26.78 12.09
C VAL A 796 35.37 -26.82 10.59
N LEU A 797 34.85 -27.85 9.92
CA LEU A 797 34.83 -27.92 8.47
C LEU A 797 33.40 -28.14 8.00
N TRP A 798 33.01 -27.44 6.94
CA TRP A 798 31.62 -27.36 6.51
C TRP A 798 31.57 -27.54 5.00
N ILE A 799 31.01 -28.66 4.54
CA ILE A 799 30.92 -28.99 3.12
C ILE A 799 29.46 -29.23 2.77
N GLU A 800 29.02 -28.62 1.66
CA GLU A 800 27.62 -28.68 1.25
C GLU A 800 27.53 -28.96 -0.24
N ARG A 801 26.79 -30.02 -0.60
CA ARG A 801 26.43 -30.35 -1.98
C ARG A 801 27.68 -30.54 -2.84
N THR A 802 28.42 -31.60 -2.50
CA THR A 802 29.56 -32.03 -3.30
C THR A 802 29.31 -33.46 -3.78
N ASP A 803 29.84 -33.78 -4.96
CA ASP A 803 29.74 -35.12 -5.53
C ASP A 803 30.92 -36.01 -5.15
N LEU A 804 31.53 -35.74 -4.00
CA LEU A 804 32.64 -36.55 -3.51
C LEU A 804 32.21 -38.02 -3.38
N VAL A 805 33.11 -38.92 -3.79
CA VAL A 805 32.84 -40.36 -3.75
C VAL A 805 33.60 -41.02 -2.60
N SER A 806 34.92 -40.97 -2.61
CA SER A 806 35.75 -41.66 -1.64
C SER A 806 36.65 -40.66 -0.92
N TRP A 807 36.71 -40.78 0.41
CA TRP A 807 37.57 -39.93 1.22
C TRP A 807 38.37 -40.80 2.19
N LYS A 808 39.68 -40.57 2.25
CA LYS A 808 40.56 -41.23 3.19
C LYS A 808 41.16 -40.19 4.12
N ALA A 809 41.12 -40.45 5.43
CA ALA A 809 41.60 -39.50 6.41
C ALA A 809 42.16 -40.25 7.60
N SER A 810 43.00 -39.55 8.37
CA SER A 810 43.60 -40.10 9.57
C SER A 810 43.53 -39.07 10.68
N ALA A 811 43.81 -39.51 11.91
CA ALA A 811 43.77 -38.62 13.06
C ALA A 811 44.83 -37.54 12.98
N ASP A 812 46.00 -37.86 12.41
CA ASP A 812 47.07 -36.87 12.32
C ASP A 812 46.69 -35.73 11.37
N HIS A 813 45.91 -36.01 10.33
CA HIS A 813 45.53 -34.96 9.39
C HIS A 813 44.68 -33.89 10.07
N PHE A 814 43.73 -34.31 10.91
CA PHE A 814 42.82 -33.39 11.61
C PHE A 814 42.83 -33.73 13.10
N PRO A 815 43.89 -33.34 13.82
CA PRO A 815 44.00 -33.76 15.22
C PRO A 815 43.04 -33.06 16.17
N ARG A 816 42.41 -31.95 15.75
CA ARG A 816 41.64 -31.14 16.69
C ARG A 816 40.26 -30.76 16.15
N LEU A 817 39.69 -31.53 15.23
CA LEU A 817 38.38 -31.19 14.68
C LEU A 817 37.30 -31.33 15.74
N LYS A 818 36.35 -30.41 15.73
CA LYS A 818 35.23 -30.41 16.68
C LYS A 818 33.88 -30.50 16.00
N HIS A 819 33.66 -29.77 14.92
CA HIS A 819 32.38 -29.75 14.21
C HIS A 819 32.61 -30.19 12.78
N LEU A 820 31.82 -31.15 12.32
CA LEU A 820 31.95 -31.72 10.98
C LEU A 820 30.57 -31.83 10.35
N VAL A 821 30.44 -31.31 9.13
CA VAL A 821 29.15 -31.21 8.45
C VAL A 821 29.31 -31.65 7.00
N LEU A 822 28.42 -32.55 6.55
CA LEU A 822 28.28 -32.88 5.14
C LEU A 822 26.82 -32.71 4.76
N ILE A 823 26.57 -32.01 3.65
CA ILE A 823 25.21 -31.73 3.18
C ILE A 823 25.13 -32.06 1.70
N CYS A 824 24.08 -32.79 1.31
CA CYS A 824 23.78 -33.09 -0.09
C CYS A 824 24.95 -33.81 -0.77
N CYS A 825 25.56 -34.75 -0.05
CA CYS A 825 26.61 -35.60 -0.61
C CYS A 825 25.95 -36.85 -1.19
N ASP A 826 25.52 -36.74 -2.45
CA ASP A 826 24.76 -37.79 -3.10
C ASP A 826 25.61 -38.94 -3.60
N LYS A 827 26.93 -38.85 -3.51
CA LYS A 827 27.80 -39.87 -4.06
C LYS A 827 28.87 -40.37 -3.10
N LEU A 828 28.84 -39.95 -1.83
CA LEU A 828 29.87 -40.39 -0.89
C LEU A 828 29.78 -41.89 -0.64
N LYS A 829 30.92 -42.56 -0.73
CA LYS A 829 30.95 -44.00 -0.52
C LYS A 829 31.07 -44.36 0.95
N GLU A 830 32.04 -43.77 1.65
CA GLU A 830 32.25 -44.09 3.05
C GLU A 830 32.93 -42.92 3.75
N ILE A 831 32.66 -42.80 5.05
CA ILE A 831 33.32 -41.83 5.91
C ILE A 831 34.48 -42.55 6.58
N PRO A 832 35.67 -41.94 6.66
CA PRO A 832 36.81 -42.63 7.28
C PRO A 832 36.51 -43.06 8.70
N ILE A 833 36.82 -44.33 8.99
CA ILE A 833 36.55 -44.89 10.31
C ILE A 833 37.45 -44.26 11.36
N GLY A 834 38.71 -43.97 10.99
CA GLY A 834 39.66 -43.42 11.94
C GLY A 834 39.26 -42.08 12.51
N LEU A 835 38.33 -41.37 11.87
CA LEU A 835 37.82 -40.13 12.42
C LEU A 835 37.14 -40.36 13.77
N ALA A 836 36.53 -41.54 13.96
CA ALA A 836 35.94 -41.87 15.24
C ALA A 836 36.98 -42.06 16.33
N ASP A 837 38.24 -42.26 15.96
CA ASP A 837 39.31 -42.38 16.95
C ASP A 837 39.78 -41.05 17.50
N ILE A 838 39.32 -39.94 16.93
CA ILE A 838 39.72 -38.61 17.39
C ILE A 838 38.84 -38.22 18.58
N ARG A 839 39.50 -37.85 19.68
CA ARG A 839 38.77 -37.50 20.89
C ARG A 839 37.92 -36.25 20.71
N SER A 840 38.46 -35.25 20.01
CA SER A 840 37.77 -33.97 19.86
C SER A 840 36.57 -34.05 18.92
N PHE A 841 36.39 -35.15 18.20
CA PHE A 841 35.27 -35.30 17.28
C PHE A 841 34.00 -35.43 18.10
N GLN A 842 33.11 -34.43 18.02
CA GLN A 842 31.94 -34.36 18.87
C GLN A 842 30.63 -34.36 18.10
N VAL A 843 30.48 -33.51 17.08
CA VAL A 843 29.21 -33.30 16.40
C VAL A 843 29.35 -33.73 14.95
N MET A 844 28.33 -34.40 14.44
CA MET A 844 28.35 -34.98 13.10
C MET A 844 26.94 -35.00 12.55
N GLU A 845 26.80 -34.75 11.25
CA GLU A 845 25.50 -34.57 10.62
C GLU A 845 25.55 -35.06 9.19
N LEU A 846 24.40 -35.53 8.69
CA LEU A 846 24.24 -35.96 7.31
C LEU A 846 23.00 -35.30 6.71
N GLN A 847 23.05 -35.04 5.40
CA GLN A 847 21.90 -34.56 4.66
C GLN A 847 22.01 -35.02 3.22
N ASN A 848 20.96 -35.69 2.72
CA ASN A 848 20.92 -36.21 1.36
C ASN A 848 22.14 -37.08 1.07
N SER A 849 22.49 -37.91 2.03
CA SER A 849 23.66 -38.78 1.91
C SER A 849 23.26 -40.15 1.38
N THR A 850 24.26 -40.91 0.97
CA THR A 850 24.03 -42.27 0.47
C THR A 850 23.77 -43.22 1.63
N LYS A 851 23.18 -44.37 1.29
CA LYS A 851 22.93 -45.40 2.31
C LYS A 851 24.25 -45.96 2.84
N THR A 852 25.25 -46.10 1.97
CA THR A 852 26.57 -46.51 2.43
C THR A 852 27.15 -45.49 3.39
N ALA A 853 26.98 -44.20 3.08
CA ALA A 853 27.39 -43.15 4.02
C ALA A 853 26.62 -43.27 5.33
N ALA A 854 25.33 -43.63 5.25
CA ALA A 854 24.51 -43.76 6.45
C ALA A 854 25.02 -44.89 7.35
N ILE A 855 25.32 -46.05 6.75
CA ILE A 855 25.79 -47.17 7.58
C ILE A 855 27.20 -46.89 8.10
N SER A 856 28.05 -46.23 7.31
CA SER A 856 29.36 -45.84 7.83
C SER A 856 29.21 -44.87 8.99
N ALA A 857 28.26 -43.93 8.89
CA ALA A 857 28.00 -43.00 9.99
C ALA A 857 27.52 -43.73 11.24
N ARG A 858 26.63 -44.71 11.06
CA ARG A 858 26.14 -45.47 12.21
C ARG A 858 27.27 -46.25 12.87
N GLY A 859 28.14 -46.86 12.05
CA GLY A 859 29.29 -47.56 12.61
C GLY A 859 30.24 -46.64 13.34
N ILE A 860 30.47 -45.44 12.80
CA ILE A 860 31.31 -44.46 13.46
C ILE A 860 30.70 -44.05 14.80
N ARG A 861 29.38 -43.85 14.82
CA ARG A 861 28.70 -43.49 16.06
C ARG A 861 28.83 -44.60 17.10
N ASP A 862 28.65 -45.85 16.67
CA ASP A 862 28.78 -46.97 17.61
C ASP A 862 30.20 -47.07 18.15
N LYS A 863 31.19 -46.90 17.27
CA LYS A 863 32.59 -46.97 17.71
C LYS A 863 32.91 -45.86 18.70
N LYS A 864 32.45 -44.64 18.42
CA LYS A 864 32.74 -43.52 19.31
C LYS A 864 32.00 -43.66 20.64
N ASP A 865 30.78 -44.21 20.62
CA ASP A 865 30.07 -44.46 21.88
C ASP A 865 30.78 -45.53 22.70
N LYS A 866 31.29 -46.57 22.04
CA LYS A 866 32.06 -47.58 22.74
C LYS A 866 33.35 -46.99 23.32
N GLN A 867 33.99 -46.08 22.58
CA GLN A 867 35.15 -45.37 23.11
C GLN A 867 34.77 -44.53 24.34
N THR A 868 33.60 -43.89 24.28
CA THR A 868 33.10 -43.15 25.43
C THR A 868 32.91 -44.07 26.63
N GLN A 869 32.40 -45.27 26.39
CA GLN A 869 32.36 -46.27 27.45
C GLN A 869 33.76 -46.70 27.90
N GLU A 870 34.75 -46.55 27.03
CA GLU A 870 36.13 -46.89 27.39
C GLU A 870 36.82 -45.75 28.16
N GLY A 871 36.91 -44.57 27.55
CA GLY A 871 37.62 -43.45 28.13
C GLY A 871 36.67 -42.46 28.81
N THR A 872 37.28 -41.37 29.29
CA THR A 872 36.54 -40.32 29.98
C THR A 872 36.03 -39.27 29.00
N ASN A 873 35.23 -39.74 28.04
CA ASN A 873 34.62 -38.87 27.04
C ASN A 873 33.34 -38.28 27.63
N ASN A 874 33.51 -37.16 28.34
CA ASN A 874 32.38 -36.52 29.01
C ASN A 874 31.34 -36.04 28.00
N ASN A 875 31.79 -35.45 26.90
CA ASN A 875 30.88 -34.94 25.86
C ASN A 875 30.46 -36.10 24.99
N GLY A 876 29.20 -36.53 25.13
CA GLY A 876 28.71 -37.64 24.34
C GLY A 876 28.66 -37.28 22.86
N PHE A 877 28.86 -38.29 22.02
CA PHE A 877 28.85 -38.08 20.58
C PHE A 877 27.46 -37.67 20.10
N LYS A 878 27.41 -36.79 19.11
CA LYS A 878 26.16 -36.30 18.53
C LYS A 878 26.10 -36.76 17.07
N LEU A 879 25.11 -37.58 16.76
CA LEU A 879 24.81 -37.99 15.40
C LEU A 879 23.39 -37.59 15.05
N SER A 880 23.20 -37.14 13.81
CA SER A 880 21.90 -36.67 13.33
C SER A 880 21.37 -37.68 12.32
N ILE A 881 20.25 -38.34 12.65
CA ILE A 881 19.63 -39.31 11.70
C ILE A 881 18.64 -38.53 10.82
N PHE A 882 19.15 -37.60 10.02
CA PHE A 882 18.26 -36.77 9.16
C PHE A 882 18.57 -37.00 7.68
N PRO A 883 17.56 -37.25 6.83
CA PRO A 883 16.20 -37.50 7.30
C PRO A 883 16.04 -38.95 7.80
N PRO A 884 15.23 -39.20 8.86
CA PRO A 884 15.02 -40.56 9.35
C PRO A 884 14.08 -41.38 8.48
N ASP A 885 13.67 -40.88 7.32
CA ASP A 885 12.75 -41.59 6.45
C ASP A 885 13.40 -42.83 5.85
N ASP B 152 -37.47 26.13 -9.00
CA ASP B 152 -38.15 26.30 -7.72
C ASP B 152 -38.87 25.02 -7.31
N ASP B 153 -38.18 23.90 -7.43
CA ASP B 153 -38.74 22.60 -7.06
C ASP B 153 -38.54 22.30 -5.58
N VAL B 154 -38.97 23.23 -4.73
CA VAL B 154 -38.93 23.08 -3.28
C VAL B 154 -40.32 23.43 -2.76
N VAL B 155 -40.96 22.47 -2.10
CA VAL B 155 -42.34 22.64 -1.65
C VAL B 155 -42.39 22.48 -0.13
N GLY B 156 -42.92 23.50 0.55
CA GLY B 156 -43.17 23.42 1.97
C GLY B 156 -41.98 23.68 2.86
N PHE B 157 -40.81 23.94 2.29
CA PHE B 157 -39.60 24.21 3.06
C PHE B 157 -39.36 25.70 3.27
N GLU B 158 -40.27 26.55 2.79
CA GLU B 158 -40.05 27.99 2.86
C GLU B 158 -39.97 28.47 4.31
N GLU B 159 -40.86 27.99 5.17
CA GLU B 159 -40.84 28.41 6.58
C GLU B 159 -39.58 27.88 7.28
N GLU B 160 -39.23 26.61 7.04
CA GLU B 160 -38.04 26.05 7.66
C GLU B 160 -36.79 26.77 7.19
N ALA B 161 -36.70 27.01 5.88
CA ALA B 161 -35.54 27.73 5.33
C ALA B 161 -35.46 29.14 5.89
N ASP B 162 -36.61 29.82 6.02
CA ASP B 162 -36.61 31.17 6.56
C ASP B 162 -36.14 31.19 8.01
N LYS B 163 -36.61 30.24 8.82
CA LYS B 163 -36.20 30.20 10.22
C LYS B 163 -34.72 29.82 10.34
N VAL B 164 -34.23 28.93 9.47
CA VAL B 164 -32.80 28.59 9.49
C VAL B 164 -31.97 29.80 9.12
N ILE B 165 -32.40 30.55 8.09
CA ILE B 165 -31.68 31.76 7.69
C ILE B 165 -31.68 32.77 8.82
N ASN B 166 -32.81 32.91 9.51
CA ASN B 166 -32.88 33.81 10.65
C ASN B 166 -31.89 33.39 11.75
N ARG B 167 -31.75 32.08 11.96
CA ARG B 167 -30.75 31.60 12.91
C ARG B 167 -29.34 31.95 12.46
N LEU B 168 -29.07 31.77 11.16
CA LEU B 168 -27.72 32.03 10.65
C LEU B 168 -27.35 33.50 10.79
N LEU B 169 -28.20 34.40 10.29
CA LEU B 169 -27.88 35.81 10.31
C LEU B 169 -27.82 36.36 11.73
N GLY B 170 -28.64 35.83 12.63
CA GLY B 170 -28.62 36.21 14.02
C GLY B 170 -27.70 35.34 14.84
N GLY B 171 -28.00 35.23 16.13
CA GLY B 171 -27.21 34.39 17.01
C GLY B 171 -25.92 35.06 17.43
N SER B 172 -24.96 34.22 17.83
CA SER B 172 -23.68 34.71 18.32
C SER B 172 -22.89 35.39 17.20
N SER B 173 -22.07 36.35 17.59
CA SER B 173 -21.24 37.10 16.65
C SER B 173 -19.94 36.39 16.30
N GLY B 174 -19.65 35.26 16.93
CA GLY B 174 -18.45 34.49 16.61
C GLY B 174 -18.75 33.27 15.79
N LEU B 175 -17.93 32.23 15.92
CA LEU B 175 -18.19 30.98 15.23
C LEU B 175 -19.48 30.35 15.73
N GLU B 176 -20.29 29.86 14.79
CA GLU B 176 -21.56 29.25 15.13
C GLU B 176 -21.87 28.14 14.14
N VAL B 177 -22.28 26.98 14.66
CA VAL B 177 -22.58 25.80 13.86
C VAL B 177 -24.05 25.46 14.07
N VAL B 178 -24.80 25.36 12.98
CA VAL B 178 -26.18 24.89 13.03
C VAL B 178 -26.21 23.45 12.52
N PRO B 179 -26.65 22.49 13.33
CA PRO B 179 -26.82 21.12 12.83
C PRO B 179 -28.24 20.84 12.37
N VAL B 180 -28.37 20.11 11.28
CA VAL B 180 -29.66 19.68 10.75
C VAL B 180 -29.68 18.17 10.84
N VAL B 181 -30.56 17.63 11.69
CA VAL B 181 -30.68 16.20 11.89
C VAL B 181 -31.99 15.74 11.29
N GLY B 182 -32.02 14.50 10.83
CA GLY B 182 -33.22 13.95 10.23
C GLY B 182 -32.97 12.58 9.65
N MET B 183 -34.07 11.85 9.48
CA MET B 183 -34.01 10.53 8.86
C MET B 183 -33.65 10.69 7.38
N PRO B 184 -32.71 9.87 6.88
CA PRO B 184 -32.19 10.08 5.53
C PRO B 184 -33.29 10.13 4.47
N GLY B 185 -33.12 11.02 3.50
CA GLY B 185 -34.10 11.23 2.46
C GLY B 185 -35.20 12.21 2.79
N LEU B 186 -35.21 12.75 4.01
CA LEU B 186 -36.25 13.68 4.42
C LEU B 186 -36.07 15.07 3.81
N GLY B 187 -34.88 15.40 3.33
CA GLY B 187 -34.67 16.68 2.67
C GLY B 187 -33.59 17.53 3.29
N LYS B 188 -32.69 16.92 4.05
CA LYS B 188 -31.61 17.67 4.70
C LYS B 188 -30.69 18.30 3.66
N THR B 189 -30.18 17.49 2.73
CA THR B 189 -29.29 18.03 1.71
C THR B 189 -30.04 18.93 0.73
N THR B 190 -31.31 18.59 0.44
CA THR B 190 -32.10 19.46 -0.42
C THR B 190 -32.33 20.83 0.22
N LEU B 191 -32.65 20.84 1.51
CA LEU B 191 -32.81 22.11 2.21
C LEU B 191 -31.49 22.87 2.27
N ALA B 192 -30.38 22.15 2.45
CA ALA B 192 -29.07 22.80 2.44
C ALA B 192 -28.78 23.44 1.09
N ASN B 193 -29.13 22.74 0.00
CA ASN B 193 -28.94 23.29 -1.33
C ASN B 193 -29.81 24.52 -1.54
N LYS B 194 -31.06 24.47 -1.08
CA LYS B 194 -31.92 25.65 -1.19
C LYS B 194 -31.35 26.84 -0.42
N ILE B 195 -30.83 26.58 0.77
CA ILE B 195 -30.19 27.64 1.55
C ILE B 195 -28.96 28.18 0.82
N TYR B 196 -28.21 27.28 0.18
CA TYR B 196 -27.00 27.68 -0.52
C TYR B 196 -27.32 28.63 -1.68
N LYS B 197 -28.41 28.35 -2.40
CA LYS B 197 -28.77 29.13 -3.58
C LYS B 197 -29.70 30.29 -3.28
N HIS B 198 -30.10 30.47 -2.02
CA HIS B 198 -30.99 31.58 -1.69
C HIS B 198 -30.26 32.91 -1.88
N PRO B 199 -30.93 33.91 -2.45
CA PRO B 199 -30.22 35.16 -2.78
C PRO B 199 -29.80 35.97 -1.56
N ASP B 200 -30.63 36.03 -0.52
CA ASP B 200 -30.33 36.91 0.60
C ASP B 200 -29.07 36.46 1.34
N ILE B 201 -28.97 35.16 1.63
CA ILE B 201 -27.79 34.65 2.33
C ILE B 201 -26.55 34.79 1.47
N GLY B 202 -26.67 34.49 0.17
CA GLY B 202 -25.52 34.65 -0.71
C GLY B 202 -25.03 36.07 -0.79
N TYR B 203 -25.95 37.04 -0.80
CA TYR B 203 -25.57 38.44 -0.76
C TYR B 203 -24.93 38.80 0.57
N GLN B 204 -25.46 38.24 1.67
CA GLN B 204 -24.92 38.56 2.99
C GLN B 204 -23.59 37.87 3.24
N PHE B 205 -23.39 36.67 2.70
CA PHE B 205 -22.16 35.91 2.94
C PHE B 205 -21.16 36.17 1.83
N PHE B 206 -19.93 36.50 2.22
CA PHE B 206 -18.90 36.80 1.22
C PHE B 206 -18.40 35.54 0.53
N THR B 207 -18.25 34.45 1.27
CA THR B 207 -17.67 33.21 0.75
C THR B 207 -18.62 32.05 1.03
N ARG B 208 -18.90 31.25 0.00
CA ARG B 208 -19.84 30.14 0.11
C ARG B 208 -19.18 28.89 -0.46
N ILE B 209 -18.80 27.95 0.41
CA ILE B 209 -18.15 26.71 0.03
C ILE B 209 -19.10 25.55 0.27
N TRP B 210 -19.20 24.66 -0.71
CA TRP B 210 -19.92 23.40 -0.58
C TRP B 210 -18.92 22.27 -0.37
N VAL B 211 -19.11 21.48 0.69
CA VAL B 211 -18.21 20.41 1.05
C VAL B 211 -19.02 19.12 1.20
N TYR B 212 -18.54 18.05 0.56
CA TYR B 212 -19.15 16.73 0.68
C TYR B 212 -18.24 15.85 1.52
N VAL B 213 -18.81 15.25 2.58
CA VAL B 213 -18.02 14.48 3.53
C VAL B 213 -18.26 12.99 3.32
N SER B 214 -19.52 12.56 3.44
CA SER B 214 -19.90 11.14 3.34
C SER B 214 -19.27 10.31 4.45
N GLN B 215 -19.58 9.02 4.47
CA GLN B 215 -19.04 8.15 5.51
C GLN B 215 -17.56 7.86 5.29
N SER B 216 -17.17 7.56 4.05
CA SER B 216 -15.79 7.22 3.73
C SER B 216 -15.00 8.47 3.33
N TYR B 217 -14.95 9.42 4.27
CA TYR B 217 -14.26 10.66 4.04
C TYR B 217 -12.76 10.50 4.27
N ARG B 218 -11.97 11.19 3.44
CA ARG B 218 -10.52 11.23 3.57
C ARG B 218 -10.12 12.68 3.84
N ARG B 219 -9.49 12.93 4.98
CA ARG B 219 -9.18 14.30 5.38
C ARG B 219 -8.23 14.97 4.39
N ARG B 220 -7.21 14.24 3.93
CA ARG B 220 -6.30 14.80 2.94
C ARG B 220 -7.03 15.09 1.63
N GLU B 221 -7.86 14.16 1.17
CA GLU B 221 -8.62 14.39 -0.06
C GLU B 221 -9.56 15.57 0.11
N LEU B 222 -10.22 15.66 1.27
CA LEU B 222 -11.13 16.79 1.51
C LEU B 222 -10.38 18.11 1.51
N PHE B 223 -9.21 18.16 2.15
CA PHE B 223 -8.43 19.40 2.17
C PHE B 223 -7.96 19.77 0.76
N LEU B 224 -7.57 18.77 -0.04
CA LEU B 224 -7.26 19.04 -1.44
C LEU B 224 -8.45 19.62 -2.17
N ASN B 225 -9.65 19.09 -1.91
CA ASN B 225 -10.85 19.58 -2.56
C ASN B 225 -11.12 21.04 -2.19
N ILE B 226 -10.99 21.39 -0.91
CA ILE B 226 -11.19 22.79 -0.52
C ILE B 226 -10.13 23.68 -1.14
N ILE B 227 -8.87 23.24 -1.15
CA ILE B 227 -7.79 24.06 -1.69
C ILE B 227 -8.00 24.29 -3.18
N SER B 228 -8.52 23.29 -3.89
CA SER B 228 -8.76 23.43 -5.32
C SER B 228 -9.77 24.52 -5.64
N LYS B 229 -10.58 24.93 -4.66
CA LYS B 229 -11.57 25.98 -4.88
C LYS B 229 -11.00 27.38 -4.74
N PHE B 230 -9.72 27.52 -4.37
CA PHE B 230 -9.10 28.81 -4.18
C PHE B 230 -8.00 29.10 -5.20
N THR B 231 -7.01 28.23 -5.31
CA THR B 231 -5.86 28.45 -6.17
C THR B 231 -5.80 27.37 -7.23
N ARG B 232 -5.70 27.79 -8.50
CA ARG B 232 -5.60 26.81 -9.59
C ARG B 232 -4.25 26.10 -9.56
N ASN B 233 -3.18 26.80 -9.16
CA ASN B 233 -1.85 26.24 -9.11
C ASN B 233 -1.76 25.32 -7.90
N THR B 234 -2.15 24.06 -8.08
CA THR B 234 -2.23 23.09 -7.00
C THR B 234 -0.98 22.23 -6.88
N LYS B 235 0.04 22.46 -7.71
CA LYS B 235 1.23 21.62 -7.64
C LYS B 235 2.00 21.82 -6.34
N GLN B 236 1.94 23.03 -5.77
CA GLN B 236 2.68 23.31 -4.54
C GLN B 236 1.99 22.71 -3.32
N TYR B 237 0.70 22.39 -3.40
CA TYR B 237 -0.05 21.88 -2.25
C TYR B 237 -0.08 20.36 -2.17
N HIS B 238 0.52 19.67 -3.14
CA HIS B 238 0.47 18.21 -3.13
C HIS B 238 1.42 17.59 -2.11
N ASP B 239 2.44 18.35 -1.67
CA ASP B 239 3.47 17.80 -0.80
C ASP B 239 3.25 18.11 0.66
N MET B 240 2.60 19.23 0.99
CA MET B 240 2.46 19.65 2.37
C MET B 240 1.54 18.70 3.14
N CYS B 241 1.84 18.53 4.42
CA CYS B 241 1.07 17.66 5.29
C CYS B 241 -0.29 18.28 5.63
N GLU B 242 -1.16 17.46 6.23
CA GLU B 242 -2.58 17.80 6.33
C GLU B 242 -2.80 19.10 7.09
N GLU B 243 -2.12 19.27 8.23
CA GLU B 243 -2.29 20.51 8.98
C GLU B 243 -1.77 21.73 8.21
N ASP B 244 -0.85 21.51 7.27
CA ASP B 244 -0.39 22.64 6.45
C ASP B 244 -1.50 23.15 5.53
N LEU B 245 -2.23 22.25 4.87
CA LEU B 245 -3.39 22.70 4.11
C LEU B 245 -4.49 23.21 5.03
N ALA B 246 -4.57 22.70 6.25
CA ALA B 246 -5.51 23.26 7.21
C ALA B 246 -5.21 24.72 7.49
N ASP B 247 -3.93 25.04 7.70
CA ASP B 247 -3.53 26.43 7.91
C ASP B 247 -3.71 27.26 6.65
N GLU B 248 -3.47 26.66 5.48
CA GLU B 248 -3.70 27.36 4.22
C GLU B 248 -5.16 27.75 4.06
N ILE B 249 -6.08 26.82 4.37
CA ILE B 249 -7.50 27.13 4.35
C ILE B 249 -7.82 28.20 5.39
N GLU B 250 -7.20 28.11 6.57
CA GLU B 250 -7.43 29.10 7.61
C GLU B 250 -7.10 30.50 7.11
N ASP B 251 -5.93 30.67 6.48
CA ASP B 251 -5.57 32.00 6.00
C ASP B 251 -6.38 32.41 4.78
N PHE B 252 -6.77 31.45 3.93
CA PHE B 252 -7.59 31.79 2.78
C PHE B 252 -8.94 32.36 3.20
N LEU B 253 -9.59 31.74 4.19
CA LEU B 253 -10.83 32.30 4.71
C LEU B 253 -10.58 33.52 5.60
N GLY B 254 -9.38 33.65 6.16
CA GLY B 254 -9.06 34.86 6.90
C GLY B 254 -8.96 36.07 5.99
N LYS B 255 -8.42 35.89 4.79
CA LYS B 255 -8.33 37.00 3.84
C LYS B 255 -9.72 37.48 3.42
N GLY B 256 -10.70 36.59 3.38
CA GLY B 256 -12.05 36.96 3.02
C GLY B 256 -12.83 37.50 4.22
N GLY B 257 -14.11 37.73 3.98
CA GLY B 257 -15.02 38.26 4.98
C GLY B 257 -15.87 37.18 5.62
N LYS B 258 -17.10 37.55 5.97
CA LYS B 258 -18.02 36.61 6.57
C LYS B 258 -18.29 35.44 5.62
N TYR B 259 -18.21 34.22 6.15
CA TYR B 259 -18.30 33.02 5.32
C TYR B 259 -19.08 31.93 6.04
N LEU B 260 -19.59 30.99 5.23
CA LEU B 260 -20.29 29.82 5.72
C LEU B 260 -19.71 28.58 5.05
N ILE B 261 -19.65 27.49 5.80
CA ILE B 261 -19.12 26.23 5.31
C ILE B 261 -20.21 25.17 5.45
N VAL B 262 -20.51 24.48 4.36
CA VAL B 262 -21.59 23.50 4.33
C VAL B 262 -20.96 22.11 4.35
N LEU B 263 -21.25 21.34 5.40
CA LEU B 263 -20.74 19.97 5.55
C LEU B 263 -21.91 19.00 5.49
N ASP B 264 -22.01 18.27 4.38
CA ASP B 264 -23.10 17.33 4.17
C ASP B 264 -22.70 15.92 4.57
N ASP B 265 -23.64 15.22 5.20
CA ASP B 265 -23.51 13.79 5.49
C ASP B 265 -22.28 13.49 6.37
N VAL B 266 -22.32 14.02 7.58
CA VAL B 266 -21.33 13.70 8.60
C VAL B 266 -21.88 12.60 9.49
N TRP B 267 -21.13 11.51 9.64
CA TRP B 267 -21.64 10.32 10.31
C TRP B 267 -21.14 10.15 11.74
N SER B 268 -19.93 10.62 12.05
CA SER B 268 -19.38 10.39 13.37
C SER B 268 -18.83 11.68 13.96
N PRO B 269 -18.95 11.87 15.27
CA PRO B 269 -18.45 13.12 15.89
C PRO B 269 -16.94 13.30 15.76
N ASP B 270 -16.18 12.21 15.74
CA ASP B 270 -14.72 12.35 15.65
C ASP B 270 -14.32 12.97 14.32
N ALA B 271 -15.06 12.67 13.25
CA ALA B 271 -14.80 13.32 11.97
C ALA B 271 -15.02 14.82 12.06
N TRP B 272 -16.10 15.23 12.73
CA TRP B 272 -16.35 16.66 12.92
C TRP B 272 -15.24 17.30 13.74
N GLU B 273 -14.76 16.62 14.78
CA GLU B 273 -13.67 17.15 15.58
C GLU B 273 -12.40 17.29 14.75
N ARG B 274 -12.12 16.32 13.89
CA ARG B 274 -10.90 16.36 13.09
C ARG B 274 -10.96 17.41 11.99
N ILE B 275 -12.16 17.69 11.48
CA ILE B 275 -12.29 18.71 10.44
C ILE B 275 -12.45 20.12 11.00
N ARG B 276 -12.93 20.26 12.23
CA ARG B 276 -13.16 21.58 12.81
C ARG B 276 -11.86 22.37 13.00
N ILE B 277 -10.73 21.68 13.10
CA ILE B 277 -9.46 22.37 13.36
C ILE B 277 -9.06 23.29 12.21
N ALA B 278 -9.65 23.12 11.03
CA ALA B 278 -9.31 23.94 9.88
C ALA B 278 -10.10 25.23 9.80
N PHE B 279 -11.01 25.48 10.75
CA PHE B 279 -11.87 26.66 10.73
C PHE B 279 -11.52 27.58 11.90
N PRO B 280 -10.80 28.67 11.67
CA PRO B 280 -10.41 29.54 12.78
C PRO B 280 -11.57 30.38 13.29
N ASN B 281 -11.39 30.89 14.51
CA ASN B 281 -12.38 31.76 15.16
C ASN B 281 -11.87 33.19 15.08
N ASN B 282 -12.30 33.90 14.04
CA ASN B 282 -11.87 35.28 13.80
C ASN B 282 -12.91 36.30 14.24
N ASN B 283 -13.94 35.86 14.97
CA ASN B 283 -15.01 36.75 15.44
C ASN B 283 -15.68 37.49 14.29
N LYS B 284 -15.86 36.81 13.16
CA LYS B 284 -16.49 37.41 11.98
C LYS B 284 -17.86 36.79 11.69
N SER B 285 -18.49 36.18 12.69
CA SER B 285 -19.82 35.59 12.56
C SER B 285 -19.85 34.53 11.46
N ASN B 286 -18.75 33.79 11.32
CA ASN B 286 -18.71 32.70 10.36
C ASN B 286 -19.64 31.58 10.79
N ARG B 287 -20.28 30.94 9.81
CA ARG B 287 -21.31 29.96 10.08
C ARG B 287 -20.97 28.61 9.47
N ILE B 288 -21.42 27.55 10.13
CA ILE B 288 -21.17 26.18 9.69
C ILE B 288 -22.51 25.46 9.59
N LEU B 289 -22.95 25.18 8.36
CA LEU B 289 -24.17 24.42 8.10
C LEU B 289 -23.79 22.94 8.10
N LEU B 290 -23.96 22.28 9.24
CA LEU B 290 -23.62 20.87 9.37
C LEU B 290 -24.88 20.04 9.23
N THR B 291 -24.82 18.98 8.44
CA THR B 291 -25.94 18.04 8.31
C THR B 291 -25.52 16.71 8.91
N THR B 292 -26.38 16.13 9.73
CA THR B 292 -26.04 14.93 10.49
C THR B 292 -27.27 14.03 10.58
N ARG B 293 -27.02 12.75 10.80
CA ARG B 293 -28.08 11.76 11.04
C ARG B 293 -28.29 11.48 12.51
N ASP B 294 -27.38 11.90 13.39
CA ASP B 294 -27.46 11.60 14.81
C ASP B 294 -27.26 12.88 15.62
N SER B 295 -28.16 13.12 16.58
CA SER B 295 -28.09 14.32 17.39
C SER B 295 -26.92 14.31 18.35
N LYS B 296 -26.38 13.13 18.68
CA LYS B 296 -25.26 13.06 19.61
C LYS B 296 -24.01 13.72 19.04
N VAL B 297 -23.89 13.78 17.71
CA VAL B 297 -22.75 14.44 17.09
C VAL B 297 -22.75 15.93 17.45
N ALA B 298 -23.92 16.57 17.38
CA ALA B 298 -24.01 17.96 17.76
C ALA B 298 -23.97 18.14 19.27
N LYS B 299 -24.57 17.21 20.02
CA LYS B 299 -24.63 17.34 21.46
C LYS B 299 -23.26 17.24 22.11
N GLN B 300 -22.41 16.33 21.60
CA GLN B 300 -21.10 16.12 22.21
C GLN B 300 -20.18 17.32 22.08
N CYS B 301 -20.42 18.20 21.12
CA CYS B 301 -19.55 19.34 20.90
C CYS B 301 -19.89 20.45 21.88
N LYS B 302 -18.91 20.83 22.70
CA LYS B 302 -19.12 21.93 23.64
C LYS B 302 -19.30 23.26 22.92
N GLN B 303 -18.57 23.47 21.82
CA GLN B 303 -18.66 24.72 21.06
C GLN B 303 -19.96 24.85 20.28
N CYS B 304 -20.75 23.77 20.17
CA CYS B 304 -22.03 23.83 19.48
C CYS B 304 -23.05 24.51 20.38
N ILE B 305 -22.95 25.84 20.45
CA ILE B 305 -23.86 26.61 21.29
C ILE B 305 -25.27 26.56 20.73
N GLY B 306 -25.40 26.59 19.41
CA GLY B 306 -26.72 26.54 18.80
C GLY B 306 -27.42 25.23 19.10
N ILE B 307 -28.73 25.31 19.35
CA ILE B 307 -29.51 24.12 19.67
C ILE B 307 -29.60 23.23 18.44
N PRO B 308 -29.56 21.90 18.59
CA PRO B 308 -29.73 21.03 17.42
C PRO B 308 -31.10 21.19 16.79
N HIS B 309 -31.12 21.70 15.56
CA HIS B 309 -32.36 21.92 14.83
C HIS B 309 -32.81 20.61 14.21
N ASP B 310 -33.94 20.09 14.68
CA ASP B 310 -34.55 18.90 14.09
C ASP B 310 -35.48 19.37 12.99
N LEU B 311 -35.06 19.18 11.74
CA LEU B 311 -35.86 19.64 10.61
C LEU B 311 -37.18 18.86 10.56
N LYS B 312 -38.29 19.57 10.38
CA LYS B 312 -39.63 18.91 10.41
C LYS B 312 -39.96 18.19 9.10
N PHE B 313 -40.80 17.15 9.18
CA PHE B 313 -41.25 16.41 7.96
C PHE B 313 -42.20 17.30 7.15
N LEU B 314 -42.25 17.12 5.82
CA LEU B 314 -43.08 18.02 4.97
C LEU B 314 -44.57 17.88 5.30
N THR B 315 -45.29 19.01 5.33
CA THR B 315 -46.76 19.02 5.63
C THR B 315 -47.57 18.51 4.43
N GLU B 316 -48.81 18.09 4.68
CA GLU B 316 -49.68 17.50 3.61
C GLU B 316 -49.96 18.51 2.49
N ASP B 317 -50.20 19.78 2.82
CA ASP B 317 -50.58 20.73 1.74
C ASP B 317 -49.38 20.76 0.79
N GLU B 318 -48.17 20.77 1.34
CA GLU B 318 -46.96 20.69 0.50
C GLU B 318 -46.96 19.34 -0.22
N SER B 319 -47.34 18.27 0.47
CA SER B 319 -47.29 16.90 -0.12
C SER B 319 -48.03 16.87 -1.46
N TRP B 320 -49.37 16.95 -1.43
CA TRP B 320 -50.13 16.85 -2.68
C TRP B 320 -49.53 17.74 -3.76
N ILE B 321 -49.19 18.98 -3.40
CA ILE B 321 -48.61 19.91 -4.37
C ILE B 321 -47.27 19.38 -4.87
N LEU B 322 -46.45 18.85 -3.96
CA LEU B 322 -45.14 18.34 -4.34
C LEU B 322 -45.28 17.17 -5.31
N LEU B 323 -46.12 16.20 -4.98
CA LEU B 323 -46.25 15.03 -5.85
C LEU B 323 -46.89 15.40 -7.18
N GLU B 324 -47.85 16.34 -7.18
CA GLU B 324 -48.45 16.78 -8.42
C GLU B 324 -47.43 17.47 -9.31
N LYS B 325 -46.61 18.35 -8.73
CA LYS B 325 -45.55 19.01 -9.48
C LYS B 325 -44.56 17.99 -10.03
N LYS B 326 -44.29 16.93 -9.27
CA LYS B 326 -43.30 15.95 -9.72
C LYS B 326 -43.82 15.09 -10.86
N VAL B 327 -45.07 14.60 -10.75
CA VAL B 327 -45.57 13.60 -11.69
C VAL B 327 -46.38 14.22 -12.82
N PHE B 328 -47.28 15.16 -12.52
CA PHE B 328 -48.12 15.76 -13.54
C PHE B 328 -47.52 17.01 -14.16
N HIS B 329 -46.41 17.51 -13.62
CA HIS B 329 -45.77 18.72 -14.11
C HIS B 329 -46.74 19.88 -14.16
N LYS B 330 -47.23 20.21 -15.35
CA LYS B 330 -48.21 21.27 -15.54
C LYS B 330 -49.62 20.75 -15.77
N ASP B 331 -49.83 19.44 -15.69
CA ASP B 331 -51.14 18.85 -15.92
C ASP B 331 -51.92 18.73 -14.62
N LYS B 332 -53.23 18.55 -14.76
CA LYS B 332 -54.13 18.40 -13.62
C LYS B 332 -54.52 16.93 -13.46
N CYS B 333 -54.51 16.46 -12.22
CA CYS B 333 -54.82 15.06 -11.95
C CYS B 333 -56.30 14.78 -12.23
N PRO B 334 -56.61 13.67 -12.91
CA PRO B 334 -58.02 13.34 -13.12
C PRO B 334 -58.69 13.02 -11.80
N PRO B 335 -60.02 13.22 -11.72
CA PRO B 335 -60.71 13.01 -10.43
C PRO B 335 -60.58 11.59 -9.90
N GLU B 336 -60.55 10.58 -10.78
CA GLU B 336 -60.47 9.20 -10.32
C GLU B 336 -59.09 8.83 -9.79
N LEU B 337 -58.09 9.69 -9.99
CA LEU B 337 -56.76 9.49 -9.43
C LEU B 337 -56.42 10.44 -8.30
N GLU B 338 -57.24 11.49 -8.10
CA GLU B 338 -56.93 12.49 -7.08
C GLU B 338 -57.00 11.92 -5.68
N LEU B 339 -58.03 11.12 -5.39
CA LEU B 339 -58.15 10.50 -4.08
C LEU B 339 -57.02 9.52 -3.83
N SER B 340 -56.62 8.77 -4.86
CA SER B 340 -55.47 7.87 -4.72
C SER B 340 -54.20 8.65 -4.44
N GLY B 341 -54.02 9.79 -5.11
CA GLY B 341 -52.86 10.61 -4.84
C GLY B 341 -52.84 11.16 -3.43
N LYS B 342 -53.98 11.62 -2.94
CA LYS B 342 -54.06 12.09 -1.55
C LYS B 342 -53.75 10.98 -0.57
N SER B 343 -54.32 9.79 -0.80
CA SER B 343 -54.05 8.66 0.07
C SER B 343 -52.57 8.29 0.06
N ILE B 344 -51.95 8.30 -1.12
CA ILE B 344 -50.52 8.04 -1.22
C ILE B 344 -49.75 9.07 -0.41
N ALA B 345 -50.01 10.36 -0.63
CA ALA B 345 -49.27 11.42 0.03
C ALA B 345 -49.39 11.30 1.54
N LYS B 346 -50.57 10.94 2.04
CA LYS B 346 -50.71 10.70 3.47
C LYS B 346 -49.96 9.44 3.89
N LYS B 347 -49.81 8.48 2.98
CA LYS B 347 -49.16 7.22 3.33
C LYS B 347 -47.64 7.26 3.20
N CYS B 348 -47.07 8.24 2.48
CA CYS B 348 -45.63 8.36 2.47
C CYS B 348 -45.07 8.94 3.77
N ASN B 349 -45.94 9.41 4.66
CA ASN B 349 -45.52 10.03 5.92
C ASN B 349 -44.56 11.20 5.66
N GLY B 350 -44.85 11.98 4.63
CA GLY B 350 -44.12 13.20 4.37
C GLY B 350 -42.63 13.04 4.14
N LEU B 351 -42.23 12.05 3.35
CA LEU B 351 -40.81 11.79 3.13
C LEU B 351 -40.53 12.03 1.65
N PRO B 352 -39.84 13.12 1.29
CA PRO B 352 -39.78 13.52 -0.14
C PRO B 352 -39.14 12.49 -1.05
N LEU B 353 -38.13 11.75 -0.58
CA LEU B 353 -37.47 10.78 -1.46
C LEU B 353 -38.43 9.68 -1.88
N ALA B 354 -39.24 9.18 -0.94
CA ALA B 354 -40.26 8.20 -1.28
C ALA B 354 -41.25 8.78 -2.27
N ILE B 355 -41.66 10.04 -2.06
CA ILE B 355 -42.63 10.67 -2.94
C ILE B 355 -42.09 10.74 -4.38
N VAL B 356 -40.84 11.19 -4.52
CA VAL B 356 -40.29 11.34 -5.86
C VAL B 356 -40.07 9.98 -6.51
N VAL B 357 -39.69 8.97 -5.73
CA VAL B 357 -39.46 7.66 -6.34
C VAL B 357 -40.79 7.03 -6.79
N ILE B 358 -41.86 7.22 -6.01
CA ILE B 358 -43.13 6.65 -6.47
C ILE B 358 -43.68 7.45 -7.63
N ALA B 359 -43.39 8.76 -7.68
CA ALA B 359 -43.77 9.55 -8.84
C ALA B 359 -43.07 9.06 -10.09
N GLY B 360 -41.78 8.75 -9.99
CA GLY B 360 -41.06 8.18 -11.12
C GLY B 360 -41.61 6.82 -11.52
N ALA B 361 -41.96 5.99 -10.54
CA ALA B 361 -42.56 4.70 -10.84
C ALA B 361 -43.89 4.86 -11.57
N LEU B 362 -44.73 5.80 -11.12
CA LEU B 362 -46.00 6.05 -11.78
C LEU B 362 -45.79 6.55 -13.20
N ILE B 363 -44.80 7.43 -13.40
CA ILE B 363 -44.50 7.93 -14.74
C ILE B 363 -44.07 6.79 -15.65
N GLY B 364 -43.24 5.88 -15.13
CA GLY B 364 -42.67 4.84 -15.97
C GLY B 364 -43.70 3.86 -16.52
N LYS B 365 -44.74 3.55 -15.75
CA LYS B 365 -45.68 2.52 -16.14
C LYS B 365 -46.95 3.07 -16.79
N GLY B 366 -47.50 4.16 -16.29
CA GLY B 366 -48.70 4.73 -16.85
C GLY B 366 -49.56 5.37 -15.77
N LYS B 367 -50.32 6.38 -16.18
CA LYS B 367 -51.17 7.13 -15.25
C LYS B 367 -52.61 6.60 -15.28
N THR B 368 -52.73 5.31 -14.93
CA THR B 368 -54.02 4.64 -14.90
C THR B 368 -54.51 4.53 -13.47
N SER B 369 -55.84 4.51 -13.31
CA SER B 369 -56.45 4.46 -11.98
C SER B 369 -56.12 3.15 -11.28
N ARG B 370 -56.13 2.03 -12.01
CA ARG B 370 -55.85 0.74 -11.40
C ARG B 370 -54.42 0.67 -10.86
N GLU B 371 -53.45 1.15 -11.65
CA GLU B 371 -52.07 1.14 -11.18
C GLU B 371 -51.87 2.09 -10.02
N TRP B 372 -52.56 3.24 -10.04
CA TRP B 372 -52.48 4.17 -8.91
C TRP B 372 -53.04 3.53 -7.65
N LYS B 373 -54.15 2.80 -7.78
CA LYS B 373 -54.69 2.08 -6.62
C LYS B 373 -53.72 1.01 -6.13
N GLN B 374 -53.06 0.32 -7.06
CA GLN B 374 -52.08 -0.69 -6.67
C GLN B 374 -50.92 -0.07 -5.88
N VAL B 375 -50.38 1.05 -6.36
CA VAL B 375 -49.27 1.68 -5.64
C VAL B 375 -49.77 2.28 -4.32
N ASP B 376 -51.02 2.73 -4.29
CA ASP B 376 -51.58 3.27 -3.04
C ASP B 376 -51.69 2.17 -1.98
N GLU B 377 -52.22 1.01 -2.35
CA GLU B 377 -52.30 -0.08 -1.38
C GLU B 377 -50.91 -0.61 -1.03
N SER B 378 -49.97 -0.55 -1.97
CA SER B 378 -48.60 -1.00 -1.66
C SER B 378 -47.96 -0.08 -0.63
N VAL B 379 -48.09 1.23 -0.81
CA VAL B 379 -47.48 2.16 0.17
C VAL B 379 -48.24 2.12 1.48
N GLY B 380 -49.55 1.86 1.45
CA GLY B 380 -50.29 1.66 2.69
C GLY B 380 -49.85 0.43 3.45
N GLU B 381 -49.52 -0.64 2.73
CA GLU B 381 -49.00 -1.85 3.36
C GLU B 381 -47.62 -1.66 3.99
N HIS B 382 -46.93 -0.57 3.65
CA HIS B 382 -45.59 -0.29 4.17
C HIS B 382 -45.66 1.02 4.96
N LEU B 383 -45.99 0.91 6.24
CA LEU B 383 -45.99 2.09 7.10
C LEU B 383 -44.55 2.54 7.34
N ILE B 384 -44.31 3.84 7.21
CA ILE B 384 -42.97 4.40 7.30
C ILE B 384 -42.71 4.73 8.77
N ASN B 385 -41.93 3.87 9.42
CA ASN B 385 -41.53 4.14 10.80
C ASN B 385 -40.47 5.22 10.84
N LYS B 386 -40.55 6.09 11.85
CA LYS B 386 -39.64 7.22 11.95
C LYS B 386 -38.25 6.81 12.44
N ASP B 387 -38.08 5.57 12.90
CA ASP B 387 -36.80 5.11 13.42
C ASP B 387 -36.22 3.94 12.62
N GLN B 388 -36.98 3.36 11.68
CA GLN B 388 -36.52 2.25 10.87
C GLN B 388 -36.59 2.65 9.40
N PRO B 389 -35.46 3.09 8.81
CA PRO B 389 -35.50 3.52 7.41
C PRO B 389 -35.53 2.37 6.41
N GLU B 390 -35.15 1.15 6.83
CA GLU B 390 -35.00 0.05 5.89
C GLU B 390 -36.31 -0.29 5.19
N ASN B 391 -37.44 -0.11 5.88
CA ASN B 391 -38.73 -0.39 5.26
C ASN B 391 -38.97 0.49 4.04
N CYS B 392 -38.43 1.71 4.06
CA CYS B 392 -38.57 2.60 2.90
C CYS B 392 -37.89 2.01 1.68
N ASN B 393 -36.84 1.21 1.88
CA ASN B 393 -36.22 0.51 0.76
C ASN B 393 -37.25 -0.34 0.02
N LYS B 394 -38.20 -0.93 0.76
CA LYS B 394 -39.26 -1.70 0.14
C LYS B 394 -40.03 -0.87 -0.87
N LEU B 395 -40.29 0.41 -0.56
CA LEU B 395 -40.96 1.28 -1.51
C LEU B 395 -40.16 1.41 -2.80
N VAL B 396 -38.83 1.52 -2.68
CA VAL B 396 -38.00 1.56 -3.87
C VAL B 396 -38.17 0.28 -4.69
N GLN B 397 -38.41 -0.85 -4.02
CA GLN B 397 -38.72 -2.08 -4.72
C GLN B 397 -39.95 -1.91 -5.60
N LEU B 398 -41.00 -1.26 -5.08
CA LEU B 398 -42.19 -1.01 -5.86
C LEU B 398 -41.90 -0.18 -7.10
N SER B 399 -40.78 0.54 -7.12
CA SER B 399 -40.35 1.19 -8.35
C SER B 399 -39.49 0.25 -9.18
N TYR B 400 -38.58 -0.47 -8.54
CA TYR B 400 -37.55 -1.22 -9.27
C TYR B 400 -38.17 -2.29 -10.16
N ASP B 401 -39.21 -2.97 -9.67
CA ASP B 401 -39.84 -4.02 -10.46
C ASP B 401 -40.50 -3.50 -11.73
N ARG B 402 -40.71 -2.19 -11.83
CA ARG B 402 -41.41 -1.63 -12.98
C ARG B 402 -40.48 -1.31 -14.15
N LEU B 403 -39.18 -1.58 -14.03
CA LEU B 403 -38.25 -1.21 -15.07
C LEU B 403 -37.99 -2.40 -15.99
N SER B 404 -37.55 -2.10 -17.22
CA SER B 404 -37.23 -3.15 -18.17
C SER B 404 -35.94 -3.87 -17.77
N TYR B 405 -35.79 -5.10 -18.26
CA TYR B 405 -34.75 -5.99 -17.75
C TYR B 405 -33.35 -5.41 -17.96
N ASP B 406 -33.05 -4.95 -19.17
CA ASP B 406 -31.74 -4.34 -19.41
C ASP B 406 -31.60 -3.03 -18.63
N LEU B 407 -32.67 -2.25 -18.58
CA LEU B 407 -32.64 -1.01 -17.82
C LEU B 407 -32.58 -1.29 -16.32
N LYS B 408 -33.28 -2.34 -15.85
CA LYS B 408 -33.08 -2.83 -14.50
C LYS B 408 -31.61 -3.09 -14.23
N ALA B 409 -30.96 -3.84 -15.14
CA ALA B 409 -29.57 -4.23 -14.94
C ALA B 409 -28.65 -3.03 -14.89
N CYS B 410 -28.85 -2.05 -15.78
CA CYS B 410 -27.95 -0.90 -15.78
C CYS B 410 -28.17 -0.06 -14.53
N PHE B 411 -29.41 0.07 -14.07
CA PHE B 411 -29.64 0.77 -12.80
C PHE B 411 -28.95 0.06 -11.64
N LEU B 412 -29.03 -1.28 -11.60
CA LEU B 412 -28.36 -2.00 -10.52
C LEU B 412 -26.85 -1.83 -10.60
N TYR B 413 -26.29 -1.84 -11.81
CA TYR B 413 -24.86 -1.64 -11.95
C TYR B 413 -24.46 -0.22 -11.55
N CYS B 414 -25.36 0.75 -11.70
CA CYS B 414 -25.07 2.11 -11.27
C CYS B 414 -24.74 2.20 -9.78
N GLY B 415 -25.19 1.24 -8.97
CA GLY B 415 -24.94 1.27 -7.55
C GLY B 415 -23.58 0.75 -7.12
N ALA B 416 -22.80 0.19 -8.03
CA ALA B 416 -21.47 -0.32 -7.67
C ALA B 416 -20.51 0.79 -7.29
N PHE B 417 -20.79 2.02 -7.67
CA PHE B 417 -19.89 3.14 -7.39
C PHE B 417 -19.93 3.49 -5.91
N PRO B 418 -18.84 4.08 -5.39
CA PRO B 418 -18.84 4.48 -3.98
C PRO B 418 -19.83 5.60 -3.71
N GLY B 419 -20.31 5.64 -2.47
CA GLY B 419 -21.17 6.74 -2.07
C GLY B 419 -20.43 8.06 -2.08
N GLY B 420 -21.12 9.11 -2.52
CA GLY B 420 -20.52 10.42 -2.65
C GLY B 420 -19.62 10.60 -3.85
N PHE B 421 -19.63 9.67 -4.79
CA PHE B 421 -18.77 9.74 -5.97
C PHE B 421 -19.50 10.45 -7.11
N GLU B 422 -18.90 11.52 -7.61
CA GLU B 422 -19.46 12.29 -8.73
C GLU B 422 -19.11 11.55 -10.01
N ILE B 423 -20.09 10.83 -10.56
CA ILE B 423 -19.87 9.97 -11.73
C ILE B 423 -19.64 10.83 -12.96
N PRO B 424 -18.56 10.61 -13.71
CA PRO B 424 -18.47 11.22 -15.04
C PRO B 424 -19.45 10.56 -16.00
N ALA B 425 -20.28 11.37 -16.64
CA ALA B 425 -21.33 10.84 -17.50
C ALA B 425 -20.75 10.07 -18.67
N TRP B 426 -19.74 10.64 -19.34
CA TRP B 426 -19.17 9.99 -20.50
C TRP B 426 -18.55 8.66 -20.13
N LYS B 427 -17.79 8.61 -19.04
CA LYS B 427 -17.22 7.34 -18.59
C LYS B 427 -18.30 6.29 -18.40
N LEU B 428 -19.44 6.68 -17.82
CA LEU B 428 -20.42 5.71 -17.41
C LEU B 428 -21.20 5.18 -18.62
N ILE B 429 -21.51 6.06 -19.58
CA ILE B 429 -22.11 5.55 -20.82
C ILE B 429 -21.13 4.65 -21.53
N ARG B 430 -19.83 4.95 -21.41
CA ARG B 430 -18.80 4.07 -22.01
C ARG B 430 -18.83 2.72 -21.29
N LEU B 431 -18.98 2.73 -19.97
CA LEU B 431 -18.94 1.46 -19.19
C LEU B 431 -20.12 0.57 -19.63
N TRP B 432 -21.29 1.18 -19.84
CA TRP B 432 -22.47 0.41 -20.29
C TRP B 432 -22.24 -0.10 -21.71
N ILE B 433 -21.86 0.79 -22.63
CA ILE B 433 -21.71 0.42 -24.02
C ILE B 433 -20.68 -0.70 -24.17
N ALA B 434 -19.71 -0.76 -23.25
CA ALA B 434 -18.71 -1.82 -23.29
C ALA B 434 -19.27 -3.14 -22.76
N GLU B 435 -20.14 -3.08 -21.75
CA GLU B 435 -20.66 -4.30 -21.15
C GLU B 435 -21.83 -4.90 -21.91
N GLY B 436 -22.24 -4.30 -23.03
CA GLY B 436 -23.37 -4.82 -23.77
C GLY B 436 -24.71 -4.57 -23.14
N PHE B 437 -24.78 -3.70 -22.13
CA PHE B 437 -26.05 -3.41 -21.47
C PHE B 437 -26.99 -2.64 -22.40
N ILE B 438 -26.43 -1.78 -23.24
CA ILE B 438 -27.22 -0.94 -24.13
C ILE B 438 -27.50 -1.72 -25.42
N GLN B 439 -28.75 -2.11 -25.61
CA GLN B 439 -29.19 -2.80 -26.81
C GLN B 439 -30.32 -1.99 -27.44
N TYR B 440 -30.13 -1.55 -28.68
CA TYR B 440 -31.14 -0.77 -29.38
C TYR B 440 -31.24 -1.24 -30.82
N LYS B 441 -32.41 -1.75 -31.19
CA LYS B 441 -32.69 -2.14 -32.58
C LYS B 441 -33.46 -1.03 -33.28
N GLY B 442 -32.81 0.13 -33.41
CA GLY B 442 -33.45 1.30 -33.99
C GLY B 442 -32.43 2.20 -34.67
N HIS B 443 -32.93 3.33 -35.17
CA HIS B 443 -32.10 4.25 -35.94
C HIS B 443 -31.08 4.97 -35.07
N LEU B 444 -31.41 5.29 -33.82
CA LEU B 444 -30.48 6.00 -32.96
C LEU B 444 -29.27 5.14 -32.64
N SER B 445 -28.14 5.81 -32.42
CA SER B 445 -26.91 5.11 -32.08
C SER B 445 -27.01 4.52 -30.67
N LEU B 446 -26.08 3.61 -30.37
CA LEU B 446 -26.04 3.00 -29.04
C LEU B 446 -25.77 4.05 -27.97
N GLU B 447 -24.91 5.02 -28.27
CA GLU B 447 -24.69 6.12 -27.33
C GLU B 447 -25.96 6.93 -27.13
N CYS B 448 -26.73 7.13 -28.19
CA CYS B 448 -28.01 7.82 -28.07
C CYS B 448 -28.96 7.04 -27.17
N LYS B 449 -28.99 5.71 -27.32
CA LYS B 449 -29.83 4.88 -26.46
C LYS B 449 -29.39 4.98 -25.01
N ALA B 450 -28.07 4.97 -24.76
CA ALA B 450 -27.58 5.09 -23.39
C ALA B 450 -27.95 6.45 -22.80
N GLU B 451 -27.85 7.51 -23.59
CA GLU B 451 -28.27 8.83 -23.12
C GLU B 451 -29.77 8.85 -22.81
N ASP B 452 -30.56 8.16 -23.63
CA ASP B 452 -31.99 8.04 -23.35
C ASP B 452 -32.23 7.32 -22.04
N ASN B 453 -31.46 6.26 -21.78
CA ASN B 453 -31.60 5.54 -20.50
C ASN B 453 -31.24 6.44 -19.32
N LEU B 454 -30.17 7.24 -19.46
CA LEU B 454 -29.82 8.17 -18.39
C LEU B 454 -30.92 9.20 -18.20
N ASN B 455 -31.57 9.61 -19.29
CA ASN B 455 -32.68 10.55 -19.18
C ASN B 455 -33.85 9.93 -18.42
N ASP B 456 -34.17 8.66 -18.71
CA ASP B 456 -35.20 7.99 -17.92
C ASP B 456 -34.79 7.88 -16.45
N LEU B 457 -33.51 7.64 -16.18
CA LEU B 457 -33.06 7.59 -14.80
C LEU B 457 -33.24 8.93 -14.08
N ILE B 458 -32.86 10.03 -14.72
CA ILE B 458 -32.95 11.32 -14.05
C ILE B 458 -34.40 11.76 -13.90
N ASN B 459 -35.23 11.55 -14.92
CA ASN B 459 -36.62 12.01 -14.80
C ASN B 459 -37.42 11.20 -13.80
N ARG B 460 -36.96 9.99 -13.45
CA ARG B 460 -37.56 9.21 -12.39
C ARG B 460 -37.01 9.55 -11.01
N ASN B 461 -36.06 10.47 -10.93
CA ASN B 461 -35.41 10.88 -9.68
C ASN B 461 -34.67 9.74 -9.00
N LEU B 462 -34.36 8.68 -9.73
CA LEU B 462 -33.52 7.62 -9.18
C LEU B 462 -32.06 8.06 -9.09
N VAL B 463 -31.57 8.74 -10.11
CA VAL B 463 -30.20 9.26 -10.15
C VAL B 463 -30.29 10.77 -10.18
N MET B 464 -29.61 11.42 -9.24
CA MET B 464 -29.66 12.87 -9.09
C MET B 464 -28.44 13.50 -9.75
N VAL B 465 -28.69 14.51 -10.59
CA VAL B 465 -27.62 15.20 -11.31
C VAL B 465 -27.23 16.45 -10.54
N MET B 466 -25.92 16.62 -10.32
CA MET B 466 -25.43 17.77 -9.56
C MET B 466 -24.91 18.89 -10.45
N GLN B 467 -24.18 18.56 -11.51
CA GLN B 467 -23.68 19.56 -12.45
C GLN B 467 -24.03 19.13 -13.86
N ARG B 468 -24.58 20.05 -14.64
CA ARG B 468 -24.95 19.81 -16.02
C ARG B 468 -24.00 20.56 -16.95
N THR B 469 -23.95 20.10 -18.20
CA THR B 469 -23.11 20.76 -19.19
C THR B 469 -23.69 22.13 -19.55
N SER B 470 -22.89 22.94 -20.24
CA SER B 470 -23.29 24.29 -20.59
C SER B 470 -24.51 24.29 -21.51
N ASP B 471 -24.65 23.27 -22.36
CA ASP B 471 -25.77 23.18 -23.28
C ASP B 471 -26.96 22.42 -22.70
N GLY B 472 -26.89 22.01 -21.43
CA GLY B 472 -27.99 21.35 -20.76
C GLY B 472 -27.85 19.85 -20.61
N GLN B 473 -26.83 19.25 -21.21
CA GLN B 473 -26.64 17.81 -21.07
C GLN B 473 -26.16 17.48 -19.66
N ILE B 474 -26.25 16.19 -19.32
CA ILE B 474 -25.88 15.71 -17.99
C ILE B 474 -24.37 15.56 -17.93
N LYS B 475 -23.74 16.18 -16.94
CA LYS B 475 -22.30 16.10 -16.73
C LYS B 475 -21.93 15.18 -15.57
N THR B 476 -22.48 15.42 -14.39
CA THR B 476 -22.16 14.63 -13.20
C THR B 476 -23.45 14.19 -12.51
N CYS B 477 -23.57 12.88 -12.29
CA CYS B 477 -24.71 12.28 -11.64
C CYS B 477 -24.24 11.39 -10.48
N ARG B 478 -25.15 11.16 -9.53
CA ARG B 478 -24.83 10.36 -8.36
C ARG B 478 -26.12 9.74 -7.83
N LEU B 479 -25.95 8.87 -6.84
CA LEU B 479 -27.06 8.18 -6.19
C LEU B 479 -27.16 8.59 -4.74
N HIS B 480 -28.39 8.59 -4.22
CA HIS B 480 -28.61 8.92 -2.82
C HIS B 480 -28.05 7.81 -1.93
N ASP B 481 -27.54 8.20 -0.76
CA ASP B 481 -26.89 7.24 0.13
C ASP B 481 -27.88 6.17 0.59
N MET B 482 -29.12 6.57 0.89
CA MET B 482 -30.15 5.58 1.21
C MET B 482 -30.45 4.70 0.01
N LEU B 483 -30.56 5.30 -1.18
CA LEU B 483 -30.73 4.50 -2.39
C LEU B 483 -29.50 3.64 -2.66
N HIS B 484 -28.31 4.15 -2.35
CA HIS B 484 -27.11 3.33 -2.48
C HIS B 484 -27.16 2.11 -1.57
N GLU B 485 -27.63 2.30 -0.33
CA GLU B 485 -27.76 1.18 0.59
C GLU B 485 -28.80 0.17 0.10
N PHE B 486 -29.90 0.68 -0.45
CA PHE B 486 -30.91 -0.23 -1.02
C PHE B 486 -30.33 -1.02 -2.19
N CYS B 487 -29.58 -0.34 -3.07
CA CYS B 487 -28.95 -1.02 -4.19
C CYS B 487 -27.97 -2.07 -3.71
N ARG B 488 -27.20 -1.77 -2.67
CA ARG B 488 -26.33 -2.75 -2.06
C ARG B 488 -27.13 -3.96 -1.59
N GLN B 489 -28.03 -3.75 -0.63
CA GLN B 489 -28.87 -4.80 -0.08
C GLN B 489 -29.42 -5.70 -1.19
N GLU B 490 -29.91 -5.09 -2.27
CA GLU B 490 -30.36 -5.88 -3.42
C GLU B 490 -29.22 -6.65 -4.05
N ALA B 491 -28.04 -6.02 -4.17
CA ALA B 491 -26.93 -6.63 -4.89
C ALA B 491 -26.41 -7.87 -4.19
N MET B 492 -26.12 -7.77 -2.89
CA MET B 492 -25.69 -8.96 -2.17
C MET B 492 -26.84 -9.85 -1.71
N LYS B 493 -27.74 -9.33 -0.85
CA LYS B 493 -28.63 -10.23 -0.14
C LYS B 493 -29.78 -10.77 -0.99
N GLU B 494 -30.03 -10.21 -2.17
CA GLU B 494 -31.21 -10.58 -2.94
C GLU B 494 -30.89 -11.30 -4.24
N GLU B 495 -30.10 -10.70 -5.14
CA GLU B 495 -29.93 -11.23 -6.48
C GLU B 495 -28.48 -11.50 -6.85
N ASN B 496 -27.54 -11.39 -5.91
CA ASN B 496 -26.12 -11.75 -6.03
C ASN B 496 -25.53 -11.43 -7.39
N LEU B 497 -25.92 -10.30 -7.97
CA LEU B 497 -25.41 -9.90 -9.28
C LEU B 497 -23.93 -9.53 -9.18
N PHE B 498 -23.59 -8.69 -8.21
CA PHE B 498 -22.20 -8.29 -7.99
C PHE B 498 -22.00 -8.09 -6.50
N GLN B 499 -20.75 -8.16 -6.08
CA GLN B 499 -20.38 -8.06 -4.67
C GLN B 499 -19.24 -7.08 -4.50
N GLU B 500 -19.20 -6.45 -3.33
CA GLU B 500 -18.14 -5.52 -2.98
C GLU B 500 -17.21 -6.13 -1.95
N ILE B 501 -15.92 -5.87 -2.10
CA ILE B 501 -14.89 -6.41 -1.21
C ILE B 501 -14.38 -5.26 -0.36
N LYS B 502 -14.65 -5.32 0.94
CA LYS B 502 -14.34 -4.24 1.86
C LYS B 502 -13.64 -4.79 3.11
N LEU B 503 -12.85 -3.92 3.74
CA LEU B 503 -12.15 -4.26 4.98
C LEU B 503 -13.15 -4.18 6.12
N GLY B 504 -13.78 -5.31 6.43
CA GLY B 504 -14.74 -5.39 7.51
C GLY B 504 -14.07 -5.56 8.86
N ALA B 505 -14.91 -5.86 9.86
CA ALA B 505 -14.39 -6.07 11.21
C ALA B 505 -13.47 -7.29 11.28
N GLU B 506 -13.69 -8.28 10.41
CA GLU B 506 -12.81 -9.45 10.39
C GLU B 506 -11.41 -9.09 9.91
N GLN B 507 -11.28 -8.00 9.14
CA GLN B 507 -10.01 -7.48 8.64
C GLN B 507 -9.28 -8.47 7.74
N TYR B 508 -9.97 -9.49 7.24
CA TYR B 508 -9.39 -10.46 6.32
C TYR B 508 -10.19 -10.51 5.03
N PHE B 509 -9.48 -10.42 3.91
CA PHE B 509 -10.02 -10.39 2.56
C PHE B 509 -10.42 -11.80 2.10
N PRO B 510 -11.44 -11.90 1.26
CA PRO B 510 -11.91 -13.22 0.83
C PRO B 510 -10.86 -13.98 0.02
N GLY B 511 -10.90 -15.30 0.13
CA GLY B 511 -10.01 -16.18 -0.59
C GLY B 511 -10.56 -16.57 -1.95
N LYS B 512 -9.84 -17.48 -2.60
CA LYS B 512 -10.23 -17.90 -3.95
C LYS B 512 -11.57 -18.61 -3.97
N ARG B 513 -11.86 -19.42 -2.94
CA ARG B 513 -13.06 -20.24 -2.94
C ARG B 513 -14.32 -19.39 -3.07
N GLU B 514 -14.41 -18.31 -2.27
CA GLU B 514 -15.56 -17.43 -2.37
C GLU B 514 -15.47 -16.49 -3.56
N LEU B 515 -14.26 -16.06 -3.93
CA LEU B 515 -14.11 -15.11 -5.02
C LEU B 515 -14.47 -15.71 -6.37
N ALA B 516 -14.24 -17.01 -6.56
CA ALA B 516 -14.53 -17.64 -7.84
C ALA B 516 -16.01 -17.63 -8.18
N THR B 517 -16.87 -17.46 -7.18
CA THR B 517 -18.31 -17.40 -7.42
C THR B 517 -18.78 -16.02 -7.85
N TYR B 518 -17.90 -15.03 -7.85
CA TYR B 518 -18.27 -13.66 -8.22
C TYR B 518 -18.23 -13.49 -9.73
N ARG B 519 -19.05 -12.56 -10.23
CA ARG B 519 -19.05 -12.22 -11.65
C ARG B 519 -18.53 -10.81 -11.92
N ARG B 520 -18.82 -9.84 -11.07
CA ARG B 520 -18.31 -8.50 -11.19
C ARG B 520 -17.78 -8.03 -9.85
N LEU B 521 -16.61 -7.40 -9.86
CA LEU B 521 -15.95 -6.95 -8.64
C LEU B 521 -15.99 -5.43 -8.55
N CYS B 522 -15.82 -4.92 -7.34
CA CYS B 522 -15.74 -3.47 -7.12
C CYS B 522 -14.95 -3.22 -5.85
N ILE B 523 -13.68 -2.85 -6.01
CA ILE B 523 -12.79 -2.57 -4.89
C ILE B 523 -12.57 -1.07 -4.83
N HIS B 524 -12.89 -0.47 -3.69
CA HIS B 524 -12.89 0.98 -3.56
C HIS B 524 -11.80 1.52 -2.65
N SER B 525 -11.43 0.78 -1.61
CA SER B 525 -10.38 1.20 -0.70
C SER B 525 -9.52 -0.01 -0.35
N SER B 526 -8.27 0.27 0.04
CA SER B 526 -7.29 -0.77 0.36
C SER B 526 -7.13 -1.76 -0.79
N VAL B 527 -7.14 -1.24 -2.02
CA VAL B 527 -7.00 -2.09 -3.20
C VAL B 527 -5.61 -2.70 -3.26
N LEU B 528 -4.58 -1.97 -2.81
CA LEU B 528 -3.22 -2.46 -2.94
C LEU B 528 -3.01 -3.74 -2.14
N GLU B 529 -3.57 -3.81 -0.93
CA GLU B 529 -3.47 -5.05 -0.15
C GLU B 529 -4.18 -6.19 -0.85
N PHE B 530 -5.35 -5.92 -1.42
CA PHE B 530 -6.11 -6.97 -2.10
C PHE B 530 -5.34 -7.53 -3.29
N ILE B 531 -4.71 -6.66 -4.09
CA ILE B 531 -3.97 -7.15 -5.23
C ILE B 531 -2.64 -7.77 -4.79
N SER B 532 -2.12 -7.36 -3.63
CA SER B 532 -0.96 -8.04 -3.07
C SER B 532 -1.29 -9.46 -2.65
N THR B 533 -2.52 -9.68 -2.18
CA THR B 533 -2.99 -11.04 -1.90
C THR B 533 -2.96 -11.91 -3.14
N LYS B 534 -3.00 -11.30 -4.33
CA LYS B 534 -2.99 -11.96 -5.63
C LYS B 534 -4.23 -12.83 -5.80
N PRO B 535 -5.42 -12.24 -5.91
CA PRO B 535 -6.62 -13.04 -6.12
C PRO B 535 -6.68 -13.58 -7.54
N SER B 536 -7.50 -14.61 -7.71
CA SER B 536 -7.69 -15.24 -9.02
C SER B 536 -9.15 -15.63 -9.17
N GLY B 537 -9.81 -15.11 -10.20
CA GLY B 537 -11.19 -15.45 -10.47
C GLY B 537 -11.40 -15.95 -11.88
N GLU B 538 -11.77 -17.24 -12.02
CA GLU B 538 -12.01 -17.80 -13.34
C GLU B 538 -13.36 -17.39 -13.92
N HIS B 539 -14.28 -16.92 -13.10
CA HIS B 539 -15.59 -16.48 -13.56
C HIS B 539 -15.80 -14.99 -13.41
N VAL B 540 -14.72 -14.23 -13.22
CA VAL B 540 -14.81 -12.79 -13.09
C VAL B 540 -14.87 -12.16 -14.49
N ARG B 541 -15.87 -11.32 -14.73
CA ARG B 541 -16.04 -10.66 -16.01
C ARG B 541 -15.73 -9.17 -15.97
N SER B 542 -15.58 -8.57 -14.79
CA SER B 542 -15.35 -7.15 -14.70
C SER B 542 -14.48 -6.84 -13.50
N PHE B 543 -13.74 -5.73 -13.61
CA PHE B 543 -12.94 -5.20 -12.50
C PHE B 543 -13.20 -3.70 -12.43
N LEU B 544 -13.75 -3.25 -11.32
CA LEU B 544 -14.23 -1.88 -11.17
C LEU B 544 -13.58 -1.27 -9.93
N SER B 545 -12.95 -0.10 -10.11
CA SER B 545 -12.26 0.54 -9.00
C SER B 545 -12.08 2.03 -9.31
N PHE B 546 -12.76 2.88 -8.54
CA PHE B 546 -12.53 4.32 -8.57
C PHE B 546 -12.16 4.80 -7.18
N SER B 547 -11.19 5.70 -7.12
CA SER B 547 -10.80 6.35 -5.88
C SER B 547 -10.40 7.78 -6.18
N LEU B 548 -10.61 8.66 -5.19
CA LEU B 548 -10.21 10.04 -5.34
C LEU B 548 -8.70 10.23 -5.23
N LYS B 549 -7.98 9.21 -4.75
CA LYS B 549 -6.53 9.24 -4.66
C LYS B 549 -5.93 8.27 -5.66
N LYS B 550 -4.69 8.55 -6.06
CA LYS B 550 -3.99 7.71 -7.02
C LYS B 550 -3.10 6.71 -6.29
N ILE B 551 -3.21 5.45 -6.67
CA ILE B 551 -2.47 4.36 -6.04
C ILE B 551 -1.52 3.75 -7.07
N GLU B 552 -0.24 3.67 -6.72
CA GLU B 552 0.75 3.16 -7.65
C GLU B 552 0.61 1.65 -7.81
N MET B 553 1.13 1.16 -8.94
CA MET B 553 0.99 -0.25 -9.31
C MET B 553 2.30 -0.97 -9.05
N PRO B 554 2.37 -1.85 -8.04
CA PRO B 554 3.60 -2.61 -7.82
C PRO B 554 3.94 -3.47 -9.02
N SER B 555 5.19 -3.36 -9.49
CA SER B 555 5.60 -4.03 -10.71
C SER B 555 5.47 -5.55 -10.59
N VAL B 556 6.01 -6.13 -9.52
CA VAL B 556 5.91 -7.56 -9.31
C VAL B 556 4.47 -8.02 -9.18
N ASP B 557 3.61 -7.14 -8.68
CA ASP B 557 2.18 -7.44 -8.53
C ASP B 557 1.43 -7.18 -9.84
N ILE B 558 2.04 -6.44 -10.78
CA ILE B 558 1.37 -6.16 -12.05
C ILE B 558 0.90 -7.43 -12.76
N PRO B 559 1.72 -8.47 -12.94
CA PRO B 559 1.24 -9.64 -13.69
C PRO B 559 0.14 -10.42 -12.99
N THR B 560 -0.07 -10.21 -11.69
CA THR B 560 -1.07 -10.99 -10.96
C THR B 560 -2.49 -10.72 -11.46
N ILE B 561 -2.80 -9.45 -11.76
CA ILE B 561 -4.16 -9.10 -12.16
C ILE B 561 -4.57 -9.81 -13.46
N PRO B 562 -3.78 -9.79 -14.54
CA PRO B 562 -4.23 -10.50 -15.75
C PRO B 562 -4.25 -12.00 -15.59
N LYS B 563 -3.24 -12.58 -14.92
CA LYS B 563 -3.19 -14.03 -14.77
C LYS B 563 -4.38 -14.55 -13.97
N GLY B 564 -4.76 -13.83 -12.91
CA GLY B 564 -5.88 -14.26 -12.09
C GLY B 564 -7.23 -14.06 -12.74
N PHE B 565 -7.32 -13.19 -13.75
CA PHE B 565 -8.57 -12.87 -14.43
C PHE B 565 -8.37 -12.98 -15.93
N PRO B 566 -8.34 -14.21 -16.47
CA PRO B 566 -8.19 -14.35 -17.93
C PRO B 566 -9.47 -14.02 -18.69
N LEU B 567 -10.64 -14.16 -18.07
CA LEU B 567 -11.91 -13.85 -18.70
C LEU B 567 -12.38 -12.43 -18.43
N LEU B 568 -11.44 -11.51 -18.19
CA LEU B 568 -11.80 -10.13 -17.91
C LEU B 568 -12.30 -9.45 -19.18
N ARG B 569 -13.35 -8.64 -19.03
CA ARG B 569 -13.94 -7.90 -20.14
C ARG B 569 -13.74 -6.40 -20.03
N VAL B 570 -14.08 -5.81 -18.90
CA VAL B 570 -13.85 -4.39 -18.64
C VAL B 570 -12.92 -4.27 -17.44
N PHE B 571 -12.03 -3.27 -17.48
CA PHE B 571 -11.01 -3.12 -16.46
C PHE B 571 -10.65 -1.64 -16.37
N ASP B 572 -11.26 -0.94 -15.42
CA ASP B 572 -11.02 0.49 -15.24
C ASP B 572 -10.30 0.66 -13.91
N VAL B 573 -9.04 1.07 -13.96
CA VAL B 573 -8.24 1.32 -12.76
C VAL B 573 -7.75 2.76 -12.78
N GLU B 574 -8.57 3.67 -13.32
CA GLU B 574 -8.16 5.06 -13.52
C GLU B 574 -7.61 5.71 -12.25
N SER B 575 -7.86 5.12 -11.09
CA SER B 575 -7.24 5.58 -9.85
C SER B 575 -5.93 4.86 -9.55
N ILE B 576 -5.48 3.98 -10.44
CA ILE B 576 -4.25 3.20 -10.25
C ILE B 576 -3.23 3.67 -11.27
N ASN B 577 -2.04 4.02 -10.80
CA ASN B 577 -0.97 4.51 -11.67
C ASN B 577 -0.12 3.32 -12.12
N PHE B 578 -0.37 2.86 -13.35
CA PHE B 578 0.45 1.80 -13.91
C PHE B 578 1.85 2.33 -14.23
N SER B 579 2.87 1.58 -13.83
CA SER B 579 4.24 2.00 -14.10
C SER B 579 4.77 1.47 -15.43
N ARG B 580 4.28 0.32 -15.88
CA ARG B 580 4.74 -0.28 -17.13
C ARG B 580 3.68 -1.26 -17.61
N PHE B 581 3.98 -1.94 -18.71
CA PHE B 581 3.09 -2.93 -19.30
C PHE B 581 3.65 -4.33 -19.07
N SER B 582 2.80 -5.24 -18.62
CA SER B 582 3.20 -6.64 -18.48
C SER B 582 2.75 -7.44 -19.68
N LYS B 583 3.51 -8.50 -19.99
CA LYS B 583 3.22 -9.29 -21.18
C LYS B 583 1.88 -10.00 -21.08
N GLU B 584 1.57 -10.55 -19.90
CA GLU B 584 0.31 -11.27 -19.73
C GLU B 584 -0.89 -10.33 -19.73
N PHE B 585 -0.71 -9.07 -19.38
CA PHE B 585 -1.76 -8.07 -19.58
C PHE B 585 -2.17 -8.07 -21.05
N PHE B 586 -1.22 -8.32 -21.93
CA PHE B 586 -1.47 -8.31 -23.36
C PHE B 586 -2.13 -9.59 -23.84
N GLN B 587 -2.38 -10.55 -22.94
CA GLN B 587 -3.03 -11.80 -23.29
C GLN B 587 -4.55 -11.75 -23.16
N LEU B 588 -5.11 -10.68 -22.62
CA LEU B 588 -6.56 -10.58 -22.42
C LEU B 588 -7.24 -10.30 -23.75
N TYR B 589 -7.66 -11.38 -24.41
CA TYR B 589 -8.36 -11.23 -25.68
C TYR B 589 -9.84 -10.93 -25.50
N HIS B 590 -10.36 -11.09 -24.28
CA HIS B 590 -11.76 -10.80 -23.98
C HIS B 590 -11.99 -9.40 -23.45
N LEU B 591 -10.94 -8.60 -23.33
CA LEU B 591 -11.08 -7.24 -22.81
C LEU B 591 -11.84 -6.37 -23.81
N ARG B 592 -12.66 -5.46 -23.29
CA ARG B 592 -13.39 -4.50 -24.11
C ARG B 592 -13.11 -3.06 -23.71
N TYR B 593 -13.02 -2.76 -22.42
CA TYR B 593 -12.77 -1.41 -21.94
C TYR B 593 -11.57 -1.45 -20.99
N ILE B 594 -10.57 -0.63 -21.28
CA ILE B 594 -9.38 -0.49 -20.44
C ILE B 594 -9.11 0.99 -20.25
N ALA B 595 -8.95 1.41 -19.00
CA ALA B 595 -8.65 2.81 -18.68
C ALA B 595 -7.78 2.85 -17.44
N PHE B 596 -6.67 3.57 -17.54
CA PHE B 596 -5.73 3.65 -16.43
C PHE B 596 -4.89 4.92 -16.56
N SER B 597 -4.19 5.26 -15.48
CA SER B 597 -3.30 6.40 -15.45
C SER B 597 -1.86 5.91 -15.34
N SER B 598 -0.94 6.74 -15.83
CA SER B 598 0.48 6.40 -15.78
C SER B 598 1.30 7.67 -15.74
N ASP B 599 2.49 7.57 -15.15
CA ASP B 599 3.43 8.67 -15.10
C ASP B 599 4.77 8.34 -15.76
N THR B 600 4.91 7.14 -16.32
CA THR B 600 6.14 6.73 -16.96
C THR B 600 5.96 6.11 -18.34
N ILE B 601 4.74 5.69 -18.71
CA ILE B 601 4.52 5.03 -19.99
C ILE B 601 4.61 6.08 -21.10
N LYS B 602 5.60 5.92 -21.98
CA LYS B 602 5.78 6.81 -23.12
C LYS B 602 5.39 6.18 -24.44
N ILE B 603 5.63 4.88 -24.61
CA ILE B 603 5.44 4.19 -25.87
C ILE B 603 4.30 3.19 -25.71
N ILE B 604 3.25 3.36 -26.48
CA ILE B 604 2.21 2.33 -26.56
C ILE B 604 2.71 1.19 -27.42
N PRO B 605 2.77 -0.04 -26.91
CA PRO B 605 3.39 -1.14 -27.64
C PRO B 605 2.51 -1.69 -28.75
N LYS B 606 3.15 -2.40 -29.68
CA LYS B 606 2.47 -2.91 -30.86
C LYS B 606 1.39 -3.92 -30.52
N HIS B 607 1.62 -4.76 -29.51
CA HIS B 607 0.73 -5.89 -29.26
C HIS B 607 -0.68 -5.45 -28.87
N ILE B 608 -0.87 -4.18 -28.54
CA ILE B 608 -2.21 -3.67 -28.26
C ILE B 608 -3.11 -3.87 -29.48
N GLY B 609 -2.54 -3.84 -30.69
CA GLY B 609 -3.32 -4.10 -31.88
C GLY B 609 -3.93 -5.48 -31.94
N GLU B 610 -3.39 -6.43 -31.17
CA GLU B 610 -3.90 -7.80 -31.15
C GLU B 610 -5.11 -7.99 -30.23
N LEU B 611 -5.52 -6.95 -29.51
CA LEU B 611 -6.78 -6.98 -28.76
C LEU B 611 -7.89 -6.62 -29.73
N TRP B 612 -8.53 -7.65 -30.30
CA TRP B 612 -9.55 -7.46 -31.32
C TRP B 612 -10.94 -7.20 -30.76
N ASN B 613 -11.10 -7.23 -29.44
CA ASN B 613 -12.41 -7.04 -28.82
C ASN B 613 -12.50 -5.73 -28.03
N ILE B 614 -11.50 -4.87 -28.11
CA ILE B 614 -11.55 -3.60 -27.40
C ILE B 614 -12.50 -2.64 -28.11
N GLN B 615 -13.37 -2.01 -27.33
CA GLN B 615 -14.30 -1.01 -27.84
C GLN B 615 -13.94 0.40 -27.46
N THR B 616 -13.39 0.61 -26.27
CA THR B 616 -13.01 1.93 -25.79
C THR B 616 -11.66 1.86 -25.10
N LEU B 617 -10.78 2.81 -25.40
CA LEU B 617 -9.46 2.89 -24.80
C LEU B 617 -9.26 4.30 -24.26
N ILE B 618 -9.05 4.42 -22.96
CA ILE B 618 -8.83 5.70 -22.30
C ILE B 618 -7.46 5.66 -21.63
N ILE B 619 -6.63 6.66 -21.93
CA ILE B 619 -5.29 6.76 -21.37
C ILE B 619 -5.14 8.14 -20.76
N ASN B 620 -4.63 8.19 -19.53
CA ASN B 620 -4.33 9.43 -18.84
C ASN B 620 -2.88 9.40 -18.38
N THR B 621 -2.16 10.49 -18.63
CA THR B 621 -0.77 10.57 -18.23
C THR B 621 -0.36 12.03 -18.09
N GLN B 622 0.69 12.26 -17.32
CA GLN B 622 1.25 13.59 -17.13
C GLN B 622 2.41 13.87 -18.07
N GLN B 623 2.76 12.92 -18.94
CA GLN B 623 3.86 13.13 -19.87
C GLN B 623 3.47 14.15 -20.94
N ARG B 624 4.47 14.86 -21.44
CA ARG B 624 4.20 15.91 -22.42
C ARG B 624 3.75 15.31 -23.75
N SER B 625 4.41 14.25 -24.21
CA SER B 625 4.09 13.63 -25.48
C SER B 625 3.88 12.13 -25.29
N LEU B 626 2.87 11.60 -25.97
CA LEU B 626 2.54 10.17 -25.92
C LEU B 626 2.67 9.59 -27.32
N ASP B 627 3.40 8.50 -27.44
CA ASP B 627 3.61 7.82 -28.71
C ASP B 627 2.78 6.55 -28.75
N ILE B 628 1.99 6.39 -29.81
CA ILE B 628 1.19 5.20 -30.02
C ILE B 628 1.79 4.45 -31.21
N GLN B 629 2.27 3.24 -30.95
CA GLN B 629 2.82 2.39 -32.00
C GLN B 629 1.84 1.32 -32.47
N ALA B 630 0.85 0.98 -31.65
CA ALA B 630 -0.11 -0.05 -32.02
C ALA B 630 -0.96 0.40 -33.20
N ASN B 631 -1.31 -0.55 -34.06
CA ASN B 631 -2.13 -0.27 -35.24
C ASN B 631 -3.58 -0.15 -34.79
N ILE B 632 -4.01 1.09 -34.53
CA ILE B 632 -5.41 1.34 -34.18
C ILE B 632 -6.31 1.41 -35.40
N TRP B 633 -5.74 1.49 -36.60
CA TRP B 633 -6.54 1.64 -37.81
C TRP B 633 -7.24 0.35 -38.21
N ASN B 634 -6.60 -0.80 -38.00
CA ASN B 634 -7.24 -2.08 -38.30
C ASN B 634 -8.15 -2.55 -37.18
N MET B 635 -8.19 -1.84 -36.06
CA MET B 635 -9.09 -2.16 -34.95
C MET B 635 -10.48 -1.66 -35.31
N GLU B 636 -11.28 -2.54 -35.91
CA GLU B 636 -12.57 -2.11 -36.46
C GLU B 636 -13.61 -1.85 -35.39
N ARG B 637 -13.60 -2.64 -34.31
CA ARG B 637 -14.58 -2.47 -33.25
C ARG B 637 -14.26 -1.34 -32.29
N LEU B 638 -13.07 -0.73 -32.40
CA LEU B 638 -12.71 0.38 -31.53
C LEU B 638 -13.61 1.58 -31.85
N ARG B 639 -14.12 2.22 -30.81
CA ARG B 639 -15.07 3.31 -30.98
C ARG B 639 -14.61 4.64 -30.42
N HIS B 640 -13.83 4.66 -29.34
CA HIS B 640 -13.48 5.91 -28.68
C HIS B 640 -12.06 5.85 -28.14
N LEU B 641 -11.43 7.03 -28.07
CA LEU B 641 -10.15 7.20 -27.42
C LEU B 641 -10.14 8.53 -26.69
N HIS B 642 -9.48 8.56 -25.54
CA HIS B 642 -9.36 9.78 -24.74
C HIS B 642 -7.98 9.83 -24.11
N THR B 643 -7.24 10.89 -24.42
CA THR B 643 -5.90 11.08 -23.88
C THR B 643 -5.75 12.49 -23.35
N ASN B 644 -4.88 12.64 -22.36
CA ASN B 644 -4.56 13.94 -21.78
C ASN B 644 -3.27 14.52 -22.34
N SER B 645 -2.42 13.69 -22.94
CA SER B 645 -1.15 14.11 -23.48
C SER B 645 -1.21 14.18 -25.00
N SER B 646 -0.18 14.77 -25.60
CA SER B 646 -0.09 14.86 -27.04
C SER B 646 0.12 13.47 -27.64
N ALA B 647 -0.87 12.99 -28.39
CA ALA B 647 -0.86 11.63 -28.92
C ALA B 647 -0.34 11.65 -30.35
N LYS B 648 0.85 11.08 -30.57
CA LYS B 648 1.44 10.97 -31.90
C LYS B 648 0.97 9.67 -32.52
N LEU B 649 -0.13 9.73 -33.28
CA LEU B 649 -0.64 8.55 -33.95
C LEU B 649 0.32 8.12 -35.07
N PRO B 650 0.43 6.83 -35.33
CA PRO B 650 1.26 6.38 -36.45
C PRO B 650 0.65 6.80 -37.78
N VAL B 651 1.54 7.08 -38.74
CA VAL B 651 1.10 7.47 -40.08
C VAL B 651 0.55 6.23 -40.78
N PRO B 652 -0.71 6.24 -41.21
CA PRO B 652 -1.27 5.06 -41.87
C PRO B 652 -0.64 4.86 -43.25
N VAL B 653 -0.57 3.60 -43.66
CA VAL B 653 -0.03 3.22 -44.96
C VAL B 653 -1.17 2.66 -45.81
N THR B 654 -1.22 3.06 -47.06
CA THR B 654 -2.29 2.62 -47.95
C THR B 654 -1.98 1.22 -48.49
N PRO B 655 -2.88 0.24 -48.30
CA PRO B 655 -2.66 -1.13 -48.79
C PRO B 655 -3.00 -1.26 -50.28
N VAL B 660 -10.86 -4.54 -49.59
CA VAL B 660 -11.47 -4.87 -48.30
C VAL B 660 -11.93 -3.59 -47.59
N PRO B 661 -12.99 -3.69 -46.80
CA PRO B 661 -13.50 -2.52 -46.06
C PRO B 661 -12.65 -2.18 -44.83
N LEU B 662 -11.44 -1.68 -45.10
CA LEU B 662 -10.56 -1.27 -44.02
C LEU B 662 -11.04 0.01 -43.33
N VAL B 663 -11.96 0.75 -43.97
CA VAL B 663 -12.47 1.98 -43.38
C VAL B 663 -13.15 1.68 -42.06
N ASN B 664 -12.77 2.42 -41.02
CA ASN B 664 -13.32 2.23 -39.68
C ASN B 664 -14.58 3.08 -39.55
N GLN B 665 -15.72 2.48 -39.85
CA GLN B 665 -17.00 3.17 -39.74
C GLN B 665 -17.51 3.27 -38.32
N SER B 666 -16.95 2.48 -37.39
CA SER B 666 -17.40 2.51 -36.01
C SER B 666 -16.64 3.52 -35.14
N LEU B 667 -15.50 4.02 -35.62
CA LEU B 667 -14.75 5.01 -34.86
C LEU B 667 -15.44 6.35 -34.94
N GLN B 668 -15.83 6.91 -33.80
CA GLN B 668 -16.57 8.16 -33.74
C GLN B 668 -15.79 9.28 -33.09
N THR B 669 -15.29 9.07 -31.87
CA THR B 669 -14.56 10.09 -31.13
C THR B 669 -13.11 9.62 -30.97
N LEU B 670 -12.16 10.54 -31.20
CA LEU B 670 -10.74 10.22 -30.91
C LEU B 670 -10.09 11.45 -30.27
N SER B 671 -9.78 11.37 -28.97
CA SER B 671 -9.35 12.54 -28.16
C SER B 671 -8.23 13.38 -28.76
N THR B 672 -7.60 14.19 -27.91
CA THR B 672 -6.59 15.14 -28.46
C THR B 672 -5.50 14.30 -29.10
N ILE B 673 -5.05 14.72 -30.28
CA ILE B 673 -4.03 13.95 -31.03
C ILE B 673 -2.94 14.92 -31.45
N ALA B 674 -1.70 14.48 -31.46
CA ALA B 674 -0.58 15.42 -31.77
C ALA B 674 -0.84 16.03 -33.15
N PRO B 675 -0.50 17.31 -33.40
CA PRO B 675 -0.84 17.96 -34.67
C PRO B 675 -0.30 17.24 -35.90
N GLU B 676 0.85 16.58 -35.78
CA GLU B 676 1.48 15.97 -36.94
C GLU B 676 0.70 14.78 -37.49
N SER B 677 -0.23 14.24 -36.71
CA SER B 677 -1.01 13.08 -37.14
C SER B 677 -2.33 13.45 -37.78
N CYS B 678 -2.62 14.74 -37.94
CA CYS B 678 -3.87 15.18 -38.55
C CYS B 678 -3.69 15.27 -40.07
N THR B 679 -3.42 14.11 -40.67
CA THR B 679 -3.10 14.01 -42.08
C THR B 679 -4.33 13.62 -42.90
N GLU B 680 -4.16 13.63 -44.22
CA GLU B 680 -5.24 13.27 -45.13
C GLU B 680 -5.64 11.80 -44.95
N GLU B 681 -4.64 10.92 -44.81
CA GLU B 681 -4.93 9.50 -44.71
C GLU B 681 -5.67 9.17 -43.42
N VAL B 682 -5.33 9.87 -42.33
CA VAL B 682 -5.97 9.59 -41.05
C VAL B 682 -7.46 9.87 -41.12
N PHE B 683 -7.83 11.03 -41.65
CA PHE B 683 -9.25 11.38 -41.77
C PHE B 683 -9.94 10.63 -42.90
N ALA B 684 -9.19 10.12 -43.89
CA ALA B 684 -9.80 9.34 -44.95
C ALA B 684 -10.29 7.98 -44.48
N ARG B 685 -9.70 7.46 -43.40
CA ARG B 685 -10.07 6.14 -42.91
C ARG B 685 -11.25 6.16 -41.95
N THR B 686 -11.66 7.32 -41.47
CA THR B 686 -12.77 7.45 -40.52
C THR B 686 -13.73 8.56 -40.97
N PRO B 687 -14.48 8.32 -42.05
CA PRO B 687 -15.45 9.34 -42.49
C PRO B 687 -16.58 9.57 -41.52
N ASN B 688 -16.84 8.64 -40.59
CA ASN B 688 -17.93 8.76 -39.64
C ASN B 688 -17.50 9.44 -38.34
N LEU B 689 -16.28 9.96 -38.28
CA LEU B 689 -15.80 10.65 -37.09
C LEU B 689 -16.70 11.84 -36.76
N LYS B 690 -16.96 12.04 -35.47
CA LYS B 690 -17.80 13.13 -35.01
C LYS B 690 -17.10 14.08 -34.06
N LYS B 691 -16.28 13.56 -33.14
CA LYS B 691 -15.54 14.39 -32.20
C LYS B 691 -14.05 14.23 -32.44
N LEU B 692 -13.37 15.35 -32.67
CA LEU B 692 -11.93 15.37 -32.93
C LEU B 692 -11.27 16.24 -31.88
N GLY B 693 -10.06 15.85 -31.48
CA GLY B 693 -9.28 16.66 -30.55
C GLY B 693 -7.82 16.62 -30.94
N ILE B 694 -7.20 17.80 -30.94
CA ILE B 694 -5.80 17.94 -31.31
C ILE B 694 -5.06 18.62 -30.18
N ARG B 695 -3.91 18.06 -29.79
CA ARG B 695 -3.14 18.55 -28.66
C ARG B 695 -1.67 18.63 -29.07
N GLY B 696 -1.08 19.82 -28.94
CA GLY B 696 0.30 20.01 -29.30
C GLY B 696 0.58 21.36 -29.94
N LYS B 697 1.51 21.40 -30.88
CA LYS B 697 1.89 22.64 -31.55
C LYS B 697 0.91 22.91 -32.68
N ILE B 698 -0.11 23.71 -32.39
CA ILE B 698 -1.14 24.01 -33.39
C ILE B 698 -0.59 24.79 -34.57
N ALA B 699 0.58 25.40 -34.42
CA ALA B 699 1.22 26.04 -35.56
C ALA B 699 1.56 25.03 -36.65
N VAL B 700 1.82 23.78 -36.26
CA VAL B 700 2.02 22.71 -37.24
C VAL B 700 0.73 22.45 -38.00
N LEU B 701 -0.42 22.61 -37.36
CA LEU B 701 -1.69 22.44 -38.05
C LEU B 701 -2.00 23.62 -38.97
N LEU B 702 -1.76 24.84 -38.49
CA LEU B 702 -2.39 26.02 -39.05
C LEU B 702 -1.36 27.02 -39.57
N GLU B 703 -0.40 26.54 -40.35
CA GLU B 703 0.44 27.45 -41.12
C GLU B 703 -0.26 27.79 -42.44
N PRO B 704 -0.24 29.07 -42.85
CA PRO B 704 -1.06 29.46 -44.01
C PRO B 704 -0.71 28.72 -45.29
N ASN B 705 0.57 28.43 -45.52
CA ASN B 705 0.98 27.79 -46.76
C ASN B 705 0.61 26.30 -46.79
N LYS B 706 0.84 25.59 -45.69
CA LYS B 706 0.69 24.14 -45.66
C LYS B 706 -0.19 23.71 -44.49
N SER B 707 -1.32 24.38 -44.32
CA SER B 707 -2.27 23.98 -43.27
C SER B 707 -2.90 22.65 -43.64
N LEU B 708 -3.04 21.77 -42.65
CA LEU B 708 -3.63 20.46 -42.87
C LEU B 708 -5.16 20.45 -42.72
N LEU B 709 -5.75 21.59 -42.34
CA LEU B 709 -7.19 21.63 -42.11
C LEU B 709 -7.99 21.40 -43.39
N LYS B 710 -7.37 21.53 -44.57
CA LYS B 710 -8.03 21.09 -45.80
C LYS B 710 -8.53 19.66 -45.66
N ASN B 711 -7.73 18.79 -45.03
CA ASN B 711 -8.18 17.42 -44.78
C ASN B 711 -9.44 17.39 -43.93
N VAL B 712 -9.48 18.25 -42.90
CA VAL B 712 -10.66 18.35 -42.05
C VAL B 712 -11.88 18.74 -42.87
N LYS B 713 -11.67 19.37 -44.03
CA LYS B 713 -12.78 19.71 -44.90
C LYS B 713 -13.51 18.46 -45.39
N LYS B 714 -12.77 17.40 -45.72
CA LYS B 714 -13.39 16.20 -46.26
C LYS B 714 -14.11 15.36 -45.21
N LEU B 715 -13.91 15.65 -43.92
CA LEU B 715 -14.60 14.93 -42.86
C LEU B 715 -16.00 15.52 -42.74
N GLU B 716 -16.96 14.89 -43.42
CA GLU B 716 -18.32 15.43 -43.51
C GLU B 716 -19.11 15.24 -42.23
N SER B 717 -18.77 14.25 -41.40
CA SER B 717 -19.55 13.92 -40.21
C SER B 717 -19.03 14.61 -38.95
N LEU B 718 -18.01 15.46 -39.07
CA LEU B 718 -17.43 16.10 -37.91
C LEU B 718 -18.39 17.13 -37.32
N GLU B 719 -18.52 17.10 -35.99
CA GLU B 719 -19.31 18.09 -35.26
C GLU B 719 -18.61 18.67 -34.04
N ASN B 720 -17.62 17.96 -33.48
CA ASN B 720 -16.91 18.41 -32.28
C ASN B 720 -15.42 18.44 -32.60
N LEU B 721 -14.80 19.60 -32.44
CA LEU B 721 -13.36 19.75 -32.64
C LEU B 721 -12.75 20.40 -31.40
N LYS B 722 -11.62 19.86 -30.96
CA LYS B 722 -10.88 20.40 -29.84
C LYS B 722 -9.42 20.59 -30.25
N LEU B 723 -8.88 21.76 -29.97
CA LEU B 723 -7.48 22.06 -30.27
C LEU B 723 -6.80 22.60 -29.02
N ILE B 724 -5.62 22.06 -28.72
CA ILE B 724 -4.83 22.47 -27.56
C ILE B 724 -3.45 22.89 -28.07
N ASN B 725 -3.03 24.09 -27.70
CA ASN B 725 -1.74 24.62 -28.14
C ASN B 725 -0.68 24.34 -27.08
N ASP B 726 0.29 23.48 -27.41
CA ASP B 726 1.40 23.18 -26.53
C ASP B 726 2.74 23.61 -27.14
N SER B 727 2.70 24.53 -28.09
CA SER B 727 3.94 25.01 -28.70
C SER B 727 4.80 25.75 -27.68
N SER B 728 6.11 25.71 -27.91
CA SER B 728 7.03 26.42 -27.01
C SER B 728 6.75 27.92 -27.01
N GLN B 729 6.50 28.49 -28.19
CA GLN B 729 6.09 29.88 -28.32
C GLN B 729 4.67 29.92 -28.85
N THR B 730 3.80 30.63 -28.14
CA THR B 730 2.40 30.79 -28.53
C THR B 730 2.08 32.25 -28.83
N GLY B 731 3.03 32.97 -29.43
CA GLY B 731 2.86 34.39 -29.69
C GLY B 731 1.89 34.70 -30.80
N LYS B 732 1.73 35.98 -31.12
CA LYS B 732 0.80 36.41 -32.15
C LYS B 732 1.30 35.98 -33.53
N GLY B 733 0.42 36.11 -34.52
CA GLY B 733 0.72 35.71 -35.88
C GLY B 733 -0.13 34.58 -36.41
N LEU B 734 -1.03 34.01 -35.61
CA LEU B 734 -1.88 32.92 -36.06
C LEU B 734 -3.16 33.49 -36.66
N ARG B 735 -3.61 32.87 -37.75
CA ARG B 735 -4.80 33.33 -38.47
C ARG B 735 -5.58 32.14 -39.01
N LEU B 736 -6.88 32.35 -39.21
CA LEU B 736 -7.78 31.30 -39.68
C LEU B 736 -7.75 31.20 -41.20
N PRO B 737 -8.00 30.02 -41.75
CA PRO B 737 -8.18 29.88 -43.20
C PRO B 737 -9.52 30.40 -43.63
N PRO B 738 -9.83 30.42 -44.93
CA PRO B 738 -11.17 30.82 -45.37
C PRO B 738 -12.25 29.96 -44.74
N SER B 739 -13.40 30.59 -44.47
CA SER B 739 -14.42 29.96 -43.64
C SER B 739 -15.00 28.70 -44.27
N TYR B 740 -15.04 28.63 -45.61
CA TYR B 740 -15.62 27.46 -46.26
C TYR B 740 -14.78 26.20 -46.10
N ILE B 741 -13.56 26.32 -45.57
CA ILE B 741 -12.75 25.13 -45.30
C ILE B 741 -13.39 24.23 -44.26
N PHE B 742 -14.20 24.78 -43.36
CA PHE B 742 -14.75 24.01 -42.25
C PHE B 742 -15.88 23.11 -42.72
N PRO B 743 -16.12 22.00 -42.01
CA PRO B 743 -17.29 21.16 -42.33
C PRO B 743 -18.57 21.96 -42.21
N THR B 744 -19.50 21.68 -43.12
CA THR B 744 -20.74 22.46 -43.21
C THR B 744 -21.70 22.18 -42.07
N LYS B 745 -21.47 21.15 -41.26
CA LYS B 745 -22.40 20.78 -40.20
C LYS B 745 -21.73 20.68 -38.84
N LEU B 746 -20.59 21.34 -38.65
CA LEU B 746 -19.94 21.33 -37.34
C LEU B 746 -20.79 22.10 -36.33
N ARG B 747 -20.74 21.67 -35.08
CA ARG B 747 -21.53 22.28 -34.02
C ARG B 747 -20.69 22.87 -32.90
N LYS B 748 -19.68 22.15 -32.42
CA LYS B 748 -18.89 22.55 -31.27
C LYS B 748 -17.43 22.66 -31.68
N LEU B 749 -16.84 23.83 -31.46
CA LEU B 749 -15.41 24.04 -31.61
C LEU B 749 -14.89 24.77 -30.38
N SER B 750 -13.67 24.40 -29.96
CA SER B 750 -13.06 25.00 -28.78
C SER B 750 -11.62 25.39 -29.12
N LEU B 751 -11.27 26.63 -28.86
CA LEU B 751 -9.95 27.18 -29.18
C LEU B 751 -9.23 27.52 -27.89
N VAL B 752 -8.01 26.99 -27.73
CA VAL B 752 -7.22 27.20 -26.54
C VAL B 752 -5.82 27.65 -26.93
N ASP B 753 -5.34 28.73 -26.31
CA ASP B 753 -3.97 29.23 -26.48
C ASP B 753 -3.64 29.50 -27.94
N THR B 754 -4.65 29.89 -28.72
CA THR B 754 -4.46 30.16 -30.14
C THR B 754 -3.75 31.48 -30.39
N TRP B 755 -4.09 32.50 -29.58
CA TRP B 755 -3.57 33.86 -29.76
C TRP B 755 -3.94 34.40 -31.14
N LEU B 756 -5.24 34.49 -31.39
CA LEU B 756 -5.78 34.98 -32.65
C LEU B 756 -6.32 36.39 -32.50
N GLU B 757 -6.41 37.10 -33.63
CA GLU B 757 -7.01 38.42 -33.65
C GLU B 757 -8.53 38.29 -33.57
N TRP B 758 -9.18 39.32 -33.01
CA TRP B 758 -10.62 39.31 -32.87
C TRP B 758 -11.32 39.13 -34.20
N ASN B 759 -10.90 39.89 -35.22
CA ASN B 759 -11.53 39.88 -36.53
C ASN B 759 -11.74 38.47 -37.08
N ASP B 760 -10.96 37.50 -36.60
CA ASP B 760 -11.06 36.13 -37.10
C ASP B 760 -12.45 35.54 -36.91
N MET B 761 -13.26 36.05 -35.97
CA MET B 761 -14.59 35.47 -35.80
C MET B 761 -15.44 35.69 -37.04
N SER B 762 -15.04 36.60 -37.93
CA SER B 762 -15.73 36.73 -39.21
C SER B 762 -15.80 35.39 -39.92
N ILE B 763 -14.70 34.63 -39.89
CA ILE B 763 -14.73 33.26 -40.39
C ILE B 763 -15.78 32.45 -39.62
N LEU B 764 -15.71 32.49 -38.29
CA LEU B 764 -16.74 31.88 -37.46
C LEU B 764 -18.11 32.49 -37.70
N GLY B 765 -18.15 33.73 -38.21
CA GLY B 765 -19.43 34.34 -38.54
C GLY B 765 -20.09 33.74 -39.76
N GLN B 766 -19.33 33.05 -40.60
CA GLN B 766 -19.93 32.44 -41.78
C GLN B 766 -20.72 31.19 -41.44
N MET B 767 -20.30 30.44 -40.41
CA MET B 767 -20.96 29.18 -40.06
C MET B 767 -22.33 29.51 -39.47
N GLU B 768 -23.39 29.09 -40.15
CA GLU B 768 -24.75 29.44 -39.75
C GLU B 768 -25.33 28.50 -38.69
N HIS B 769 -24.68 27.36 -38.41
CA HIS B 769 -25.22 26.38 -37.47
C HIS B 769 -24.39 26.26 -36.20
N LEU B 770 -23.40 27.13 -36.00
CA LEU B 770 -22.64 27.12 -34.76
C LEU B 770 -23.55 27.54 -33.61
N GLU B 771 -23.57 26.75 -32.54
CA GLU B 771 -24.45 27.02 -31.40
C GLU B 771 -23.72 27.09 -30.07
N VAL B 772 -22.66 26.31 -29.88
CA VAL B 772 -21.88 26.33 -28.65
C VAL B 772 -20.42 26.53 -29.01
N LEU B 773 -19.79 27.54 -28.42
CA LEU B 773 -18.39 27.85 -28.64
C LEU B 773 -17.73 28.15 -27.29
N LYS B 774 -16.57 27.56 -27.05
CA LYS B 774 -15.83 27.74 -25.81
C LYS B 774 -14.43 28.23 -26.11
N LEU B 775 -14.02 29.30 -25.42
CA LEU B 775 -12.66 29.82 -25.50
C LEU B 775 -12.01 29.66 -24.13
N LYS B 776 -10.91 28.93 -24.08
CA LYS B 776 -10.23 28.62 -22.83
C LYS B 776 -8.77 28.98 -22.93
N GLU B 777 -8.23 29.57 -21.86
CA GLU B 777 -6.80 29.80 -21.70
C GLU B 777 -6.23 30.60 -22.88
N ASN B 778 -6.69 31.84 -22.98
CA ASN B 778 -6.20 32.80 -23.98
C ASN B 778 -6.55 32.34 -25.41
N GLY B 779 -7.81 31.97 -25.61
CA GLY B 779 -8.26 31.64 -26.95
C GLY B 779 -8.32 32.85 -27.86
N PHE B 780 -8.92 33.94 -27.37
CA PHE B 780 -9.07 35.18 -28.12
C PHE B 780 -8.60 36.35 -27.28
N MET B 781 -8.00 37.34 -27.94
CA MET B 781 -7.58 38.56 -27.28
C MET B 781 -7.55 39.71 -28.29
N GLY B 782 -7.15 40.88 -27.81
CA GLY B 782 -7.20 42.09 -28.59
C GLY B 782 -7.93 43.20 -27.84
N GLU B 783 -7.37 44.41 -27.86
CA GLU B 783 -7.96 45.49 -27.08
C GLU B 783 -9.36 45.84 -27.57
N CYS B 784 -9.56 45.90 -28.89
CA CYS B 784 -10.84 46.25 -29.49
C CYS B 784 -11.46 45.00 -30.11
N TRP B 785 -12.69 44.69 -29.71
CA TRP B 785 -13.45 43.58 -30.26
C TRP B 785 -14.72 44.14 -30.90
N GLU B 786 -14.80 44.05 -32.22
CA GLU B 786 -15.94 44.54 -32.97
C GLU B 786 -16.69 43.36 -33.56
N SER B 787 -17.99 43.28 -33.30
CA SER B 787 -18.80 42.16 -33.77
C SER B 787 -19.06 42.30 -35.26
N VAL B 788 -18.56 41.35 -36.04
CA VAL B 788 -18.72 41.34 -37.49
C VAL B 788 -19.38 40.05 -37.90
N GLY B 789 -20.39 40.15 -38.76
CA GLY B 789 -21.13 39.00 -39.21
C GLY B 789 -22.26 38.63 -38.25
N GLY B 790 -23.05 37.65 -38.68
CA GLY B 790 -24.19 37.22 -37.88
C GLY B 790 -24.17 35.74 -37.53
N PHE B 791 -24.07 35.44 -36.25
CA PHE B 791 -24.14 34.07 -35.76
C PHE B 791 -25.62 33.68 -35.68
N CYS B 792 -26.12 33.12 -36.78
CA CYS B 792 -27.56 32.91 -36.94
C CYS B 792 -28.13 31.89 -35.96
N SER B 793 -27.29 31.02 -35.39
CA SER B 793 -27.81 29.97 -34.51
C SER B 793 -26.95 29.79 -33.26
N LEU B 794 -26.19 30.82 -32.88
CA LEU B 794 -25.34 30.72 -31.70
C LEU B 794 -26.20 30.72 -30.45
N LEU B 795 -25.95 29.77 -29.55
CA LEU B 795 -26.66 29.65 -28.29
C LEU B 795 -25.77 29.92 -27.09
N VAL B 796 -24.60 29.29 -27.04
CA VAL B 796 -23.70 29.39 -25.89
C VAL B 796 -22.33 29.82 -26.38
N LEU B 797 -21.78 30.87 -25.76
CA LEU B 797 -20.39 31.26 -25.96
C LEU B 797 -19.70 31.31 -24.60
N TRP B 798 -18.47 30.82 -24.55
CA TRP B 798 -17.76 30.59 -23.29
C TRP B 798 -16.33 31.10 -23.45
N ILE B 799 -16.00 32.17 -22.72
CA ILE B 799 -14.68 32.79 -22.79
C ILE B 799 -14.09 32.83 -21.38
N GLU B 800 -12.82 32.43 -21.26
CA GLU B 800 -12.16 32.32 -19.97
C GLU B 800 -10.75 32.92 -20.06
N ARG B 801 -10.47 33.86 -19.17
CA ARG B 801 -9.13 34.43 -18.97
C ARG B 801 -8.59 35.04 -20.26
N THR B 802 -9.27 36.11 -20.68
CA THR B 802 -8.81 36.92 -21.80
C THR B 802 -8.58 38.35 -21.33
N ASP B 803 -7.61 39.02 -21.95
CA ASP B 803 -7.30 40.41 -21.65
C ASP B 803 -8.07 41.38 -22.53
N LEU B 804 -9.25 40.98 -22.99
CA LEU B 804 -10.09 41.86 -23.80
C LEU B 804 -10.40 43.14 -23.05
N VAL B 805 -10.37 44.27 -23.78
CA VAL B 805 -10.63 45.58 -23.20
C VAL B 805 -12.02 46.10 -23.60
N SER B 806 -12.26 46.29 -24.90
CA SER B 806 -13.50 46.88 -25.38
C SER B 806 -14.17 45.93 -26.35
N TRP B 807 -15.48 45.74 -26.18
CA TRP B 807 -16.28 44.90 -27.07
C TRP B 807 -17.53 45.67 -27.49
N LYS B 808 -17.80 45.67 -28.79
CA LYS B 808 -19.01 46.25 -29.35
C LYS B 808 -19.82 45.14 -30.02
N ALA B 809 -21.12 45.10 -29.71
CA ALA B 809 -21.98 44.04 -30.23
C ALA B 809 -23.39 44.58 -30.41
N SER B 810 -24.15 43.90 -31.26
CA SER B 810 -25.54 44.26 -31.53
C SER B 810 -26.40 43.00 -31.51
N ALA B 811 -27.72 43.21 -31.49
CA ALA B 811 -28.64 42.08 -31.46
C ALA B 811 -28.57 41.25 -32.75
N ASP B 812 -28.32 41.90 -33.89
CA ASP B 812 -28.25 41.18 -35.15
C ASP B 812 -27.05 40.23 -35.19
N HIS B 813 -25.94 40.60 -34.54
CA HIS B 813 -24.76 39.74 -34.55
C HIS B 813 -25.05 38.41 -33.86
N PHE B 814 -25.75 38.43 -32.73
CA PHE B 814 -26.05 37.24 -31.95
C PHE B 814 -27.54 37.22 -31.64
N PRO B 815 -28.38 36.89 -32.63
CA PRO B 815 -29.83 36.98 -32.43
C PRO B 815 -30.41 35.91 -31.52
N ARG B 816 -29.68 34.83 -31.21
CA ARG B 816 -30.27 33.70 -30.50
C ARG B 816 -29.41 33.21 -29.34
N LEU B 817 -28.55 34.06 -28.78
CA LEU B 817 -27.70 33.62 -27.68
C LEU B 817 -28.54 33.31 -26.44
N LYS B 818 -28.15 32.26 -25.73
CA LYS B 818 -28.83 31.84 -24.52
C LYS B 818 -27.94 31.84 -23.29
N HIS B 819 -26.71 31.34 -23.40
CA HIS B 819 -25.77 31.25 -22.29
C HIS B 819 -24.52 32.04 -22.64
N LEU B 820 -24.11 32.92 -21.73
CA LEU B 820 -22.96 33.79 -21.94
C LEU B 820 -22.09 33.80 -20.70
N VAL B 821 -20.79 33.56 -20.87
CA VAL B 821 -19.86 33.38 -19.77
C VAL B 821 -18.59 34.15 -20.04
N LEU B 822 -18.15 34.95 -19.06
CA LEU B 822 -16.83 35.57 -19.06
C LEU B 822 -16.14 35.22 -17.76
N ILE B 823 -14.89 34.75 -17.85
CA ILE B 823 -14.12 34.36 -16.68
C ILE B 823 -12.74 35.00 -16.76
N CYS B 824 -12.30 35.59 -15.65
CA CYS B 824 -10.95 36.14 -15.52
C CYS B 824 -10.67 37.19 -16.58
N CYS B 825 -11.66 38.04 -16.85
CA CYS B 825 -11.49 39.18 -17.76
C CYS B 825 -11.04 40.38 -16.92
N ASP B 826 -9.72 40.49 -16.75
CA ASP B 826 -9.14 41.50 -15.88
C ASP B 826 -9.06 42.87 -16.52
N LYS B 827 -9.39 43.00 -17.80
CA LYS B 827 -9.23 44.27 -18.50
C LYS B 827 -10.46 44.73 -19.28
N LEU B 828 -11.60 44.03 -19.13
CA LEU B 828 -12.79 44.41 -19.88
C LEU B 828 -13.29 45.78 -19.43
N LYS B 829 -13.58 46.65 -20.39
CA LYS B 829 -14.05 48.00 -20.06
C LYS B 829 -15.56 48.01 -19.87
N GLU B 830 -16.31 47.47 -20.82
CA GLU B 830 -17.76 47.49 -20.73
C GLU B 830 -18.35 46.33 -21.54
N ILE B 831 -19.52 45.88 -21.10
CA ILE B 831 -20.29 44.88 -21.82
C ILE B 831 -21.31 45.61 -22.68
N PRO B 832 -21.50 45.24 -23.94
CA PRO B 832 -22.45 45.96 -24.80
C PRO B 832 -23.84 45.99 -24.19
N ILE B 833 -24.43 47.20 -24.16
CA ILE B 833 -25.75 47.39 -23.57
C ILE B 833 -26.82 46.70 -24.41
N GLY B 834 -26.67 46.74 -25.74
CA GLY B 834 -27.66 46.17 -26.63
C GLY B 834 -27.88 44.68 -26.44
N LEU B 835 -26.93 43.98 -25.82
CA LEU B 835 -27.13 42.57 -25.51
C LEU B 835 -28.32 42.37 -24.59
N ALA B 836 -28.61 43.34 -23.72
CA ALA B 836 -29.79 43.26 -22.86
C ALA B 836 -31.08 43.37 -23.67
N ASP B 837 -31.02 43.88 -24.90
CA ASP B 837 -32.20 43.98 -25.74
C ASP B 837 -32.57 42.65 -26.39
N ILE B 838 -31.72 41.64 -26.28
CA ILE B 838 -31.99 40.35 -26.89
C ILE B 838 -32.88 39.53 -25.96
N ARG B 839 -34.01 39.05 -26.49
CA ARG B 839 -34.96 38.31 -25.68
C ARG B 839 -34.36 37.00 -25.17
N SER B 840 -33.60 36.30 -26.02
CA SER B 840 -33.07 34.98 -25.67
C SER B 840 -31.95 35.06 -24.64
N PHE B 841 -31.44 36.24 -24.34
CA PHE B 841 -30.36 36.39 -23.36
C PHE B 841 -30.92 36.09 -21.98
N GLN B 842 -30.47 34.99 -21.37
CA GLN B 842 -31.05 34.51 -20.11
C GLN B 842 -30.04 34.45 -18.98
N VAL B 843 -28.87 33.85 -19.18
CA VAL B 843 -27.92 33.56 -18.11
C VAL B 843 -26.64 34.33 -18.38
N MET B 844 -26.07 34.91 -17.33
CA MET B 844 -24.90 35.78 -17.43
C MET B 844 -24.09 35.66 -16.15
N GLU B 845 -22.76 35.69 -16.28
CA GLU B 845 -21.87 35.41 -15.16
C GLU B 845 -20.59 36.23 -15.32
N LEU B 846 -19.98 36.58 -14.19
CA LEU B 846 -18.70 37.28 -14.16
C LEU B 846 -17.76 36.56 -13.21
N GLN B 847 -16.46 36.62 -13.52
CA GLN B 847 -15.42 36.11 -12.63
C GLN B 847 -14.14 36.91 -12.86
N ASN B 848 -13.58 37.46 -11.78
CA ASN B 848 -12.37 38.27 -11.84
C ASN B 848 -12.48 39.40 -12.87
N SER B 849 -13.65 40.03 -12.87
CA SER B 849 -13.94 41.10 -13.82
C SER B 849 -13.60 42.46 -13.22
N THR B 850 -13.55 43.47 -14.07
CA THR B 850 -13.28 44.83 -13.63
C THR B 850 -14.53 45.44 -13.00
N LYS B 851 -14.31 46.50 -12.22
CA LYS B 851 -15.43 47.21 -11.60
C LYS B 851 -16.31 47.87 -12.65
N THR B 852 -15.70 48.37 -13.72
CA THR B 852 -16.49 48.91 -14.84
C THR B 852 -17.33 47.81 -15.47
N ALA B 853 -16.76 46.62 -15.64
CA ALA B 853 -17.54 45.49 -16.12
C ALA B 853 -18.67 45.16 -15.14
N ALA B 854 -18.41 45.29 -13.84
CA ALA B 854 -19.42 44.99 -12.83
C ALA B 854 -20.60 45.95 -12.92
N ILE B 855 -20.31 47.25 -13.05
CA ILE B 855 -21.41 48.22 -13.13
C ILE B 855 -22.14 48.09 -14.46
N SER B 856 -21.42 47.80 -15.55
CA SER B 856 -22.10 47.54 -16.82
C SER B 856 -23.01 46.32 -16.71
N ALA B 857 -22.55 45.28 -16.02
CA ALA B 857 -23.37 44.09 -15.81
C ALA B 857 -24.61 44.42 -14.99
N ARG B 858 -24.46 45.22 -13.94
CA ARG B 858 -25.61 45.60 -13.12
C ARG B 858 -26.61 46.41 -13.94
N GLY B 859 -26.13 47.33 -14.76
CA GLY B 859 -27.02 48.09 -15.62
C GLY B 859 -27.74 47.20 -16.63
N ILE B 860 -27.03 46.23 -17.20
CA ILE B 860 -27.65 45.29 -18.13
C ILE B 860 -28.74 44.48 -17.41
N ARG B 861 -28.46 44.04 -16.18
CA ARG B 861 -29.44 43.30 -15.42
C ARG B 861 -30.67 44.14 -15.14
N ASP B 862 -30.47 45.40 -14.76
CA ASP B 862 -31.60 46.29 -14.49
C ASP B 862 -32.43 46.51 -15.75
N LYS B 863 -31.75 46.73 -16.88
CA LYS B 863 -32.47 46.96 -18.13
C LYS B 863 -33.27 45.73 -18.54
N LYS B 864 -32.67 44.55 -18.41
CA LYS B 864 -33.38 43.32 -18.79
C LYS B 864 -34.53 43.02 -17.84
N ASP B 865 -34.37 43.32 -16.55
CA ASP B 865 -35.49 43.15 -15.62
C ASP B 865 -36.62 44.11 -15.94
N LYS B 866 -36.29 45.36 -16.30
CA LYS B 866 -37.32 46.29 -16.71
C LYS B 866 -38.01 45.84 -17.98
N GLN B 867 -37.26 45.25 -18.92
CA GLN B 867 -37.87 44.66 -20.11
C GLN B 867 -38.80 43.51 -19.74
N THR B 868 -38.39 42.70 -18.76
CA THR B 868 -39.26 41.63 -18.26
C THR B 868 -40.55 42.20 -17.70
N GLN B 869 -40.45 43.32 -16.97
CA GLN B 869 -41.65 44.03 -16.55
C GLN B 869 -42.44 44.59 -17.73
N GLU B 870 -41.78 44.83 -18.85
CA GLU B 870 -42.47 45.31 -20.06
C GLU B 870 -43.12 44.18 -20.84
N GLY B 871 -42.33 43.20 -21.28
CA GLY B 871 -42.81 42.13 -22.12
C GLY B 871 -43.09 40.86 -21.34
N THR B 872 -43.46 39.81 -22.08
CA THR B 872 -43.78 38.51 -21.50
C THR B 872 -42.53 37.65 -21.39
N ASN B 873 -41.54 38.17 -20.65
CA ASN B 873 -40.29 37.45 -20.42
C ASN B 873 -40.48 36.52 -19.23
N ASN B 874 -41.00 35.32 -19.53
CA ASN B 874 -41.28 34.35 -18.48
C ASN B 874 -40.01 33.93 -17.74
N ASN B 875 -38.93 33.69 -18.48
CA ASN B 875 -37.67 33.27 -17.88
C ASN B 875 -36.96 34.51 -17.35
N GLY B 876 -36.93 34.66 -16.03
CA GLY B 876 -36.27 35.81 -15.44
C GLY B 876 -34.77 35.80 -15.69
N PHE B 877 -34.19 37.00 -15.79
CA PHE B 877 -32.77 37.11 -16.06
C PHE B 877 -31.96 36.58 -14.87
N LYS B 878 -30.83 35.96 -15.19
CA LYS B 878 -29.93 35.39 -14.18
C LYS B 878 -28.61 36.15 -14.24
N LEU B 879 -28.27 36.83 -13.16
CA LEU B 879 -26.97 37.47 -13.01
C LEU B 879 -26.28 36.92 -11.76
N SER B 880 -24.96 36.73 -11.88
CA SER B 880 -24.15 36.16 -10.80
C SER B 880 -23.27 37.26 -10.23
N ILE B 881 -23.50 37.60 -8.96
CA ILE B 881 -22.59 38.49 -8.24
C ILE B 881 -21.46 37.64 -7.69
N PHE B 882 -20.41 37.46 -8.50
CA PHE B 882 -19.36 36.51 -8.16
C PHE B 882 -17.99 37.07 -8.51
N PRO B 883 -17.15 37.39 -7.53
CA PRO B 883 -17.42 37.32 -6.08
C PRO B 883 -18.17 38.54 -5.58
N PRO B 884 -19.00 38.37 -4.54
CA PRO B 884 -19.70 39.52 -3.94
C PRO B 884 -18.84 40.34 -2.99
N ASP B 885 -17.54 40.05 -2.90
CA ASP B 885 -16.65 40.75 -1.99
C ASP B 885 -16.43 42.20 -2.43
#